data_5SXR
#
_entry.id   5SXR
#
_cell.length_a   100.580
_cell.length_b   114.920
_cell.length_c   174.480
_cell.angle_alpha   90.000
_cell.angle_beta   90.000
_cell.angle_gamma   90.000
#
_symmetry.space_group_name_H-M   'P 21 21 21'
#
loop_
_entity.id
_entity.type
_entity.pdbx_description
1 polymer Catalase-peroxidase
2 non-polymer 'PROTOPORPHYRIN IX CONTAINING FE'
3 non-polymer 'SODIUM ION'
4 non-polymer 'CHLORIDE ION'
5 non-polymer 'OXYGEN MOLECULE'
6 non-polymer (4S)-2-METHYL-2,4-PENTANEDIOL
7 non-polymer (4R)-2-METHYLPENTANE-2,4-DIOL
8 non-polymer "ADENOSINE-5'-DIPHOSPHATE"
9 water water
#
_entity_poly.entity_id   1
_entity_poly.type   'polypeptide(L)'
_entity_poly.pdbx_seq_one_letter_code
;MSNEAKCPFHQAAGNGTSNRDWWPNQLDLSILHRHSSLSDPMGKDFNYAQAFEKLDLAAVKRDLHALMTTSQDWWPADFG
HYGGLFIRMA(TOX)HSAGTYRTADGRGGAGEGQQRFAPLNSWPDNANLDKARRLLWPIKQKYGRAISWADLLILTGNVA
LESMGFKTFGFAGGRADTWEPEDVYWGSEKIWLELSGGPNSRYSGDRQLENPLAAVQMGLIYVNPEGPDGNPDPVAAARD
IRDTFARMAMNDEETVALIAGGHTFGKTHGAGPASNVGAEPEAAGIEAQGLGWKSAYRTGKGADAITSGLEVTWTTTPTQ
WSHNFFENLFGYEWELTKSPAGAHQWVAKGADAVIPDAFDPSKKHRPTMLTTDLSLRFDPAYEKISRRFHENPEQFADAF
ARAWFKLTHRDMGPRARYLGPEVPAEVLLWQDPIPAVDHPLIDAADAAELKAKVLASGLTVSQLVSTAWAAASTFRGSDK
RGGANGARIRLAPQKDWEANQPEQLAAVLETLEAIRTAFNGAQRGGKQVSLADLIVLAGCAGVEQAAKNAGHAVTVPFAP
GRADASQEQTDVESMAVLEPVADGFRNYLKGKYRVPAEVLLVDKAQLLTLSAPEMTVLLGGLRVLGANVGQSRHGVFTAR
EQALTNDFFVNLLDMGTEWKPTAADADVFEGRDRATGELKWTGTRVDLVFGSHSQLRALAEVYGSADAQEKFVRDFVAVW
NKVMNLDRFDLA
;
_entity_poly.pdbx_strand_id   A,B
#
# COMPACT_ATOMS: atom_id res chain seq x y z
N GLY A 16 -7.75 14.84 -5.46
CA GLY A 16 -6.31 14.69 -5.98
C GLY A 16 -6.24 13.56 -7.02
N THR A 17 -5.68 13.80 -8.19
CA THR A 17 -5.67 12.81 -9.28
C THR A 17 -4.55 11.85 -8.99
N SER A 18 -4.79 10.53 -9.18
CA SER A 18 -3.82 9.52 -8.78
C SER A 18 -3.39 8.75 -10.04
N ASN A 19 -2.34 7.94 -9.88
CA ASN A 19 -1.92 7.08 -11.02
C ASN A 19 -3.08 6.19 -11.58
N ARG A 20 -3.87 5.65 -10.64
CA ARG A 20 -5.03 4.78 -11.01
C ARG A 20 -6.04 5.56 -11.87
N ASP A 21 -6.18 6.89 -11.63
CA ASP A 21 -7.03 7.69 -12.42
C ASP A 21 -6.48 7.83 -13.86
N TRP A 22 -5.13 8.16 -13.97
CA TRP A 22 -4.56 8.40 -15.27
C TRP A 22 -4.46 7.11 -16.10
N TRP A 23 -4.17 6.00 -15.46
CA TRP A 23 -3.81 4.73 -16.11
C TRP A 23 -4.63 3.65 -15.42
N PRO A 24 -5.95 3.67 -15.68
CA PRO A 24 -6.80 2.77 -14.89
C PRO A 24 -6.59 1.30 -15.22
N ASN A 25 -5.95 0.99 -16.29
CA ASN A 25 -5.73 -0.43 -16.58
C ASN A 25 -4.33 -0.90 -16.30
N GLN A 26 -3.41 -0.06 -15.75
CA GLN A 26 -1.99 -0.46 -15.50
C GLN A 26 -2.18 -1.47 -14.33
N LEU A 27 -1.19 -2.33 -14.17
CA LEU A 27 -1.23 -3.44 -13.23
C LEU A 27 -1.01 -2.84 -11.84
N ASP A 28 -1.73 -3.32 -10.85
CA ASP A 28 -1.55 -2.87 -9.47
C ASP A 28 -0.79 -3.79 -8.50
N LEU A 29 0.45 -3.40 -8.18
CA LEU A 29 1.31 -4.18 -7.41
C LEU A 29 1.08 -4.02 -5.89
N SER A 30 0.30 -2.97 -5.50
CA SER A 30 0.04 -2.69 -4.05
CA SER A 30 0.01 -2.70 -4.06
C SER A 30 -0.57 -3.91 -3.37
N ILE A 31 -1.32 -4.73 -4.13
CA ILE A 31 -1.89 -5.93 -3.57
C ILE A 31 -0.84 -6.89 -3.00
N LEU A 32 0.36 -6.84 -3.50
CA LEU A 32 1.44 -7.69 -3.01
C LEU A 32 2.16 -7.20 -1.75
N HIS A 33 1.83 -5.95 -1.37
CA HIS A 33 2.58 -5.25 -0.31
C HIS A 33 1.67 -4.81 0.82
N ARG A 34 0.49 -5.43 0.88
CA ARG A 34 -0.36 -5.35 2.06
C ARG A 34 0.25 -6.11 3.22
N HIS A 35 -0.22 -5.84 4.42
CA HIS A 35 0.13 -6.68 5.55
C HIS A 35 1.60 -6.51 5.88
N SER A 36 2.18 -5.29 5.61
CA SER A 36 3.53 -5.04 6.04
C SER A 36 3.56 -4.80 7.52
N SER A 37 4.77 -4.87 8.04
CA SER A 37 5.02 -4.73 9.44
C SER A 37 4.66 -3.26 9.76
N LEU A 38 4.63 -2.36 8.77
CA LEU A 38 4.36 -0.95 9.08
C LEU A 38 2.91 -0.78 9.59
N SER A 39 1.96 -1.50 9.03
CA SER A 39 0.57 -1.29 9.30
C SER A 39 0.10 -2.10 10.57
N ASP A 40 0.95 -2.94 11.11
CA ASP A 40 0.59 -3.88 12.19
C ASP A 40 0.96 -3.27 13.49
N PRO A 41 0.04 -3.03 14.41
CA PRO A 41 0.36 -2.46 15.69
C PRO A 41 1.03 -3.40 16.65
N MET A 42 1.08 -4.69 16.35
CA MET A 42 1.63 -5.63 17.33
C MET A 42 3.14 -5.68 17.10
N GLY A 43 3.83 -6.09 18.07
CA GLY A 43 5.35 -6.11 17.80
C GLY A 43 5.76 -7.12 16.70
N LYS A 44 7.00 -7.06 16.15
CA LYS A 44 7.34 -7.99 15.09
C LYS A 44 7.42 -9.44 15.70
N ASP A 45 7.56 -9.52 16.99
CA ASP A 45 7.65 -10.82 17.62
C ASP A 45 6.30 -11.43 18.05
N PHE A 46 5.23 -10.69 17.83
CA PHE A 46 3.94 -11.15 18.38
C PHE A 46 3.52 -12.45 17.67
N ASN A 47 3.16 -13.33 18.53
CA ASN A 47 2.68 -14.67 18.03
C ASN A 47 1.25 -14.90 18.62
N TYR A 48 0.28 -14.74 17.70
CA TYR A 48 -1.15 -14.85 18.19
C TYR A 48 -1.44 -16.24 18.76
N ALA A 49 -0.91 -17.30 18.13
CA ALA A 49 -1.17 -18.61 18.74
C ALA A 49 -0.72 -18.79 20.18
N GLN A 50 0.44 -18.27 20.48
CA GLN A 50 0.92 -18.30 21.82
C GLN A 50 0.03 -17.52 22.82
N ALA A 51 -0.52 -16.39 22.36
CA ALA A 51 -1.46 -15.61 23.20
C ALA A 51 -2.72 -16.31 23.40
N PHE A 52 -3.27 -16.89 22.32
CA PHE A 52 -4.53 -17.61 22.38
C PHE A 52 -4.41 -18.80 23.34
N GLU A 53 -3.30 -19.51 23.21
CA GLU A 53 -3.17 -20.79 23.94
C GLU A 53 -3.21 -20.53 25.42
N LYS A 54 -2.94 -19.34 25.91
CA LYS A 54 -3.08 -19.05 27.29
C LYS A 54 -4.44 -18.33 27.64
N LEU A 55 -5.29 -18.02 26.68
CA LEU A 55 -6.63 -17.45 26.90
C LEU A 55 -7.39 -18.43 27.79
N ASP A 56 -8.15 -17.89 28.75
CA ASP A 56 -9.11 -18.70 29.47
C ASP A 56 -10.44 -18.73 28.64
N LEU A 57 -10.50 -19.65 27.70
CA LEU A 57 -11.55 -19.68 26.77
C LEU A 57 -12.90 -19.85 27.49
N ALA A 58 -12.89 -20.65 28.55
CA ALA A 58 -14.16 -20.88 29.27
C ALA A 58 -14.67 -19.56 29.87
N ALA A 59 -13.78 -18.73 30.33
CA ALA A 59 -14.16 -17.43 30.86
C ALA A 59 -14.74 -16.47 29.80
N VAL A 60 -14.12 -16.52 28.63
CA VAL A 60 -14.62 -15.75 27.47
C VAL A 60 -16.07 -16.20 27.19
N LYS A 61 -16.24 -17.54 27.12
CA LYS A 61 -17.57 -18.06 26.81
C LYS A 61 -18.64 -17.68 27.88
N ARG A 62 -18.27 -17.63 29.14
CA ARG A 62 -19.19 -17.23 30.18
C ARG A 62 -19.59 -15.79 29.98
N ASP A 63 -18.65 -14.91 29.66
CA ASP A 63 -18.97 -13.54 29.40
C ASP A 63 -19.88 -13.36 28.21
N LEU A 64 -19.61 -14.15 27.15
CA LEU A 64 -20.48 -14.11 25.98
C LEU A 64 -21.90 -14.58 26.28
N HIS A 65 -22.03 -15.62 27.09
CA HIS A 65 -23.32 -16.20 27.48
C HIS A 65 -24.10 -15.11 28.23
N ALA A 66 -23.45 -14.41 29.15
CA ALA A 66 -24.09 -13.30 29.84
C ALA A 66 -24.57 -12.15 28.92
N LEU A 67 -23.73 -11.84 27.92
CA LEU A 67 -24.04 -10.83 26.98
C LEU A 67 -25.32 -11.11 26.18
N MET A 68 -25.59 -12.36 25.88
CA MET A 68 -26.71 -12.72 25.07
C MET A 68 -28.07 -12.16 25.57
N THR A 69 -28.15 -12.00 26.88
CA THR A 69 -29.39 -11.49 27.47
C THR A 69 -29.20 -10.23 28.19
N THR A 70 -28.19 -9.47 27.88
CA THR A 70 -27.96 -8.14 28.48
C THR A 70 -28.16 -7.07 27.44
N SER A 71 -29.39 -6.64 27.25
CA SER A 71 -29.75 -5.71 26.21
C SER A 71 -29.13 -4.28 26.46
N GLN A 72 -28.64 -3.67 25.41
CA GLN A 72 -28.19 -2.28 25.44
C GLN A 72 -29.27 -1.43 24.81
N ASP A 73 -29.58 -0.27 25.42
CA ASP A 73 -30.69 0.54 24.84
C ASP A 73 -30.45 1.17 23.51
N TRP A 74 -29.17 1.30 23.07
CA TRP A 74 -28.83 1.82 21.77
C TRP A 74 -29.10 0.81 20.63
N TRP A 75 -29.30 -0.48 20.99
CA TRP A 75 -29.71 -1.47 20.02
C TRP A 75 -30.37 -2.62 20.78
N PRO A 76 -31.65 -2.39 21.21
CA PRO A 76 -32.26 -3.36 22.06
C PRO A 76 -32.39 -4.75 21.49
N ALA A 77 -32.20 -5.72 22.33
CA ALA A 77 -32.24 -7.13 21.95
C ALA A 77 -33.62 -7.67 21.62
N ASP A 78 -33.80 -8.13 20.43
CA ASP A 78 -35.08 -8.77 20.03
C ASP A 78 -35.36 -9.92 20.98
N PHE A 79 -36.62 -10.06 21.56
CA PHE A 79 -36.94 -11.15 22.48
C PHE A 79 -36.12 -11.16 23.75
N GLY A 80 -35.39 -10.10 24.02
CA GLY A 80 -34.41 -10.07 25.14
C GLY A 80 -33.14 -10.90 24.91
N HIS A 81 -32.89 -11.32 23.64
CA HIS A 81 -31.78 -12.22 23.35
C HIS A 81 -31.12 -11.84 22.01
N TYR A 82 -29.83 -11.55 22.10
CA TYR A 82 -28.98 -11.18 20.92
C TYR A 82 -28.50 -12.41 20.11
N GLY A 83 -28.97 -13.59 20.41
CA GLY A 83 -28.40 -14.83 19.81
C GLY A 83 -28.60 -14.84 18.30
N GLY A 84 -29.82 -14.58 17.80
CA GLY A 84 -30.11 -14.56 16.36
C GLY A 84 -29.15 -13.55 15.66
N LEU A 85 -29.03 -12.36 16.22
CA LEU A 85 -28.19 -11.35 15.61
C LEU A 85 -26.76 -11.87 15.46
N PHE A 86 -26.23 -12.43 16.55
CA PHE A 86 -24.85 -12.97 16.52
C PHE A 86 -24.63 -14.16 15.61
N ILE A 87 -25.66 -15.02 15.49
CA ILE A 87 -25.56 -16.11 14.52
C ILE A 87 -25.49 -15.56 13.11
N ARG A 88 -26.34 -14.60 12.78
CA ARG A 88 -26.27 -13.93 11.44
C ARG A 88 -24.86 -13.28 11.28
N MET A 89 -24.39 -12.62 12.31
CA MET A 89 -23.05 -11.98 12.26
C MET A 89 -21.95 -12.99 11.85
N ALA A 90 -21.95 -14.14 12.51
CA ALA A 90 -20.90 -15.15 12.30
C ALA A 90 -21.14 -15.77 10.94
N HIS A 92 -22.46 -14.26 8.28
CA HIS A 92 -21.93 -13.35 7.26
C HIS A 92 -20.38 -13.26 7.29
N SER A 93 -19.78 -13.34 8.46
CA SER A 93 -18.31 -13.34 8.49
C SER A 93 -17.75 -14.46 7.65
N ALA A 94 -18.25 -15.69 7.80
CA ALA A 94 -17.84 -16.80 7.03
C ALA A 94 -18.34 -16.85 5.60
N GLY A 95 -19.51 -16.20 5.38
CA GLY A 95 -20.32 -16.33 4.16
C GLY A 95 -19.74 -15.68 2.92
N THR A 96 -18.65 -14.91 3.03
CA THR A 96 -18.06 -14.24 1.89
C THR A 96 -17.14 -15.22 1.11
N TYR A 97 -16.85 -16.36 1.65
CA TYR A 97 -15.91 -17.33 1.09
C TYR A 97 -16.24 -17.74 -0.32
N ARG A 98 -15.24 -17.86 -1.18
CA ARG A 98 -15.45 -18.38 -2.49
C ARG A 98 -14.41 -19.49 -2.70
N THR A 99 -14.83 -20.66 -3.18
CA THR A 99 -13.87 -21.74 -3.43
CA THR A 99 -13.88 -21.76 -3.39
C THR A 99 -12.94 -21.49 -4.58
N ALA A 100 -13.38 -20.65 -5.53
CA ALA A 100 -12.65 -20.44 -6.79
C ALA A 100 -11.21 -19.92 -6.45
N ASP A 101 -11.11 -19.00 -5.53
CA ASP A 101 -9.84 -18.44 -5.16
C ASP A 101 -9.47 -18.56 -3.69
N GLY A 102 -10.43 -19.09 -2.89
CA GLY A 102 -10.24 -19.13 -1.39
C GLY A 102 -10.38 -17.79 -0.69
N ARG A 103 -10.67 -16.76 -1.43
CA ARG A 103 -10.76 -15.46 -0.81
C ARG A 103 -12.11 -15.33 -0.08
N GLY A 104 -12.20 -14.31 0.74
CA GLY A 104 -13.32 -14.19 1.60
C GLY A 104 -13.26 -15.22 2.78
N GLY A 105 -14.34 -15.38 3.55
CA GLY A 105 -14.37 -16.19 4.71
C GLY A 105 -14.08 -15.42 6.01
N ALA A 106 -14.18 -16.15 7.12
CA ALA A 106 -14.10 -15.53 8.42
C ALA A 106 -12.69 -15.45 9.00
N GLY A 107 -11.71 -16.03 8.28
CA GLY A 107 -10.44 -16.27 8.82
C GLY A 107 -9.55 -15.12 9.09
N GLU A 108 -9.85 -13.95 8.54
CA GLU A 108 -9.04 -12.76 8.80
C GLU A 108 -9.79 -11.65 9.49
N GLY A 109 -11.06 -11.93 9.88
CA GLY A 109 -11.87 -10.90 10.51
C GLY A 109 -12.17 -9.66 9.68
N GLN A 110 -12.20 -9.86 8.40
CA GLN A 110 -12.34 -8.75 7.41
C GLN A 110 -13.70 -8.04 7.46
N GLN A 111 -14.71 -8.59 8.13
CA GLN A 111 -16.03 -7.91 8.31
C GLN A 111 -15.89 -6.55 8.96
N ARG A 112 -14.84 -6.35 9.74
CA ARG A 112 -14.69 -5.07 10.39
C ARG A 112 -14.03 -4.00 9.55
N PHE A 113 -13.65 -4.31 8.35
CA PHE A 113 -12.97 -3.34 7.44
C PHE A 113 -13.85 -3.08 6.23
N ALA A 114 -13.52 -2.04 5.45
CA ALA A 114 -14.15 -1.88 4.12
C ALA A 114 -13.72 -2.89 3.17
N PRO A 115 -14.55 -3.30 2.19
CA PRO A 115 -15.91 -2.85 1.97
C PRO A 115 -16.93 -3.62 2.82
N LEU A 116 -16.52 -4.78 3.40
CA LEU A 116 -17.52 -5.67 3.97
C LEU A 116 -18.26 -5.08 5.12
N ASN A 117 -17.64 -4.19 5.90
CA ASN A 117 -18.31 -3.58 6.98
C ASN A 117 -19.49 -2.72 6.55
N SER A 118 -19.57 -2.43 5.23
CA SER A 118 -20.64 -1.53 4.71
C SER A 118 -21.41 -2.11 3.61
N TRP A 119 -21.28 -3.41 3.38
CA TRP A 119 -22.14 -4.05 2.41
C TRP A 119 -23.56 -3.95 2.92
N PRO A 120 -24.55 -3.76 1.99
CA PRO A 120 -25.92 -3.75 2.45
C PRO A 120 -26.35 -5.06 3.16
N ASP A 121 -25.85 -6.22 2.74
CA ASP A 121 -26.20 -7.44 3.48
C ASP A 121 -25.63 -7.49 4.91
N ASN A 122 -24.63 -6.62 5.22
CA ASN A 122 -24.09 -6.53 6.57
C ASN A 122 -24.64 -5.44 7.34
N ALA A 123 -25.80 -4.89 6.92
CA ALA A 123 -26.41 -3.85 7.70
C ALA A 123 -26.74 -4.28 9.09
N ASN A 124 -26.47 -3.38 10.04
CA ASN A 124 -26.62 -3.56 11.46
C ASN A 124 -25.77 -4.60 12.13
N LEU A 125 -24.88 -5.26 11.36
CA LEU A 125 -23.81 -6.06 12.02
C LEU A 125 -22.79 -5.20 12.64
N ASP A 126 -22.73 -3.91 12.24
CA ASP A 126 -21.95 -3.00 12.94
C ASP A 126 -22.38 -2.91 14.41
N LYS A 127 -23.68 -3.00 14.64
CA LYS A 127 -24.19 -3.01 15.99
C LYS A 127 -23.72 -4.26 16.77
N ALA A 128 -23.85 -5.39 16.14
CA ALA A 128 -23.44 -6.67 16.70
C ALA A 128 -21.95 -6.65 17.10
N ARG A 129 -21.08 -6.11 16.22
CA ARG A 129 -19.62 -6.01 16.59
C ARG A 129 -19.41 -5.08 17.71
N ARG A 130 -20.16 -3.95 17.73
CA ARG A 130 -19.98 -2.99 18.85
C ARG A 130 -20.36 -3.54 20.21
N LEU A 131 -21.36 -4.41 20.23
CA LEU A 131 -21.76 -5.12 21.44
C LEU A 131 -20.69 -5.97 22.04
N LEU A 132 -19.82 -6.42 21.15
CA LEU A 132 -18.66 -7.28 21.57
C LEU A 132 -17.40 -6.51 21.99
N TRP A 133 -17.38 -5.18 21.85
CA TRP A 133 -16.18 -4.47 22.28
C TRP A 133 -15.84 -4.65 23.72
N PRO A 134 -16.78 -4.62 24.65
CA PRO A 134 -16.34 -4.80 26.05
C PRO A 134 -15.60 -6.14 26.29
N ILE A 135 -16.06 -7.23 25.68
CA ILE A 135 -15.35 -8.50 25.83
C ILE A 135 -14.00 -8.48 25.12
N LYS A 136 -13.95 -7.91 23.89
CA LYS A 136 -12.67 -7.78 23.17
C LYS A 136 -11.70 -6.98 23.99
N GLN A 137 -12.17 -5.90 24.59
CA GLN A 137 -11.34 -5.00 25.37
C GLN A 137 -10.80 -5.75 26.61
N LYS A 138 -11.64 -6.56 27.24
CA LYS A 138 -11.23 -7.23 28.48
C LYS A 138 -10.09 -8.26 28.22
N TYR A 139 -10.22 -9.01 27.12
CA TYR A 139 -9.28 -10.05 26.80
C TYR A 139 -8.14 -9.66 25.94
N GLY A 140 -8.24 -8.53 25.25
CA GLY A 140 -7.18 -7.94 24.52
C GLY A 140 -6.58 -8.85 23.41
N ARG A 141 -5.28 -8.94 23.33
CA ARG A 141 -4.63 -9.64 22.24
C ARG A 141 -4.77 -11.14 22.30
N ALA A 142 -5.25 -11.65 23.40
CA ALA A 142 -5.41 -13.13 23.53
C ALA A 142 -6.56 -13.66 22.77
N ILE A 143 -7.52 -12.80 22.35
CA ILE A 143 -8.56 -13.30 21.42
C ILE A 143 -8.68 -12.31 20.27
N SER A 144 -8.53 -12.78 19.05
CA SER A 144 -8.62 -11.96 17.88
C SER A 144 -10.12 -11.58 17.62
N TRP A 145 -10.36 -10.47 16.94
CA TRP A 145 -11.70 -10.24 16.44
C TRP A 145 -12.12 -11.41 15.58
N ALA A 146 -11.24 -11.88 14.71
CA ALA A 146 -11.64 -12.95 13.78
C ALA A 146 -12.15 -14.19 14.56
N ASP A 147 -11.41 -14.57 15.62
CA ASP A 147 -11.91 -15.73 16.41
C ASP A 147 -13.14 -15.37 17.19
N LEU A 148 -13.23 -14.16 17.73
CA LEU A 148 -14.35 -13.75 18.55
C LEU A 148 -15.61 -13.75 17.76
N LEU A 149 -15.63 -13.35 16.49
CA LEU A 149 -16.88 -13.32 15.76
C LEU A 149 -17.47 -14.74 15.70
N ILE A 150 -16.59 -15.69 15.39
CA ILE A 150 -17.04 -17.08 15.29
C ILE A 150 -17.44 -17.64 16.65
N LEU A 151 -16.62 -17.41 17.63
CA LEU A 151 -16.89 -17.92 18.98
C LEU A 151 -18.26 -17.42 19.48
N THR A 152 -18.53 -16.16 19.19
CA THR A 152 -19.79 -15.53 19.61
C THR A 152 -20.97 -16.27 18.95
N GLY A 153 -20.86 -16.60 17.68
CA GLY A 153 -21.93 -17.38 17.06
C GLY A 153 -22.13 -18.78 17.68
N ASN A 154 -21.00 -19.41 18.01
CA ASN A 154 -21.09 -20.73 18.69
C ASN A 154 -21.76 -20.53 20.10
N VAL A 155 -21.40 -19.53 20.85
CA VAL A 155 -21.97 -19.36 22.18
C VAL A 155 -23.49 -19.02 22.05
N ALA A 156 -23.87 -18.25 21.05
CA ALA A 156 -25.26 -17.99 20.78
C ALA A 156 -26.05 -19.30 20.61
N LEU A 157 -25.56 -20.13 19.68
CA LEU A 157 -26.10 -21.46 19.44
C LEU A 157 -26.23 -22.26 20.77
N GLU A 158 -25.16 -22.34 21.50
CA GLU A 158 -25.12 -23.12 22.76
C GLU A 158 -26.12 -22.57 23.72
N SER A 159 -26.16 -21.27 23.89
CA SER A 159 -27.05 -20.62 24.85
C SER A 159 -28.51 -20.92 24.57
N MET A 160 -28.84 -21.18 23.33
CA MET A 160 -30.21 -21.42 22.86
C MET A 160 -30.45 -22.89 22.70
N GLY A 161 -29.65 -23.74 23.26
CA GLY A 161 -29.92 -25.17 23.31
C GLY A 161 -29.39 -26.05 22.18
N PHE A 162 -28.45 -25.50 21.37
CA PHE A 162 -27.93 -26.31 20.25
C PHE A 162 -26.45 -26.70 20.59
N LYS A 163 -26.18 -27.96 20.41
CA LYS A 163 -24.86 -28.54 20.64
C LYS A 163 -24.03 -28.38 19.38
N THR A 164 -22.98 -27.54 19.50
CA THR A 164 -22.09 -27.37 18.37
C THR A 164 -21.13 -28.54 18.26
N PHE A 165 -20.49 -28.65 17.07
CA PHE A 165 -19.53 -29.68 16.77
C PHE A 165 -18.17 -29.36 17.33
N GLY A 166 -17.94 -28.12 17.73
CA GLY A 166 -16.61 -27.76 18.22
C GLY A 166 -16.19 -26.37 17.69
N PHE A 167 -14.96 -26.00 18.03
CA PHE A 167 -14.49 -24.66 17.73
C PHE A 167 -12.97 -24.75 17.73
N ALA A 168 -12.33 -24.11 16.78
CA ALA A 168 -10.89 -23.86 16.86
C ALA A 168 -10.58 -22.39 16.79
N GLY A 169 -9.67 -21.94 17.67
CA GLY A 169 -9.06 -20.66 17.54
C GLY A 169 -7.86 -20.70 16.62
N GLY A 170 -7.27 -19.54 16.41
CA GLY A 170 -6.06 -19.36 15.63
C GLY A 170 -6.19 -18.43 14.47
N ARG A 171 -7.34 -17.77 14.24
CA ARG A 171 -7.47 -16.83 13.13
C ARG A 171 -6.81 -15.52 13.62
N ALA A 172 -5.59 -15.21 13.19
CA ALA A 172 -4.98 -13.94 13.62
C ALA A 172 -5.65 -12.76 13.00
N ASP A 173 -5.76 -11.67 13.76
CA ASP A 173 -6.31 -10.49 13.15
C ASP A 173 -5.46 -9.88 12.06
N THR A 174 -6.08 -9.19 11.14
CA THR A 174 -5.44 -8.37 10.10
C THR A 174 -5.78 -6.93 10.38
N TRP A 175 -5.08 -6.06 9.69
CA TRP A 175 -5.09 -4.65 10.05
C TRP A 175 -5.43 -3.69 8.87
N GLU A 176 -5.64 -4.24 7.73
CA GLU A 176 -6.09 -3.52 6.55
C GLU A 176 -7.01 -4.36 5.69
N PRO A 177 -7.78 -3.72 4.85
CA PRO A 177 -8.62 -4.54 3.92
C PRO A 177 -7.82 -5.41 2.99
N GLU A 178 -8.30 -6.59 2.64
CA GLU A 178 -7.72 -7.42 1.61
C GLU A 178 -8.19 -6.83 0.27
N ASP A 179 -7.44 -7.10 -0.80
CA ASP A 179 -7.84 -6.60 -2.16
C ASP A 179 -8.51 -7.77 -2.76
N VAL A 180 -9.81 -7.74 -2.80
CA VAL A 180 -10.53 -8.84 -3.32
C VAL A 180 -11.38 -8.29 -4.53
N TYR A 181 -11.50 -9.08 -5.58
CA TYR A 181 -12.42 -8.78 -6.67
C TYR A 181 -13.80 -9.27 -6.25
N TRP A 182 -14.72 -8.32 -5.98
CA TRP A 182 -16.07 -8.68 -5.57
C TRP A 182 -17.05 -8.46 -6.68
N GLY A 183 -16.54 -8.02 -7.82
CA GLY A 183 -17.38 -7.72 -8.99
C GLY A 183 -17.04 -6.34 -9.57
N SER A 184 -17.63 -6.04 -10.73
CA SER A 184 -17.34 -4.80 -11.46
C SER A 184 -18.47 -3.80 -11.46
N GLU A 185 -19.60 -4.09 -10.83
CA GLU A 185 -20.68 -3.11 -10.73
C GLU A 185 -20.34 -1.93 -9.90
N LYS A 186 -20.83 -0.78 -10.32
CA LYS A 186 -20.60 0.51 -9.61
C LYS A 186 -21.78 1.01 -8.82
N ILE A 187 -22.83 0.16 -8.69
CA ILE A 187 -23.97 0.44 -7.97
C ILE A 187 -24.28 -0.74 -6.98
N TRP A 188 -24.47 -0.40 -5.74
CA TRP A 188 -24.81 -1.41 -4.76
C TRP A 188 -26.04 -2.17 -5.19
N LEU A 189 -25.97 -3.51 -5.08
CA LEU A 189 -27.11 -4.36 -5.35
C LEU A 189 -27.68 -4.30 -6.77
N GLU A 190 -26.85 -3.91 -7.70
CA GLU A 190 -27.38 -3.75 -9.07
C GLU A 190 -27.98 -5.05 -9.54
N LEU A 191 -29.15 -5.00 -10.19
CA LEU A 191 -29.71 -6.19 -10.78
C LEU A 191 -28.92 -6.61 -11.95
N SER A 192 -29.02 -7.88 -12.27
CA SER A 192 -28.24 -8.46 -13.31
C SER A 192 -28.59 -7.85 -14.75
N GLY A 193 -27.66 -7.98 -15.67
CA GLY A 193 -27.95 -7.49 -17.05
C GLY A 193 -27.52 -6.04 -17.26
N GLY A 194 -26.88 -5.41 -16.28
CA GLY A 194 -26.30 -4.06 -16.43
C GLY A 194 -25.05 -4.03 -17.25
N PRO A 195 -24.43 -2.83 -17.42
CA PRO A 195 -23.20 -2.81 -18.23
C PRO A 195 -22.02 -3.59 -17.62
N ASN A 196 -22.08 -3.80 -16.31
CA ASN A 196 -21.09 -4.61 -15.61
C ASN A 196 -21.67 -5.95 -15.03
N SER A 197 -22.62 -6.53 -15.73
CA SER A 197 -23.31 -7.71 -15.32
C SER A 197 -22.33 -8.82 -14.98
N ARG A 198 -22.51 -9.43 -13.78
CA ARG A 198 -21.81 -10.61 -13.41
C ARG A 198 -22.39 -11.89 -13.92
N TYR A 199 -23.43 -11.79 -14.75
CA TYR A 199 -24.08 -12.95 -15.33
C TYR A 199 -23.96 -12.85 -16.89
N SER A 200 -23.84 -13.99 -17.48
CA SER A 200 -23.90 -14.07 -18.97
C SER A 200 -24.51 -15.40 -19.34
N GLY A 201 -24.85 -15.60 -20.61
CA GLY A 201 -25.34 -16.93 -21.02
C GLY A 201 -26.63 -17.28 -20.31
N ASP A 202 -26.83 -18.54 -19.99
CA ASP A 202 -28.03 -18.94 -19.26
C ASP A 202 -27.72 -18.83 -17.71
N ARG A 203 -27.76 -17.59 -17.23
CA ARG A 203 -27.60 -17.32 -15.80
C ARG A 203 -26.30 -17.95 -15.26
N GLN A 204 -25.21 -17.69 -15.99
CA GLN A 204 -23.91 -18.21 -15.59
C GLN A 204 -23.24 -17.09 -14.85
N LEU A 205 -22.86 -17.37 -13.59
CA LEU A 205 -22.24 -16.39 -12.77
C LEU A 205 -20.74 -16.36 -13.01
N GLU A 206 -20.14 -15.20 -13.19
CA GLU A 206 -18.70 -15.17 -13.53
C GLU A 206 -17.80 -15.65 -12.35
N ASN A 207 -16.85 -16.50 -12.66
CA ASN A 207 -15.81 -16.84 -11.69
C ASN A 207 -14.95 -15.63 -11.45
N PRO A 208 -14.45 -15.36 -10.26
CA PRO A 208 -14.53 -16.15 -9.05
C PRO A 208 -15.69 -15.77 -8.12
N LEU A 209 -16.72 -15.14 -8.62
CA LEU A 209 -17.76 -14.57 -7.74
C LEU A 209 -18.66 -15.70 -7.21
N ALA A 210 -19.23 -15.43 -6.07
CA ALA A 210 -20.10 -16.41 -5.43
C ALA A 210 -21.31 -15.80 -4.80
N ALA A 211 -21.70 -14.64 -5.28
CA ALA A 211 -22.94 -13.95 -4.86
C ALA A 211 -23.61 -13.39 -6.13
N VAL A 212 -24.90 -13.17 -6.02
CA VAL A 212 -25.71 -12.83 -7.16
C VAL A 212 -25.77 -11.33 -7.49
N GLN A 213 -25.46 -10.49 -6.54
CA GLN A 213 -25.54 -9.05 -6.59
C GLN A 213 -24.43 -8.47 -5.74
N MET A 214 -23.91 -7.32 -6.15
CA MET A 214 -22.87 -6.68 -5.43
C MET A 214 -23.33 -6.24 -4.05
N GLY A 215 -22.65 -6.74 -3.03
CA GLY A 215 -23.01 -6.41 -1.67
C GLY A 215 -23.93 -7.44 -0.96
N LEU A 216 -24.26 -8.53 -1.66
CA LEU A 216 -24.92 -9.65 -1.04
C LEU A 216 -23.90 -10.74 -0.63
N ILE A 217 -24.28 -11.52 0.40
CA ILE A 217 -23.55 -12.69 0.80
C ILE A 217 -23.66 -13.85 -0.14
N TYR A 218 -24.90 -14.25 -0.42
CA TYR A 218 -25.14 -15.27 -1.41
C TYR A 218 -26.25 -14.83 -2.41
N VAL A 219 -27.47 -14.91 -1.98
CA VAL A 219 -28.62 -14.67 -2.88
C VAL A 219 -29.51 -13.56 -2.35
N ASN A 220 -30.46 -13.18 -3.23
CA ASN A 220 -31.41 -12.16 -2.89
C ASN A 220 -32.61 -12.84 -2.19
N PRO A 221 -32.96 -12.40 -0.97
CA PRO A 221 -33.98 -13.09 -0.19
C PRO A 221 -35.44 -12.95 -0.77
N GLU A 222 -35.59 -11.94 -1.65
CA GLU A 222 -36.90 -11.82 -2.39
C GLU A 222 -37.00 -12.79 -3.56
N GLY A 223 -35.84 -13.24 -4.08
CA GLY A 223 -35.80 -14.07 -5.30
C GLY A 223 -34.91 -13.44 -6.32
N PRO A 224 -34.66 -14.13 -7.42
CA PRO A 224 -33.67 -13.69 -8.39
C PRO A 224 -34.01 -12.36 -8.97
N ASP A 225 -33.05 -11.41 -8.83
CA ASP A 225 -33.27 -9.98 -9.25
C ASP A 225 -34.58 -9.47 -8.74
N GLY A 226 -35.00 -9.94 -7.57
CA GLY A 226 -36.22 -9.47 -6.92
C GLY A 226 -37.51 -10.27 -7.30
N ASN A 227 -37.43 -11.23 -8.16
CA ASN A 227 -38.63 -11.97 -8.65
C ASN A 227 -38.96 -13.09 -7.65
N PRO A 228 -40.10 -13.07 -7.02
CA PRO A 228 -40.39 -13.99 -5.84
C PRO A 228 -40.87 -15.33 -6.23
N ASP A 229 -39.98 -16.05 -6.88
CA ASP A 229 -40.26 -17.40 -7.36
C ASP A 229 -39.27 -18.36 -6.62
N PRO A 230 -39.81 -19.15 -5.70
CA PRO A 230 -38.96 -20.02 -4.89
C PRO A 230 -38.21 -21.02 -5.71
N VAL A 231 -38.79 -21.48 -6.81
CA VAL A 231 -38.12 -22.48 -7.65
C VAL A 231 -36.87 -21.91 -8.36
N ALA A 232 -37.01 -20.71 -8.92
CA ALA A 232 -35.94 -20.00 -9.54
C ALA A 232 -34.89 -19.60 -8.46
N ALA A 233 -35.36 -19.21 -7.31
CA ALA A 233 -34.43 -18.81 -6.25
C ALA A 233 -33.57 -19.98 -5.88
N ALA A 234 -34.13 -21.19 -5.85
CA ALA A 234 -33.39 -22.36 -5.52
C ALA A 234 -32.19 -22.59 -6.41
N ARG A 235 -32.30 -22.21 -7.70
CA ARG A 235 -31.18 -22.34 -8.56
C ARG A 235 -30.03 -21.50 -8.15
N ASP A 236 -30.32 -20.27 -7.73
CA ASP A 236 -29.32 -19.32 -7.33
C ASP A 236 -28.71 -19.79 -5.97
N ILE A 237 -29.55 -20.36 -5.12
CA ILE A 237 -29.03 -20.89 -3.81
C ILE A 237 -28.07 -22.01 -4.09
N ARG A 238 -28.46 -22.96 -4.95
CA ARG A 238 -27.62 -24.09 -5.17
C ARG A 238 -26.28 -23.66 -5.80
N ASP A 239 -26.32 -22.75 -6.76
CA ASP A 239 -25.10 -22.31 -7.45
C ASP A 239 -24.16 -21.54 -6.49
N THR A 240 -24.69 -20.57 -5.79
CA THR A 240 -23.86 -19.83 -4.92
C THR A 240 -23.29 -20.62 -3.78
N PHE A 241 -24.16 -21.49 -3.15
CA PHE A 241 -23.66 -22.36 -2.04
C PHE A 241 -22.61 -23.30 -2.57
N ALA A 242 -22.75 -23.87 -3.80
CA ALA A 242 -21.68 -24.71 -4.30
C ALA A 242 -20.37 -23.95 -4.48
N ARG A 243 -20.46 -22.69 -4.83
CA ARG A 243 -19.29 -21.81 -4.99
C ARG A 243 -18.76 -21.38 -3.67
N MET A 244 -19.44 -21.80 -2.60
CA MET A 244 -18.93 -21.63 -1.20
C MET A 244 -18.57 -22.97 -0.55
N ALA A 245 -18.46 -24.02 -1.36
CA ALA A 245 -18.11 -25.34 -0.98
C ALA A 245 -19.14 -26.14 -0.21
N MET A 246 -20.42 -25.84 -0.40
CA MET A 246 -21.50 -26.52 0.30
C MET A 246 -22.39 -27.26 -0.72
N ASN A 247 -22.70 -28.49 -0.38
CA ASN A 247 -23.59 -29.33 -1.21
C ASN A 247 -25.05 -29.17 -0.78
N ASP A 248 -25.96 -29.91 -1.39
CA ASP A 248 -27.37 -29.75 -1.09
C ASP A 248 -27.69 -30.00 0.39
N GLU A 249 -27.24 -31.09 0.95
CA GLU A 249 -27.53 -31.43 2.34
C GLU A 249 -27.01 -30.31 3.25
N GLU A 250 -25.82 -29.90 3.03
CA GLU A 250 -25.24 -28.85 3.89
C GLU A 250 -25.99 -27.53 3.78
N THR A 251 -26.37 -27.17 2.54
CA THR A 251 -27.13 -25.98 2.26
C THR A 251 -28.48 -25.94 2.98
N VAL A 252 -29.26 -27.02 2.85
CA VAL A 252 -30.50 -27.06 3.56
C VAL A 252 -30.35 -27.01 5.03
N ALA A 253 -29.33 -27.76 5.54
CA ALA A 253 -29.08 -27.73 7.01
C ALA A 253 -28.72 -26.36 7.51
N LEU A 254 -27.88 -25.63 6.74
CA LEU A 254 -27.51 -24.28 7.15
C LEU A 254 -28.65 -23.29 7.17
N ILE A 255 -29.42 -23.29 6.07
CA ILE A 255 -30.45 -22.23 5.92
C ILE A 255 -31.54 -22.47 6.98
N ALA A 256 -32.04 -23.69 7.03
CA ALA A 256 -33.05 -24.01 8.04
C ALA A 256 -32.59 -23.95 9.41
N GLY A 257 -31.31 -24.27 9.66
CA GLY A 257 -30.69 -24.12 11.01
C GLY A 257 -30.61 -22.70 11.39
N GLY A 258 -30.11 -21.88 10.51
CA GLY A 258 -29.98 -20.41 10.84
C GLY A 258 -31.35 -19.82 11.16
N HIS A 259 -32.30 -20.13 10.28
CA HIS A 259 -33.67 -19.58 10.35
C HIS A 259 -34.57 -20.27 11.35
N THR A 260 -33.98 -21.14 12.18
CA THR A 260 -34.63 -21.55 13.43
C THR A 260 -34.62 -20.38 14.40
N PHE A 261 -33.71 -19.43 14.28
CA PHE A 261 -33.50 -18.43 15.26
C PHE A 261 -33.77 -17.00 14.81
N GLY A 262 -34.24 -16.17 15.73
CA GLY A 262 -34.31 -14.74 15.48
C GLY A 262 -35.35 -14.25 14.49
N LYS A 263 -35.08 -13.12 13.86
CA LYS A 263 -35.99 -12.49 12.94
C LYS A 263 -35.29 -11.58 11.97
N THR A 264 -35.99 -11.14 10.94
CA THR A 264 -35.59 -10.09 10.03
C THR A 264 -36.11 -8.76 10.55
N HIS A 265 -35.70 -7.66 9.91
CA HIS A 265 -36.07 -6.30 10.39
C HIS A 265 -36.44 -5.44 9.18
N GLY A 266 -37.74 -5.03 9.15
CA GLY A 266 -38.28 -4.24 8.02
C GLY A 266 -39.51 -3.41 8.47
N ALA A 267 -39.38 -2.76 9.62
CA ALA A 267 -40.59 -2.17 10.25
C ALA A 267 -41.18 -0.96 9.50
N GLY A 268 -40.42 -0.33 8.64
CA GLY A 268 -40.85 0.85 7.82
C GLY A 268 -40.04 0.97 6.60
N PRO A 269 -40.32 2.02 5.80
CA PRO A 269 -39.73 2.13 4.51
C PRO A 269 -38.21 2.30 4.56
N ALA A 270 -37.52 1.73 3.60
CA ALA A 270 -36.09 1.76 3.59
C ALA A 270 -35.52 3.08 3.36
N SER A 271 -36.34 3.99 2.79
CA SER A 271 -35.84 5.38 2.63
C SER A 271 -35.54 6.03 3.95
N ASN A 272 -36.02 5.53 5.08
CA ASN A 272 -35.65 6.03 6.36
C ASN A 272 -34.14 5.75 6.79
N VAL A 273 -33.53 4.82 6.08
CA VAL A 273 -32.18 4.39 6.51
C VAL A 273 -31.11 5.21 5.86
N GLY A 274 -30.19 5.74 6.64
CA GLY A 274 -29.05 6.56 6.19
C GLY A 274 -27.79 5.80 5.78
N ALA A 275 -26.71 6.54 5.71
CA ALA A 275 -25.48 6.09 5.13
C ALA A 275 -24.90 4.86 5.85
N GLU A 276 -24.38 3.96 5.02
CA GLU A 276 -23.58 2.84 5.47
C GLU A 276 -22.36 3.35 6.23
N PRO A 277 -21.69 2.50 7.06
CA PRO A 277 -20.61 3.01 7.91
C PRO A 277 -19.51 3.79 7.26
N GLU A 278 -19.00 3.34 6.11
CA GLU A 278 -17.87 4.01 5.44
C GLU A 278 -18.27 5.42 4.94
N ALA A 279 -19.55 5.66 4.77
CA ALA A 279 -20.10 6.94 4.26
C ALA A 279 -20.63 7.79 5.33
N ALA A 280 -20.81 7.29 6.54
CA ALA A 280 -21.45 8.04 7.62
C ALA A 280 -20.59 9.15 8.15
N GLY A 281 -21.16 10.05 8.93
CA GLY A 281 -20.36 11.12 9.43
C GLY A 281 -19.46 10.60 10.60
N ILE A 282 -18.48 11.42 10.88
CA ILE A 282 -17.43 11.07 11.86
C ILE A 282 -18.09 10.84 13.25
N GLU A 283 -19.21 11.53 13.56
CA GLU A 283 -19.83 11.44 14.82
C GLU A 283 -20.49 10.07 15.08
N ALA A 284 -20.77 9.33 13.99
CA ALA A 284 -21.43 8.01 14.08
C ALA A 284 -20.39 7.02 14.70
N GLN A 285 -19.10 7.36 14.76
CA GLN A 285 -18.08 6.51 15.41
C GLN A 285 -18.09 5.07 14.95
N GLY A 286 -18.09 4.96 13.65
CA GLY A 286 -17.93 3.69 12.98
C GLY A 286 -19.20 2.88 12.82
N LEU A 287 -20.36 3.41 13.22
CA LEU A 287 -21.62 2.79 12.99
C LEU A 287 -22.28 3.44 11.76
N GLY A 288 -23.30 2.80 11.28
CA GLY A 288 -24.00 3.23 10.06
C GLY A 288 -25.51 2.84 10.09
N TRP A 289 -26.12 3.12 8.92
CA TRP A 289 -27.53 2.80 8.76
C TRP A 289 -28.45 3.40 9.77
N LYS A 290 -28.12 4.64 10.15
CA LYS A 290 -28.94 5.33 11.18
C LYS A 290 -30.37 5.52 10.55
N SER A 291 -31.32 5.19 11.30
CA SER A 291 -32.73 5.21 10.80
C SER A 291 -33.63 6.31 11.50
N ALA A 292 -34.29 7.05 10.58
CA ALA A 292 -35.22 8.12 11.01
C ALA A 292 -36.60 7.51 11.26
N TYR A 293 -36.82 6.21 11.07
CA TYR A 293 -38.13 5.60 11.34
C TYR A 293 -38.37 5.38 12.83
N ARG A 294 -39.34 6.15 13.41
CA ARG A 294 -39.67 6.01 14.80
C ARG A 294 -38.48 6.03 15.70
N THR A 295 -38.25 5.01 16.55
CA THR A 295 -37.09 5.05 17.46
C THR A 295 -35.78 4.67 16.74
N GLY A 296 -35.88 4.17 15.54
CA GLY A 296 -34.68 3.79 14.72
C GLY A 296 -34.05 2.41 15.06
N LYS A 297 -34.64 1.72 16.00
CA LYS A 297 -34.08 0.50 16.60
C LYS A 297 -35.13 -0.36 17.22
N GLY A 298 -34.70 -1.53 17.74
CA GLY A 298 -35.60 -2.39 18.47
C GLY A 298 -36.85 -2.80 17.68
N ALA A 299 -38.03 -2.47 18.24
CA ALA A 299 -39.29 -2.73 17.55
C ALA A 299 -39.45 -2.04 16.24
N ASP A 300 -38.74 -0.93 16.03
CA ASP A 300 -38.74 -0.15 14.84
C ASP A 300 -37.58 -0.43 13.85
N ALA A 301 -36.79 -1.48 14.13
CA ALA A 301 -35.60 -1.66 13.31
C ALA A 301 -35.84 -1.96 11.88
N ILE A 302 -35.01 -1.42 11.01
CA ILE A 302 -34.98 -1.77 9.60
C ILE A 302 -33.55 -2.14 9.21
N THR A 303 -33.45 -3.38 8.72
CA THR A 303 -32.16 -3.95 8.27
C THR A 303 -32.25 -4.30 6.86
N SER A 304 -32.91 -5.40 6.52
CA SER A 304 -33.04 -5.83 5.18
C SER A 304 -34.29 -5.22 4.51
N GLY A 305 -35.26 -4.76 5.31
CA GLY A 305 -36.54 -4.39 4.71
C GLY A 305 -37.57 -5.49 4.77
N LEU A 306 -37.21 -6.72 5.08
CA LEU A 306 -38.15 -7.78 5.27
C LEU A 306 -38.58 -7.84 6.70
N GLU A 307 -39.75 -8.37 6.96
CA GLU A 307 -40.25 -8.49 8.35
C GLU A 307 -40.84 -9.86 8.52
N VAL A 308 -39.96 -10.82 8.78
CA VAL A 308 -40.29 -12.24 8.98
C VAL A 308 -39.73 -12.74 10.30
N THR A 309 -40.48 -13.60 10.99
CA THR A 309 -40.05 -14.24 12.20
C THR A 309 -40.43 -15.66 11.97
N TRP A 310 -39.49 -16.61 11.91
CA TRP A 310 -39.73 -17.94 11.44
C TRP A 310 -40.40 -18.92 12.40
N THR A 311 -40.03 -18.87 13.69
CA THR A 311 -40.48 -19.90 14.61
C THR A 311 -41.22 -19.34 15.83
N THR A 312 -41.94 -20.26 16.49
CA THR A 312 -42.67 -19.88 17.74
C THR A 312 -41.78 -19.68 18.92
N THR A 313 -40.50 -20.02 18.81
CA THR A 313 -39.52 -19.86 19.91
C THR A 313 -38.20 -19.36 19.29
N PRO A 314 -38.15 -18.05 18.96
CA PRO A 314 -36.99 -17.61 18.18
C PRO A 314 -35.71 -17.65 18.98
N THR A 315 -35.73 -17.85 20.29
CA THR A 315 -34.57 -17.83 21.13
C THR A 315 -34.28 -19.24 21.68
N GLN A 316 -34.77 -20.25 21.01
CA GLN A 316 -34.55 -21.64 21.41
C GLN A 316 -34.51 -22.58 20.23
N TRP A 317 -33.50 -23.47 20.22
CA TRP A 317 -33.38 -24.49 19.16
C TRP A 317 -34.71 -25.32 19.15
N SER A 318 -35.15 -25.67 17.99
CA SER A 318 -36.42 -26.38 17.80
C SER A 318 -36.39 -27.05 16.45
N HIS A 319 -37.46 -27.77 16.11
CA HIS A 319 -37.68 -28.15 14.76
C HIS A 319 -38.94 -27.50 14.22
N ASN A 320 -39.19 -26.26 14.65
CA ASN A 320 -40.39 -25.53 14.23
C ASN A 320 -40.22 -24.90 12.86
N PHE A 321 -39.00 -24.65 12.36
CA PHE A 321 -38.85 -24.16 11.01
C PHE A 321 -39.52 -25.13 9.98
N PHE A 322 -39.16 -26.41 10.01
CA PHE A 322 -39.73 -27.34 9.03
C PHE A 322 -41.22 -27.60 9.39
N GLU A 323 -41.53 -27.59 10.68
CA GLU A 323 -43.01 -27.74 10.99
C GLU A 323 -43.81 -26.70 10.32
N ASN A 324 -43.35 -25.45 10.36
CA ASN A 324 -44.08 -24.39 9.71
C ASN A 324 -43.97 -24.47 8.21
N LEU A 325 -42.76 -24.76 7.66
CA LEU A 325 -42.59 -24.79 6.24
C LEU A 325 -43.56 -25.78 5.54
N PHE A 326 -43.71 -26.92 6.18
CA PHE A 326 -44.49 -28.00 5.59
C PHE A 326 -45.95 -27.98 6.09
N GLY A 327 -46.19 -27.39 7.25
CA GLY A 327 -47.53 -27.41 7.95
C GLY A 327 -48.46 -26.32 7.42
N TYR A 328 -48.06 -25.37 6.63
CA TYR A 328 -48.83 -24.30 6.08
C TYR A 328 -48.72 -24.16 4.60
N GLU A 329 -49.73 -23.58 3.92
CA GLU A 329 -49.57 -23.05 2.63
C GLU A 329 -49.24 -21.56 2.66
N TRP A 330 -48.54 -21.05 1.67
CA TRP A 330 -47.94 -19.76 1.77
C TRP A 330 -48.40 -18.72 0.77
N GLU A 331 -48.68 -17.51 1.22
CA GLU A 331 -49.17 -16.45 0.37
C GLU A 331 -48.20 -15.30 0.21
N LEU A 332 -48.04 -14.81 -1.01
CA LEU A 332 -47.18 -13.70 -1.32
C LEU A 332 -47.73 -12.40 -0.78
N THR A 333 -46.90 -11.65 -0.07
CA THR A 333 -47.28 -10.45 0.64
C THR A 333 -46.14 -9.46 0.62
N LYS A 334 -46.28 -8.33 1.32
CA LYS A 334 -45.25 -7.32 1.30
C LYS A 334 -45.00 -6.93 2.73
N SER A 335 -43.71 -6.64 3.04
CA SER A 335 -43.43 -6.18 4.33
C SER A 335 -43.84 -4.69 4.45
N PRO A 336 -43.68 -4.08 5.61
CA PRO A 336 -43.88 -2.64 5.69
C PRO A 336 -42.97 -1.77 4.92
N ALA A 337 -41.81 -2.29 4.48
CA ALA A 337 -40.91 -1.57 3.59
C ALA A 337 -41.19 -1.87 2.14
N GLY A 338 -42.14 -2.72 1.88
CA GLY A 338 -42.45 -3.06 0.47
C GLY A 338 -41.75 -4.23 -0.11
N ALA A 339 -41.03 -5.04 0.68
CA ALA A 339 -40.34 -6.18 0.15
C ALA A 339 -41.24 -7.39 0.04
N HIS A 340 -40.99 -8.20 -0.97
CA HIS A 340 -41.76 -9.44 -1.11
C HIS A 340 -41.39 -10.48 -0.05
N GLN A 341 -42.39 -11.10 0.55
CA GLN A 341 -42.24 -12.13 1.58
C GLN A 341 -43.50 -12.94 1.66
N TRP A 342 -43.58 -13.96 2.49
CA TRP A 342 -44.66 -14.89 2.44
C TRP A 342 -45.25 -15.07 3.79
N VAL A 343 -46.59 -15.30 3.85
CA VAL A 343 -47.28 -15.42 5.11
C VAL A 343 -48.18 -16.69 5.07
N ALA A 344 -48.31 -17.34 6.17
CA ALA A 344 -49.04 -18.61 6.23
C ALA A 344 -50.58 -18.32 6.14
N LYS A 345 -51.16 -18.98 5.18
CA LYS A 345 -52.62 -18.81 4.89
C LYS A 345 -53.42 -19.42 6.01
N GLY A 346 -54.36 -18.63 6.50
CA GLY A 346 -55.30 -19.12 7.55
C GLY A 346 -54.71 -19.37 8.94
N ALA A 347 -53.49 -18.92 9.20
CA ALA A 347 -52.88 -19.42 10.41
C ALA A 347 -53.38 -18.53 11.56
N ASP A 348 -53.22 -19.10 12.72
CA ASP A 348 -53.37 -18.37 13.91
C ASP A 348 -52.12 -17.49 14.21
N ALA A 349 -52.29 -16.49 15.05
CA ALA A 349 -51.14 -15.65 15.48
C ALA A 349 -50.36 -16.40 16.58
N VAL A 350 -49.38 -17.24 16.18
CA VAL A 350 -48.68 -18.08 17.11
C VAL A 350 -47.15 -17.64 17.31
N ILE A 351 -46.71 -16.64 16.58
CA ILE A 351 -45.30 -16.28 16.61
C ILE A 351 -45.20 -15.11 17.57
N PRO A 352 -44.28 -15.17 18.54
CA PRO A 352 -44.18 -14.03 19.42
C PRO A 352 -43.65 -12.76 18.80
N ASP A 353 -44.03 -11.60 19.39
CA ASP A 353 -43.49 -10.35 18.99
C ASP A 353 -42.17 -10.13 19.76
N ALA A 354 -41.26 -9.38 19.15
CA ALA A 354 -39.93 -9.19 19.75
C ALA A 354 -39.90 -8.30 20.95
N PHE A 355 -40.95 -7.42 21.08
CA PHE A 355 -40.94 -6.48 22.22
C PHE A 355 -42.25 -6.38 23.07
N ASP A 356 -43.33 -6.73 22.44
CA ASP A 356 -44.70 -6.46 23.05
C ASP A 356 -45.28 -7.80 23.38
N PRO A 357 -45.32 -8.18 24.69
CA PRO A 357 -45.85 -9.54 25.02
C PRO A 357 -47.36 -9.66 24.81
N SER A 358 -48.01 -8.63 24.41
CA SER A 358 -49.46 -8.78 24.16
C SER A 358 -49.70 -9.03 22.66
N LYS A 359 -48.68 -8.95 21.78
CA LYS A 359 -48.90 -9.06 20.32
C LYS A 359 -48.32 -10.42 19.83
N LYS A 360 -49.00 -11.07 18.90
CA LYS A 360 -48.56 -12.26 18.27
C LYS A 360 -48.74 -12.09 16.80
N HIS A 361 -48.06 -12.93 15.98
CA HIS A 361 -48.04 -12.79 14.52
C HIS A 361 -48.19 -14.10 13.86
N ARG A 362 -48.66 -14.07 12.57
CA ARG A 362 -48.74 -15.28 11.83
C ARG A 362 -47.27 -15.69 11.37
N PRO A 363 -47.10 -16.97 11.12
CA PRO A 363 -45.86 -17.48 10.52
C PRO A 363 -45.61 -16.83 9.24
N THR A 364 -44.32 -16.52 8.96
CA THR A 364 -43.89 -15.94 7.72
C THR A 364 -42.59 -16.66 7.25
N MET A 365 -42.23 -16.45 6.01
CA MET A 365 -41.13 -17.09 5.34
C MET A 365 -40.61 -16.15 4.24
N LEU A 366 -39.28 -16.27 3.94
CA LEU A 366 -38.71 -15.68 2.75
C LEU A 366 -38.95 -16.57 1.55
N THR A 367 -38.87 -15.96 0.37
CA THR A 367 -38.91 -16.67 -0.86
C THR A 367 -37.88 -17.88 -0.82
N THR A 368 -36.65 -17.52 -0.39
CA THR A 368 -35.58 -18.48 -0.35
C THR A 368 -35.73 -19.54 0.70
N ASP A 369 -36.53 -19.33 1.76
CA ASP A 369 -36.92 -20.38 2.63
C ASP A 369 -37.82 -21.38 1.94
N LEU A 370 -38.78 -20.85 1.17
CA LEU A 370 -39.72 -21.72 0.44
C LEU A 370 -39.02 -22.54 -0.63
N SER A 371 -37.85 -22.05 -1.13
CA SER A 371 -37.03 -22.90 -1.99
C SER A 371 -36.73 -24.27 -1.43
N LEU A 372 -36.64 -24.35 -0.11
CA LEU A 372 -36.31 -25.61 0.55
C LEU A 372 -37.40 -26.69 0.45
N ARG A 373 -38.60 -26.20 0.18
CA ARG A 373 -39.78 -27.07 -0.07
C ARG A 373 -40.12 -27.22 -1.52
N PHE A 374 -39.93 -26.18 -2.31
CA PHE A 374 -40.39 -26.22 -3.73
C PHE A 374 -39.38 -26.65 -4.73
N ASP A 375 -38.08 -26.71 -4.41
CA ASP A 375 -37.13 -27.31 -5.28
C ASP A 375 -37.19 -28.78 -4.99
N PRO A 376 -37.25 -29.64 -6.01
CA PRO A 376 -37.47 -31.02 -5.68
C PRO A 376 -36.36 -31.75 -4.96
N ALA A 377 -35.11 -31.40 -5.22
CA ALA A 377 -34.03 -32.06 -4.54
C ALA A 377 -33.96 -31.55 -3.09
N TYR A 378 -34.13 -30.23 -2.89
CA TYR A 378 -34.21 -29.74 -1.52
C TYR A 378 -35.31 -30.33 -0.70
N GLU A 379 -36.47 -30.48 -1.32
CA GLU A 379 -37.62 -30.96 -0.64
C GLU A 379 -37.41 -32.36 -0.04
N LYS A 380 -36.66 -33.24 -0.69
CA LYS A 380 -36.39 -34.51 -0.17
C LYS A 380 -35.55 -34.50 1.10
N ILE A 381 -34.54 -33.57 1.06
CA ILE A 381 -33.68 -33.43 2.23
C ILE A 381 -34.50 -32.76 3.39
N SER A 382 -35.22 -31.71 3.05
CA SER A 382 -36.02 -31.00 4.01
C SER A 382 -37.04 -31.92 4.67
N ARG A 383 -37.64 -32.78 3.89
CA ARG A 383 -38.56 -33.78 4.47
CA ARG A 383 -38.57 -33.76 4.49
C ARG A 383 -37.88 -34.73 5.42
N ARG A 384 -36.72 -35.24 5.04
CA ARG A 384 -35.94 -36.09 5.91
C ARG A 384 -35.61 -35.40 7.21
N PHE A 385 -35.17 -34.12 7.13
CA PHE A 385 -34.88 -33.38 8.30
C PHE A 385 -36.09 -33.06 9.16
N HIS A 386 -37.23 -32.85 8.56
CA HIS A 386 -38.51 -32.63 9.30
C HIS A 386 -38.90 -33.90 10.05
N GLU A 387 -38.77 -35.07 9.37
CA GLU A 387 -39.17 -36.32 10.01
C GLU A 387 -38.15 -36.80 11.03
N ASN A 388 -36.89 -36.32 10.89
CA ASN A 388 -35.81 -36.79 11.73
C ASN A 388 -34.97 -35.59 12.24
N PRO A 389 -35.45 -34.86 13.18
CA PRO A 389 -34.77 -33.61 13.56
C PRO A 389 -33.41 -33.88 14.11
N GLU A 390 -33.15 -35.09 14.62
CA GLU A 390 -31.78 -35.38 15.11
C GLU A 390 -30.77 -35.43 13.94
N GLN A 391 -31.21 -35.86 12.83
CA GLN A 391 -30.40 -35.84 11.57
C GLN A 391 -30.15 -34.38 11.18
N PHE A 392 -31.18 -33.59 11.26
CA PHE A 392 -31.06 -32.14 11.00
C PHE A 392 -30.02 -31.53 11.94
N ALA A 393 -30.13 -31.75 13.23
CA ALA A 393 -29.24 -31.15 14.14
C ALA A 393 -27.80 -31.55 13.88
N ASP A 394 -27.55 -32.79 13.58
CA ASP A 394 -26.18 -33.22 13.34
C ASP A 394 -25.61 -32.63 12.06
N ALA A 395 -26.45 -32.58 11.02
CA ALA A 395 -26.00 -31.96 9.77
C ALA A 395 -25.74 -30.53 9.88
N PHE A 396 -26.57 -29.83 10.62
CA PHE A 396 -26.35 -28.40 10.86
C PHE A 396 -25.10 -28.23 11.67
N ALA A 397 -24.89 -29.00 12.71
CA ALA A 397 -23.66 -28.83 13.50
C ALA A 397 -22.41 -28.99 12.63
N ARG A 398 -22.41 -30.04 11.82
CA ARG A 398 -21.27 -30.34 10.98
C ARG A 398 -21.04 -29.22 9.94
N ALA A 399 -22.15 -28.74 9.32
CA ALA A 399 -22.09 -27.71 8.33
C ALA A 399 -21.67 -26.38 8.92
N TRP A 400 -22.12 -26.08 10.11
CA TRP A 400 -21.75 -24.85 10.77
C TRP A 400 -20.23 -24.85 11.10
N PHE A 401 -19.76 -25.98 11.54
CA PHE A 401 -18.26 -26.09 11.77
C PHE A 401 -17.55 -25.87 10.42
N LYS A 402 -17.94 -26.58 9.37
CA LYS A 402 -17.31 -26.41 8.06
C LYS A 402 -17.35 -24.95 7.59
N LEU A 403 -18.55 -24.37 7.62
CA LEU A 403 -18.74 -22.98 7.22
C LEU A 403 -17.71 -22.06 7.90
N THR A 404 -17.61 -22.23 9.21
CA THR A 404 -16.82 -21.29 10.02
C THR A 404 -15.36 -21.59 10.09
N HIS A 405 -14.95 -22.75 9.55
CA HIS A 405 -13.55 -23.19 9.59
C HIS A 405 -12.97 -23.46 8.18
N ARG A 406 -13.72 -23.25 7.13
CA ARG A 406 -13.34 -23.76 5.82
CA ARG A 406 -13.35 -23.69 5.81
C ARG A 406 -12.09 -23.08 5.28
N ASP A 407 -11.79 -21.87 5.74
CA ASP A 407 -10.60 -21.12 5.35
C ASP A 407 -9.50 -21.13 6.35
N MET A 408 -9.52 -21.98 7.31
CA MET A 408 -8.50 -21.97 8.42
C MET A 408 -7.24 -22.71 8.03
N GLY A 409 -7.29 -23.55 7.07
CA GLY A 409 -6.17 -24.34 6.67
C GLY A 409 -5.99 -25.66 7.31
N PRO A 410 -4.77 -26.11 7.32
CA PRO A 410 -4.59 -27.46 7.86
C PRO A 410 -4.95 -27.51 9.34
N ARG A 411 -5.31 -28.74 9.79
CA ARG A 411 -5.67 -28.92 11.22
C ARG A 411 -4.58 -28.58 12.16
N ALA A 412 -3.35 -28.57 11.74
CA ALA A 412 -2.26 -28.12 12.59
C ALA A 412 -2.39 -26.67 13.07
N ARG A 413 -3.18 -25.85 12.37
CA ARG A 413 -3.41 -24.48 12.78
C ARG A 413 -4.50 -24.30 13.87
N TYR A 414 -5.28 -25.38 14.11
CA TYR A 414 -6.42 -25.31 15.04
C TYR A 414 -5.99 -25.32 16.44
N LEU A 415 -6.40 -24.32 17.21
CA LEU A 415 -6.01 -24.12 18.56
C LEU A 415 -7.12 -24.30 19.58
N GLY A 416 -6.72 -24.66 20.82
CA GLY A 416 -7.67 -24.62 21.92
C GLY A 416 -8.26 -25.95 22.35
N PRO A 417 -9.10 -25.93 23.33
CA PRO A 417 -9.65 -27.12 23.97
C PRO A 417 -10.88 -27.65 23.38
N GLU A 418 -11.43 -27.02 22.33
CA GLU A 418 -12.71 -27.50 21.68
C GLU A 418 -12.59 -27.94 20.26
N VAL A 419 -11.37 -28.23 19.85
CA VAL A 419 -11.13 -28.71 18.48
C VAL A 419 -11.73 -30.09 18.29
N PRO A 420 -12.51 -30.32 17.27
CA PRO A 420 -13.13 -31.61 17.15
C PRO A 420 -12.04 -32.64 16.75
N ALA A 421 -12.08 -33.81 17.42
CA ALA A 421 -11.11 -34.88 17.08
C ALA A 421 -11.40 -35.53 15.77
N GLU A 422 -12.63 -35.52 15.29
CA GLU A 422 -12.94 -36.15 14.02
C GLU A 422 -12.27 -35.43 12.85
N VAL A 423 -11.63 -36.19 11.98
CA VAL A 423 -10.96 -35.64 10.80
C VAL A 423 -11.89 -35.68 9.70
N LEU A 424 -12.13 -34.55 9.04
CA LEU A 424 -13.14 -34.41 8.01
C LEU A 424 -12.51 -34.35 6.66
N LEU A 425 -13.11 -34.98 5.70
CA LEU A 425 -12.50 -35.05 4.36
C LEU A 425 -12.24 -33.72 3.75
N TRP A 426 -13.14 -32.74 4.00
CA TRP A 426 -12.92 -31.41 3.46
C TRP A 426 -11.67 -30.68 3.96
N GLN A 427 -11.08 -31.09 5.09
CA GLN A 427 -9.89 -30.55 5.65
C GLN A 427 -8.59 -30.96 4.85
N ASP A 428 -8.74 -31.78 3.80
CA ASP A 428 -7.55 -32.29 3.05
C ASP A 428 -6.52 -32.89 4.00
N PRO A 429 -6.92 -33.86 4.82
CA PRO A 429 -6.09 -34.18 5.97
C PRO A 429 -4.75 -34.87 5.57
N ILE A 430 -3.81 -34.70 6.45
CA ILE A 430 -2.46 -35.24 6.28
C ILE A 430 -2.25 -36.22 7.43
N PRO A 431 -1.86 -37.44 7.16
CA PRO A 431 -1.62 -38.36 8.33
C PRO A 431 -0.52 -37.93 9.26
N ALA A 432 -0.65 -38.29 10.53
CA ALA A 432 0.43 -38.05 11.49
C ALA A 432 1.68 -38.83 11.11
N VAL A 433 2.84 -38.29 11.46
CA VAL A 433 4.10 -38.99 11.28
C VAL A 433 4.41 -39.67 12.57
N ASP A 434 4.76 -40.92 12.46
CA ASP A 434 4.96 -41.82 13.67
C ASP A 434 6.33 -42.49 13.59
N HIS A 435 7.35 -41.82 13.01
CA HIS A 435 8.64 -42.43 12.84
C HIS A 435 9.69 -41.33 12.86
N PRO A 436 10.95 -41.68 13.10
CA PRO A 436 12.03 -40.66 13.08
C PRO A 436 12.19 -40.10 11.66
N LEU A 437 12.54 -38.84 11.63
CA LEU A 437 12.76 -38.15 10.34
C LEU A 437 14.20 -38.19 9.91
N ILE A 438 14.41 -38.03 8.62
CA ILE A 438 15.74 -37.96 8.07
C ILE A 438 16.50 -36.75 8.60
N ASP A 439 17.82 -36.98 8.80
CA ASP A 439 18.68 -35.87 9.24
C ASP A 439 19.44 -35.26 8.13
N ALA A 440 20.38 -34.32 8.43
CA ALA A 440 21.02 -33.51 7.40
C ALA A 440 21.88 -34.47 6.51
N ALA A 441 22.53 -35.46 7.10
CA ALA A 441 23.35 -36.40 6.36
C ALA A 441 22.52 -37.26 5.45
N ASP A 442 21.35 -37.66 5.94
CA ASP A 442 20.41 -38.44 5.10
C ASP A 442 19.94 -37.60 3.95
N ALA A 443 19.65 -36.33 4.18
CA ALA A 443 19.19 -35.44 3.14
C ALA A 443 20.26 -35.29 2.06
N ALA A 444 21.52 -35.13 2.48
CA ALA A 444 22.62 -35.08 1.53
C ALA A 444 22.78 -36.33 0.73
N GLU A 445 22.59 -37.48 1.36
CA GLU A 445 22.67 -38.78 0.67
C GLU A 445 21.58 -38.88 -0.36
N LEU A 446 20.36 -38.51 0.03
CA LEU A 446 19.20 -38.55 -0.92
C LEU A 446 19.38 -37.59 -2.08
N LYS A 447 19.85 -36.36 -1.83
CA LYS A 447 20.06 -35.36 -2.94
C LYS A 447 21.07 -35.98 -3.93
N ALA A 448 22.11 -36.65 -3.39
CA ALA A 448 23.12 -37.21 -4.39
C ALA A 448 22.49 -38.36 -5.18
N LYS A 449 21.73 -39.25 -4.51
CA LYS A 449 21.04 -40.37 -5.18
C LYS A 449 20.09 -39.80 -6.24
N VAL A 450 19.35 -38.71 -5.91
CA VAL A 450 18.45 -38.14 -6.88
C VAL A 450 19.26 -37.63 -8.14
N LEU A 451 20.34 -36.96 -7.96
CA LEU A 451 21.13 -36.34 -9.04
C LEU A 451 21.80 -37.55 -9.89
N ALA A 452 22.09 -38.62 -9.19
CA ALA A 452 22.79 -39.78 -9.85
C ALA A 452 21.78 -40.57 -10.65
N SER A 453 20.46 -40.42 -10.49
CA SER A 453 19.45 -41.14 -11.16
C SER A 453 19.39 -40.76 -12.61
N GLY A 454 19.85 -39.58 -13.00
CA GLY A 454 19.68 -39.03 -14.30
C GLY A 454 18.48 -38.02 -14.46
N LEU A 455 17.70 -37.85 -13.41
CA LEU A 455 16.67 -36.81 -13.49
C LEU A 455 17.36 -35.47 -13.73
N THR A 456 16.83 -34.64 -14.57
CA THR A 456 17.48 -33.38 -14.86
C THR A 456 17.02 -32.23 -13.90
N VAL A 457 17.82 -31.17 -13.92
CA VAL A 457 17.46 -29.94 -13.19
C VAL A 457 16.07 -29.58 -13.56
N SER A 458 15.73 -29.48 -14.86
CA SER A 458 14.39 -29.15 -15.23
C SER A 458 13.32 -30.05 -14.73
N GLN A 459 13.49 -31.37 -14.83
CA GLN A 459 12.51 -32.25 -14.26
C GLN A 459 12.34 -32.11 -12.70
N LEU A 460 13.41 -31.87 -11.99
CA LEU A 460 13.37 -31.86 -10.55
C LEU A 460 12.69 -30.50 -10.09
N VAL A 461 13.08 -29.41 -10.72
CA VAL A 461 12.52 -28.10 -10.39
C VAL A 461 11.04 -28.08 -10.74
N SER A 462 10.72 -28.53 -11.96
CA SER A 462 9.35 -28.47 -12.43
C SER A 462 8.43 -29.31 -11.51
N THR A 463 8.86 -30.53 -11.11
CA THR A 463 8.05 -31.41 -10.26
C THR A 463 7.75 -30.79 -8.85
N ALA A 464 8.84 -30.27 -8.27
CA ALA A 464 8.70 -29.69 -6.95
C ALA A 464 7.84 -28.38 -7.01
N TRP A 465 8.03 -27.61 -8.07
CA TRP A 465 7.19 -26.40 -8.30
C TRP A 465 5.74 -26.79 -8.38
N ALA A 466 5.47 -27.80 -9.22
CA ALA A 466 4.07 -28.31 -9.40
C ALA A 466 3.45 -28.74 -8.14
N ALA A 467 4.20 -29.40 -7.24
CA ALA A 467 3.67 -29.94 -6.00
C ALA A 467 3.43 -28.79 -5.00
N ALA A 468 4.36 -27.84 -4.91
CA ALA A 468 4.28 -26.84 -3.83
C ALA A 468 3.41 -25.67 -4.17
N SER A 469 3.30 -25.32 -5.45
CA SER A 469 2.69 -24.01 -5.85
C SER A 469 1.19 -24.06 -5.94
N THR A 470 0.56 -25.19 -5.52
CA THR A 470 -0.88 -25.27 -5.38
C THR A 470 -1.37 -24.49 -4.12
N PHE A 471 -0.44 -24.16 -3.20
CA PHE A 471 -0.82 -23.41 -1.99
C PHE A 471 -1.45 -22.12 -2.34
N ARG A 472 -2.45 -21.76 -1.56
CA ARG A 472 -2.94 -20.37 -1.60
C ARG A 472 -3.19 -19.87 -0.19
N GLY A 473 -2.75 -18.67 0.11
CA GLY A 473 -2.80 -18.13 1.45
C GLY A 473 -4.23 -17.64 1.80
N SER A 474 -5.07 -17.53 0.81
CA SER A 474 -6.41 -17.08 1.01
C SER A 474 -7.20 -18.04 1.96
N ASP A 475 -7.13 -19.31 1.70
CA ASP A 475 -7.76 -20.34 2.59
C ASP A 475 -6.78 -21.40 3.09
N LYS A 476 -5.47 -21.23 2.83
CA LYS A 476 -4.39 -22.06 3.30
C LYS A 476 -4.54 -23.49 2.83
N ARG A 477 -5.24 -23.68 1.73
CA ARG A 477 -5.25 -24.99 1.08
C ARG A 477 -4.08 -25.15 0.13
N GLY A 478 -3.78 -26.40 -0.22
CA GLY A 478 -2.72 -26.72 -1.16
C GLY A 478 -1.33 -26.76 -0.54
N GLY A 479 -0.35 -26.95 -1.43
CA GLY A 479 1.05 -27.12 -1.01
C GLY A 479 1.52 -28.55 -1.16
N ALA A 480 2.80 -28.73 -0.95
CA ALA A 480 3.39 -30.01 -1.20
C ALA A 480 3.18 -31.08 -0.12
N ASN A 481 2.77 -30.69 1.10
CA ASN A 481 2.46 -31.67 2.10
C ASN A 481 1.30 -32.58 1.58
N GLY A 482 1.45 -33.88 1.85
CA GLY A 482 0.42 -34.80 1.35
C GLY A 482 0.84 -35.61 0.14
N ALA A 483 1.78 -35.11 -0.63
CA ALA A 483 2.15 -35.71 -1.89
C ALA A 483 0.88 -35.98 -2.74
N ARG A 484 0.01 -35.00 -2.77
CA ARG A 484 -1.23 -35.15 -3.54
C ARG A 484 -0.99 -34.99 -5.05
N ILE A 485 0.20 -34.57 -5.42
CA ILE A 485 0.58 -34.50 -6.80
C ILE A 485 0.53 -35.92 -7.46
N ARG A 486 0.69 -36.95 -6.66
CA ARG A 486 0.74 -38.36 -7.22
C ARG A 486 -0.67 -38.90 -7.36
N LEU A 487 -1.65 -38.20 -6.85
CA LEU A 487 -3.05 -38.67 -6.77
C LEU A 487 -3.90 -38.04 -7.75
N ALA A 488 -5.15 -38.55 -8.00
CA ALA A 488 -6.15 -37.82 -8.71
C ALA A 488 -6.65 -36.63 -7.85
N PRO A 489 -6.94 -35.45 -8.41
CA PRO A 489 -6.81 -35.12 -9.83
C PRO A 489 -5.48 -34.45 -10.22
N GLN A 490 -4.60 -34.15 -9.22
CA GLN A 490 -3.38 -33.43 -9.54
C GLN A 490 -2.48 -34.04 -10.56
N LYS A 491 -2.44 -35.38 -10.53
CA LYS A 491 -1.52 -36.10 -11.42
C LYS A 491 -1.89 -35.95 -12.84
N ASP A 492 -3.14 -35.58 -13.11
CA ASP A 492 -3.63 -35.41 -14.48
C ASP A 492 -3.87 -34.03 -14.93
N TRP A 493 -3.52 -33.03 -14.15
CA TRP A 493 -3.67 -31.64 -14.60
C TRP A 493 -2.73 -31.34 -15.68
N GLU A 494 -3.22 -30.66 -16.72
CA GLU A 494 -2.41 -30.29 -17.82
C GLU A 494 -1.10 -29.56 -17.47
N ALA A 495 -1.23 -28.62 -16.55
CA ALA A 495 -0.07 -27.81 -16.14
C ALA A 495 1.02 -28.68 -15.53
N ASN A 496 0.67 -29.83 -15.00
CA ASN A 496 1.60 -30.70 -14.33
C ASN A 496 2.25 -31.68 -15.29
N GLN A 497 1.91 -31.64 -16.55
CA GLN A 497 2.57 -32.47 -17.56
C GLN A 497 2.51 -33.95 -17.25
N PRO A 498 1.31 -34.56 -17.34
CA PRO A 498 1.07 -35.84 -16.72
C PRO A 498 2.02 -36.94 -17.05
N GLU A 499 2.38 -37.09 -18.33
CA GLU A 499 3.38 -38.13 -18.68
C GLU A 499 4.76 -37.91 -18.16
N GLN A 500 5.23 -36.69 -18.22
CA GLN A 500 6.53 -36.35 -17.71
C GLN A 500 6.50 -36.61 -16.16
N LEU A 501 5.45 -36.11 -15.49
CA LEU A 501 5.33 -36.24 -14.06
C LEU A 501 5.38 -37.70 -13.61
N ALA A 502 4.58 -38.52 -14.20
CA ALA A 502 4.59 -39.95 -13.91
C ALA A 502 5.95 -40.57 -13.97
N ALA A 503 6.76 -40.24 -14.96
CA ALA A 503 8.12 -40.75 -15.07
C ALA A 503 9.01 -40.32 -13.90
N VAL A 504 8.91 -39.04 -13.55
CA VAL A 504 9.68 -38.50 -12.42
C VAL A 504 9.31 -39.17 -11.11
N LEU A 505 7.99 -39.30 -10.89
CA LEU A 505 7.47 -39.89 -9.68
C LEU A 505 7.89 -41.38 -9.57
N GLU A 506 7.90 -42.07 -10.70
CA GLU A 506 8.39 -43.45 -10.62
C GLU A 506 9.82 -43.60 -10.24
N THR A 507 10.68 -42.73 -10.73
CA THR A 507 12.06 -42.68 -10.35
C THR A 507 12.18 -42.38 -8.88
N LEU A 508 11.51 -41.28 -8.42
CA LEU A 508 11.67 -40.93 -7.00
C LEU A 508 11.15 -42.01 -6.08
N GLU A 509 10.05 -42.70 -6.48
CA GLU A 509 9.44 -43.74 -5.66
C GLU A 509 10.49 -44.89 -5.56
N ALA A 510 11.26 -45.13 -6.58
CA ALA A 510 12.28 -46.22 -6.51
C ALA A 510 13.39 -45.86 -5.56
N ILE A 511 13.81 -44.57 -5.64
CA ILE A 511 14.86 -44.08 -4.67
C ILE A 511 14.32 -44.16 -3.28
N ARG A 512 13.11 -43.74 -3.03
CA ARG A 512 12.51 -43.82 -1.76
C ARG A 512 12.49 -45.26 -1.14
N THR A 513 12.04 -46.17 -1.97
CA THR A 513 11.93 -47.61 -1.61
C THR A 513 13.27 -48.12 -1.20
N ALA A 514 14.30 -47.79 -1.94
CA ALA A 514 15.61 -48.24 -1.69
C ALA A 514 16.16 -47.66 -0.39
N PHE A 515 15.97 -46.32 -0.21
CA PHE A 515 16.46 -45.73 1.02
C PHE A 515 15.71 -46.24 2.21
N ASN A 516 14.40 -46.37 2.18
CA ASN A 516 13.60 -46.73 3.30
C ASN A 516 13.93 -48.23 3.67
N GLY A 517 14.18 -49.01 2.65
CA GLY A 517 14.45 -50.48 2.93
C GLY A 517 15.79 -50.63 3.61
N ALA A 518 16.68 -49.68 3.52
CA ALA A 518 17.99 -49.80 4.10
C ALA A 518 18.05 -49.33 5.52
N GLN A 519 17.00 -48.70 6.07
CA GLN A 519 17.12 -48.06 7.34
C GLN A 519 16.93 -49.01 8.46
N ARG A 520 17.49 -48.57 9.61
CA ARG A 520 17.11 -49.06 10.94
C ARG A 520 16.26 -48.07 11.75
N GLY A 521 15.60 -48.73 12.66
CA GLY A 521 14.97 -48.07 13.78
C GLY A 521 13.74 -47.33 13.35
N GLY A 522 13.21 -47.73 12.20
CA GLY A 522 11.95 -47.14 11.76
C GLY A 522 12.11 -45.82 10.97
N LYS A 523 13.30 -45.24 10.86
CA LYS A 523 13.43 -44.02 10.05
C LYS A 523 12.95 -44.30 8.61
N GLN A 524 12.18 -43.34 8.03
CA GLN A 524 11.80 -43.41 6.64
C GLN A 524 11.58 -42.00 6.11
N VAL A 525 11.60 -41.87 4.83
CA VAL A 525 11.26 -40.62 4.15
C VAL A 525 10.00 -40.78 3.36
N SER A 526 9.11 -39.81 3.56
CA SER A 526 7.88 -39.72 2.81
C SER A 526 8.12 -39.28 1.37
N LEU A 527 7.22 -39.65 0.43
CA LEU A 527 7.34 -39.19 -0.91
C LEU A 527 7.18 -37.64 -0.96
N ALA A 528 6.30 -37.13 -0.14
CA ALA A 528 6.13 -35.67 -0.07
C ALA A 528 7.42 -34.93 0.20
N ASP A 529 8.14 -35.38 1.25
CA ASP A 529 9.44 -34.82 1.57
C ASP A 529 10.41 -35.06 0.41
N LEU A 530 10.45 -36.25 -0.17
CA LEU A 530 11.44 -36.48 -1.19
C LEU A 530 11.19 -35.69 -2.49
N ILE A 531 9.94 -35.43 -2.89
CA ILE A 531 9.64 -34.58 -3.99
C ILE A 531 10.28 -33.20 -3.77
N VAL A 532 10.07 -32.63 -2.58
CA VAL A 532 10.62 -31.37 -2.23
C VAL A 532 12.16 -31.41 -2.19
N LEU A 533 12.73 -32.39 -1.52
CA LEU A 533 14.17 -32.57 -1.46
C LEU A 533 14.79 -32.69 -2.82
N ALA A 534 14.10 -33.41 -3.69
CA ALA A 534 14.60 -33.56 -5.05
C ALA A 534 14.62 -32.26 -5.84
N GLY A 535 13.61 -31.41 -5.63
CA GLY A 535 13.64 -30.09 -6.18
C GLY A 535 14.76 -29.27 -5.65
N CYS A 536 15.03 -29.31 -4.34
CA CYS A 536 16.17 -28.72 -3.69
C CYS A 536 17.53 -29.16 -4.34
N ALA A 537 17.69 -30.44 -4.60
CA ALA A 537 18.85 -30.98 -5.30
C ALA A 537 18.95 -30.36 -6.70
N GLY A 538 17.84 -30.24 -7.39
CA GLY A 538 17.82 -29.58 -8.69
C GLY A 538 18.31 -28.16 -8.68
N VAL A 539 17.84 -27.39 -7.69
CA VAL A 539 18.27 -26.02 -7.59
C VAL A 539 19.79 -25.94 -7.21
N GLU A 540 20.24 -26.82 -6.31
CA GLU A 540 21.69 -26.88 -5.98
C GLU A 540 22.53 -27.22 -7.18
N GLN A 541 22.08 -28.19 -7.96
CA GLN A 541 22.74 -28.56 -9.16
C GLN A 541 22.78 -27.44 -10.24
N ALA A 542 21.70 -26.70 -10.39
CA ALA A 542 21.69 -25.58 -11.28
C ALA A 542 22.66 -24.51 -10.80
N ALA A 543 22.77 -24.29 -9.53
CA ALA A 543 23.71 -23.33 -9.01
C ALA A 543 25.13 -23.81 -9.28
N LYS A 544 25.38 -25.08 -9.12
CA LYS A 544 26.69 -25.62 -9.42
C LYS A 544 27.03 -25.52 -10.88
N ASN A 545 26.04 -25.75 -11.77
CA ASN A 545 26.19 -25.53 -13.20
C ASN A 545 26.63 -24.13 -13.53
N ALA A 546 26.30 -23.16 -12.70
CA ALA A 546 26.66 -21.75 -12.84
C ALA A 546 27.92 -21.40 -12.20
N GLY A 547 28.57 -22.34 -11.52
CA GLY A 547 29.73 -22.00 -10.68
C GLY A 547 29.53 -21.57 -9.31
N HIS A 548 28.43 -21.91 -8.65
CA HIS A 548 28.11 -21.42 -7.33
C HIS A 548 27.77 -22.65 -6.48
N ALA A 549 28.41 -22.79 -5.35
CA ALA A 549 28.16 -23.94 -4.46
C ALA A 549 27.16 -23.33 -3.42
N VAL A 550 25.93 -23.88 -3.40
CA VAL A 550 24.98 -23.44 -2.41
C VAL A 550 24.27 -24.59 -1.87
N THR A 551 23.83 -24.51 -0.63
CA THR A 551 23.00 -25.48 -0.01
C THR A 551 21.57 -24.88 0.08
N VAL A 552 20.56 -25.54 -0.50
CA VAL A 552 19.20 -25.08 -0.34
C VAL A 552 18.63 -25.69 0.95
N PRO A 553 18.05 -24.89 1.84
CA PRO A 553 17.43 -25.39 3.06
C PRO A 553 16.32 -26.41 2.75
N PHE A 554 16.20 -27.37 3.67
CA PHE A 554 15.11 -28.38 3.54
C PHE A 554 14.68 -28.76 4.93
N ALA A 555 13.36 -28.82 5.10
CA ALA A 555 12.82 -29.25 6.34
C ALA A 555 11.96 -30.46 6.18
N PRO A 556 12.35 -31.59 6.73
CA PRO A 556 11.48 -32.80 6.60
C PRO A 556 10.25 -32.74 7.50
N GLY A 557 9.36 -33.71 7.34
CA GLY A 557 8.21 -33.87 8.19
C GLY A 557 6.89 -33.84 7.49
N ARG A 558 6.92 -33.75 6.18
CA ARG A 558 5.68 -33.89 5.42
C ARG A 558 5.28 -35.40 5.42
N ALA A 559 3.96 -35.61 5.24
CA ALA A 559 3.47 -36.98 5.12
C ALA A 559 2.71 -37.18 3.87
N ASP A 560 2.43 -38.45 3.58
CA ASP A 560 1.72 -38.79 2.33
C ASP A 560 0.27 -39.10 2.56
N ALA A 561 -0.63 -38.41 1.91
CA ALA A 561 -2.06 -38.63 2.05
C ALA A 561 -2.45 -39.68 1.04
N SER A 562 -3.54 -40.39 1.37
CA SER A 562 -4.14 -41.37 0.44
C SER A 562 -5.15 -40.80 -0.50
N GLN A 563 -5.48 -41.57 -1.52
CA GLN A 563 -6.55 -41.17 -2.41
C GLN A 563 -7.91 -41.05 -1.65
N GLU A 564 -8.09 -42.00 -0.70
CA GLU A 564 -9.37 -42.05 0.11
C GLU A 564 -9.46 -40.82 1.02
N GLN A 565 -8.34 -40.19 1.35
CA GLN A 565 -8.28 -38.96 2.13
C GLN A 565 -8.30 -37.75 1.28
N THR A 566 -8.62 -37.86 -0.02
CA THR A 566 -8.49 -36.75 -0.92
C THR A 566 -9.83 -36.66 -1.71
N ASP A 567 -10.52 -35.58 -1.46
CA ASP A 567 -11.74 -35.22 -2.22
C ASP A 567 -11.46 -34.67 -3.55
N VAL A 568 -11.64 -35.47 -4.62
CA VAL A 568 -11.27 -35.05 -5.92
C VAL A 568 -12.02 -33.82 -6.45
N GLU A 569 -13.32 -33.73 -6.16
CA GLU A 569 -14.11 -32.62 -6.68
C GLU A 569 -13.67 -31.27 -5.98
N SER A 570 -13.44 -31.31 -4.64
CA SER A 570 -12.95 -30.17 -3.90
C SER A 570 -11.54 -29.71 -4.34
N MET A 571 -10.70 -30.64 -4.77
CA MET A 571 -9.39 -30.32 -5.24
C MET A 571 -9.38 -29.56 -6.65
N ALA A 572 -10.48 -29.67 -7.41
CA ALA A 572 -10.53 -29.01 -8.67
C ALA A 572 -10.26 -27.56 -8.72
N VAL A 573 -10.75 -26.82 -7.68
CA VAL A 573 -10.42 -25.44 -7.66
C VAL A 573 -9.04 -25.04 -7.47
N LEU A 574 -8.19 -25.99 -7.11
CA LEU A 574 -6.82 -25.68 -7.00
C LEU A 574 -6.01 -25.86 -8.26
N GLU A 575 -6.66 -26.31 -9.34
CA GLU A 575 -5.94 -26.49 -10.62
C GLU A 575 -5.44 -25.10 -11.11
N PRO A 576 -4.19 -25.01 -11.44
CA PRO A 576 -3.69 -23.72 -12.01
C PRO A 576 -4.15 -23.71 -13.49
N VAL A 577 -5.03 -22.84 -13.79
CA VAL A 577 -5.33 -22.56 -15.13
C VAL A 577 -4.48 -21.42 -15.67
N ALA A 578 -3.88 -20.66 -14.77
CA ALA A 578 -2.91 -19.67 -15.26
C ALA A 578 -1.78 -19.78 -14.25
N ASP A 579 -0.55 -20.02 -14.72
CA ASP A 579 0.60 -20.06 -13.81
C ASP A 579 1.71 -19.41 -14.51
N GLY A 580 1.82 -18.10 -14.36
CA GLY A 580 2.87 -17.43 -15.03
C GLY A 580 4.32 -17.83 -14.72
N PHE A 581 4.51 -18.46 -13.56
CA PHE A 581 5.76 -18.97 -13.18
C PHE A 581 6.23 -20.14 -14.08
N ARG A 582 5.28 -20.78 -14.72
CA ARG A 582 5.58 -21.81 -15.70
C ARG A 582 5.16 -21.40 -17.12
N ASN A 583 4.94 -20.10 -17.32
CA ASN A 583 4.49 -19.49 -18.60
C ASN A 583 3.25 -20.23 -19.15
N TYR A 584 2.29 -20.52 -18.28
CA TYR A 584 1.16 -21.40 -18.61
C TYR A 584 -0.17 -20.66 -18.55
N LEU A 585 -0.91 -20.80 -19.61
CA LEU A 585 -2.31 -20.40 -19.65
C LEU A 585 -3.14 -21.53 -20.31
N LYS A 586 -4.13 -21.98 -19.58
CA LYS A 586 -4.91 -23.17 -20.05
C LYS A 586 -5.79 -22.75 -21.22
N GLY A 587 -6.29 -21.53 -21.19
CA GLY A 587 -7.05 -21.01 -22.37
C GLY A 587 -6.98 -19.55 -22.51
N LYS A 588 -7.81 -18.93 -23.36
CA LYS A 588 -7.80 -17.46 -23.57
C LYS A 588 -8.78 -16.83 -22.60
N TYR A 589 -8.35 -15.81 -21.84
CA TYR A 589 -9.17 -15.24 -20.80
C TYR A 589 -9.33 -13.79 -21.12
N ARG A 590 -10.28 -13.18 -20.43
CA ARG A 590 -10.60 -11.78 -20.55
C ARG A 590 -9.50 -10.97 -19.88
N VAL A 591 -8.97 -11.54 -18.82
CA VAL A 591 -8.03 -10.80 -17.96
C VAL A 591 -6.60 -10.99 -18.54
N PRO A 592 -5.80 -9.91 -18.71
CA PRO A 592 -4.47 -10.10 -19.27
C PRO A 592 -3.58 -11.01 -18.34
N ALA A 593 -2.70 -11.75 -18.99
CA ALA A 593 -1.92 -12.68 -18.28
C ALA A 593 -1.09 -12.11 -17.19
N GLU A 594 -0.61 -10.87 -17.34
CA GLU A 594 0.17 -10.26 -16.27
C GLU A 594 -0.63 -10.00 -15.02
N VAL A 595 -1.87 -9.70 -15.19
CA VAL A 595 -2.79 -9.59 -14.06
C VAL A 595 -2.99 -10.90 -13.36
N LEU A 596 -3.06 -12.00 -14.13
CA LEU A 596 -3.18 -13.34 -13.54
C LEU A 596 -1.90 -13.74 -12.82
N LEU A 597 -0.73 -13.27 -13.32
CA LEU A 597 0.55 -13.49 -12.59
C LEU A 597 0.51 -12.86 -11.26
N VAL A 598 0.15 -11.59 -11.19
CA VAL A 598 0.14 -10.91 -9.89
C VAL A 598 -0.88 -11.54 -8.95
N ASP A 599 -2.03 -11.97 -9.47
CA ASP A 599 -3.02 -12.72 -8.68
C ASP A 599 -2.44 -14.00 -8.10
N LYS A 600 -1.71 -14.77 -8.92
CA LYS A 600 -1.04 -16.00 -8.40
C LYS A 600 0.04 -15.65 -7.35
N ALA A 601 0.82 -14.58 -7.57
CA ALA A 601 1.82 -14.19 -6.65
C ALA A 601 1.15 -13.85 -5.29
N GLN A 602 -0.01 -13.19 -5.36
CA GLN A 602 -0.67 -12.83 -4.10
C GLN A 602 -1.17 -14.12 -3.32
N LEU A 603 -1.68 -15.10 -4.06
CA LEU A 603 -2.07 -16.35 -3.51
C LEU A 603 -0.88 -17.10 -2.86
N LEU A 604 0.31 -17.04 -3.52
CA LEU A 604 1.52 -17.53 -2.98
C LEU A 604 2.16 -16.83 -1.81
N THR A 605 1.58 -15.69 -1.52
CA THR A 605 2.08 -14.73 -0.49
C THR A 605 3.40 -14.01 -0.83
N LEU A 606 3.68 -13.89 -2.12
CA LEU A 606 4.93 -13.29 -2.58
C LEU A 606 4.84 -11.80 -2.70
N SER A 607 5.92 -11.13 -2.29
CA SER A 607 6.07 -9.72 -2.67
C SER A 607 6.43 -9.51 -4.11
N ALA A 608 6.47 -8.26 -4.56
CA ALA A 608 6.90 -8.03 -5.92
C ALA A 608 8.36 -8.41 -6.13
N PRO A 609 9.29 -8.10 -5.24
CA PRO A 609 10.63 -8.61 -5.44
C PRO A 609 10.72 -10.10 -5.46
N GLU A 610 9.99 -10.75 -4.55
CA GLU A 610 10.01 -12.22 -4.54
C GLU A 610 9.47 -12.80 -5.87
N MET A 611 8.32 -12.29 -6.34
CA MET A 611 7.75 -12.71 -7.62
C MET A 611 8.78 -12.61 -8.72
N THR A 612 9.50 -11.50 -8.77
CA THR A 612 10.42 -11.17 -9.90
C THR A 612 11.60 -12.15 -9.89
N VAL A 613 12.25 -12.31 -8.72
CA VAL A 613 13.38 -13.24 -8.66
C VAL A 613 13.00 -14.65 -9.00
N LEU A 614 11.86 -15.02 -8.46
CA LEU A 614 11.38 -16.42 -8.65
C LEU A 614 11.13 -16.70 -10.12
N LEU A 615 10.41 -15.80 -10.76
CA LEU A 615 10.05 -16.03 -12.19
C LEU A 615 11.28 -16.08 -13.04
N GLY A 616 12.18 -15.14 -12.84
CA GLY A 616 13.44 -15.08 -13.69
C GLY A 616 14.28 -16.34 -13.48
N GLY A 617 14.31 -16.88 -12.29
CA GLY A 617 15.03 -18.12 -12.07
C GLY A 617 14.35 -19.31 -12.63
N LEU A 618 13.08 -19.43 -12.46
CA LEU A 618 12.32 -20.55 -13.06
C LEU A 618 12.50 -20.59 -14.53
N ARG A 619 12.52 -19.42 -15.16
CA ARG A 619 12.62 -19.43 -16.70
C ARG A 619 13.91 -20.13 -17.12
N VAL A 620 15.03 -19.84 -16.45
CA VAL A 620 16.25 -20.42 -16.90
C VAL A 620 16.51 -21.80 -16.37
N LEU A 621 15.80 -22.27 -15.39
CA LEU A 621 15.86 -23.70 -14.87
C LEU A 621 15.09 -24.64 -15.73
N GLY A 622 14.27 -24.17 -16.65
CA GLY A 622 13.49 -25.10 -17.45
C GLY A 622 12.17 -25.44 -16.89
N ALA A 623 11.57 -24.57 -16.06
CA ALA A 623 10.30 -24.85 -15.50
C ALA A 623 9.06 -24.65 -16.34
N ASN A 624 9.21 -24.05 -17.56
CA ASN A 624 8.09 -23.81 -18.37
C ASN A 624 7.35 -25.11 -18.78
N VAL A 625 6.04 -25.07 -18.76
CA VAL A 625 5.21 -26.21 -19.26
C VAL A 625 5.56 -26.39 -20.72
N GLY A 626 5.73 -27.71 -21.06
CA GLY A 626 5.96 -28.06 -22.50
C GLY A 626 7.29 -27.71 -23.01
N GLN A 627 8.23 -27.38 -22.15
CA GLN A 627 9.54 -27.01 -22.60
C GLN A 627 9.51 -25.75 -23.57
N SER A 628 8.50 -24.92 -23.42
CA SER A 628 8.38 -23.68 -24.19
C SER A 628 9.63 -22.89 -24.04
N ARG A 629 10.07 -22.24 -25.13
CA ARG A 629 11.24 -21.36 -25.09
C ARG A 629 10.81 -19.91 -24.69
N HIS A 630 9.52 -19.67 -24.55
CA HIS A 630 9.12 -18.28 -24.23
C HIS A 630 9.69 -17.82 -22.91
N GLY A 631 10.41 -16.70 -22.91
CA GLY A 631 11.04 -16.17 -21.73
C GLY A 631 12.32 -16.85 -21.32
N VAL A 632 12.80 -17.90 -22.07
CA VAL A 632 13.99 -18.58 -21.65
C VAL A 632 15.13 -17.83 -22.24
N PHE A 633 15.47 -16.70 -21.63
CA PHE A 633 16.45 -15.83 -22.19
C PHE A 633 17.88 -16.10 -21.75
N THR A 634 18.33 -17.29 -22.11
CA THR A 634 19.66 -17.74 -21.72
C THR A 634 20.16 -18.71 -22.80
N ALA A 635 21.49 -18.85 -22.88
CA ALA A 635 22.12 -19.91 -23.63
C ALA A 635 22.71 -20.92 -22.70
N ARG A 636 22.38 -20.83 -21.40
CA ARG A 636 22.80 -21.92 -20.45
C ARG A 636 21.62 -22.32 -19.61
N GLU A 637 20.64 -22.83 -20.25
CA GLU A 637 19.48 -23.40 -19.57
C GLU A 637 19.92 -24.51 -18.58
N GLN A 638 19.25 -24.49 -17.40
CA GLN A 638 19.53 -25.39 -16.27
C GLN A 638 20.73 -24.97 -15.49
N ALA A 639 21.21 -23.76 -15.71
CA ALA A 639 22.15 -23.08 -14.87
C ALA A 639 21.43 -21.87 -14.20
N LEU A 640 21.62 -21.75 -12.90
CA LEU A 640 20.94 -20.68 -12.12
C LEU A 640 21.74 -19.45 -12.24
N THR A 641 21.34 -18.57 -13.14
CA THR A 641 22.02 -17.30 -13.38
C THR A 641 20.89 -16.21 -13.49
N ASN A 642 21.35 -14.99 -13.55
CA ASN A 642 20.47 -13.83 -13.76
C ASN A 642 20.23 -13.50 -15.22
N ASP A 643 20.50 -14.45 -16.11
CA ASP A 643 20.44 -14.17 -17.53
C ASP A 643 19.05 -13.67 -17.98
N PHE A 644 17.97 -14.07 -17.36
CA PHE A 644 16.64 -13.61 -17.76
C PHE A 644 16.63 -12.06 -17.77
N PHE A 645 17.13 -11.47 -16.65
CA PHE A 645 17.06 -10.04 -16.47
C PHE A 645 18.06 -9.34 -17.34
N VAL A 646 19.28 -9.85 -17.47
CA VAL A 646 20.30 -9.14 -18.28
C VAL A 646 19.83 -9.13 -19.71
N ASN A 647 19.33 -10.26 -20.20
CA ASN A 647 18.85 -10.26 -21.59
C ASN A 647 17.54 -9.51 -21.79
N LEU A 648 16.62 -9.59 -20.86
CA LEU A 648 15.36 -8.85 -21.03
C LEU A 648 15.64 -7.35 -21.16
N LEU A 649 16.59 -6.86 -20.36
CA LEU A 649 16.82 -5.46 -20.29
C LEU A 649 17.78 -4.86 -21.35
N ASP A 650 18.22 -5.73 -22.24
CA ASP A 650 19.23 -5.33 -23.24
C ASP A 650 18.59 -4.51 -24.34
N MET A 651 18.94 -3.21 -24.40
CA MET A 651 18.26 -2.30 -25.39
C MET A 651 18.65 -2.70 -26.84
N GLY A 652 19.71 -3.51 -26.98
CA GLY A 652 20.04 -4.03 -28.32
C GLY A 652 18.98 -4.90 -28.93
N THR A 653 17.97 -5.30 -28.19
CA THR A 653 16.86 -6.13 -28.69
C THR A 653 15.59 -5.34 -28.78
N GLU A 654 14.92 -5.41 -29.91
CA GLU A 654 13.62 -4.84 -30.13
C GLU A 654 12.52 -5.84 -30.10
N TRP A 655 11.35 -5.50 -29.52
CA TRP A 655 10.30 -6.48 -29.39
C TRP A 655 9.05 -6.05 -30.13
N LYS A 656 8.44 -7.02 -30.79
CA LYS A 656 7.17 -6.82 -31.52
C LYS A 656 6.22 -7.97 -31.39
N PRO A 657 4.94 -7.75 -31.25
CA PRO A 657 3.94 -8.85 -31.22
C PRO A 657 3.96 -9.64 -32.53
N THR A 658 3.69 -10.93 -32.46
CA THR A 658 3.65 -11.74 -33.70
C THR A 658 2.32 -11.56 -34.34
N ALA A 659 2.36 -11.73 -35.65
CA ALA A 659 1.11 -11.77 -36.53
C ALA A 659 0.20 -12.92 -36.15
N ALA A 660 0.76 -14.13 -35.94
CA ALA A 660 -0.02 -15.32 -35.44
C ALA A 660 -0.76 -15.09 -34.10
N ASP A 661 -0.10 -14.36 -33.15
CA ASP A 661 -0.62 -14.24 -31.81
C ASP A 661 -0.09 -12.90 -31.18
N ALA A 662 -1.00 -11.97 -30.87
CA ALA A 662 -0.71 -10.62 -30.35
C ALA A 662 -0.08 -10.72 -28.93
N ASP A 663 -0.24 -11.90 -28.32
CA ASP A 663 0.21 -12.21 -26.94
C ASP A 663 1.57 -12.84 -26.84
N VAL A 664 2.19 -13.10 -27.99
CA VAL A 664 3.53 -13.59 -28.12
C VAL A 664 4.36 -12.56 -28.84
N PHE A 665 5.58 -12.30 -28.37
CA PHE A 665 6.42 -11.35 -28.88
C PHE A 665 7.72 -11.89 -29.38
N GLU A 666 8.27 -11.32 -30.47
CA GLU A 666 9.59 -11.64 -30.93
C GLU A 666 10.59 -10.60 -30.55
N GLY A 667 11.74 -11.02 -30.05
CA GLY A 667 12.87 -10.09 -29.72
C GLY A 667 13.91 -10.28 -30.80
N ARG A 668 14.15 -9.22 -31.61
CA ARG A 668 15.18 -9.23 -32.65
C ARG A 668 16.24 -8.31 -32.42
N ASP A 669 17.45 -8.64 -32.86
CA ASP A 669 18.53 -7.70 -32.80
C ASP A 669 18.16 -6.42 -33.57
N ARG A 670 18.37 -5.26 -32.92
CA ARG A 670 17.90 -4.01 -33.46
C ARG A 670 18.66 -3.57 -34.72
N ALA A 671 19.89 -3.96 -34.84
CA ALA A 671 20.78 -3.57 -35.93
C ALA A 671 20.61 -4.59 -37.04
N THR A 672 20.53 -5.89 -36.74
CA THR A 672 20.43 -6.93 -37.84
C THR A 672 19.17 -7.55 -38.14
N GLY A 673 18.15 -7.44 -37.29
CA GLY A 673 16.97 -8.17 -37.50
C GLY A 673 16.94 -9.63 -37.12
N GLU A 674 18.06 -10.15 -36.67
CA GLU A 674 18.15 -11.55 -36.33
C GLU A 674 17.23 -11.88 -35.09
N LEU A 675 16.49 -12.95 -35.19
CA LEU A 675 15.61 -13.38 -34.13
C LEU A 675 16.44 -13.89 -32.99
N LYS A 676 16.27 -13.34 -31.79
CA LYS A 676 17.01 -13.77 -30.61
C LYS A 676 16.19 -14.58 -29.63
N TRP A 677 14.92 -14.19 -29.40
CA TRP A 677 14.11 -14.71 -28.34
C TRP A 677 12.63 -14.62 -28.70
N THR A 678 11.76 -15.37 -28.01
CA THR A 678 10.35 -15.10 -28.01
C THR A 678 9.93 -14.97 -26.56
N GLY A 679 8.84 -14.30 -26.33
CA GLY A 679 8.33 -14.09 -24.93
C GLY A 679 6.84 -13.83 -24.99
N THR A 680 6.20 -14.05 -23.84
CA THR A 680 4.82 -13.78 -23.62
C THR A 680 4.67 -12.43 -22.86
N ARG A 681 3.45 -12.03 -22.68
CA ARG A 681 3.14 -10.85 -21.85
C ARG A 681 3.68 -11.00 -20.42
N VAL A 682 3.63 -12.19 -19.90
CA VAL A 682 4.18 -12.39 -18.55
C VAL A 682 5.66 -12.18 -18.53
N ASP A 683 6.38 -12.61 -19.56
CA ASP A 683 7.83 -12.31 -19.61
C ASP A 683 8.10 -10.84 -19.78
N LEU A 684 7.42 -10.20 -20.70
CA LEU A 684 7.81 -8.86 -21.06
C LEU A 684 7.25 -7.81 -20.14
N VAL A 685 6.30 -8.15 -19.28
CA VAL A 685 5.81 -7.11 -18.31
C VAL A 685 6.98 -6.64 -17.44
N PHE A 686 7.96 -7.47 -17.20
CA PHE A 686 9.14 -7.13 -16.40
C PHE A 686 10.01 -6.06 -17.01
N GLY A 687 9.86 -5.87 -18.33
CA GLY A 687 10.56 -4.84 -19.02
C GLY A 687 9.70 -3.66 -19.40
N SER A 688 8.44 -3.70 -19.00
CA SER A 688 7.49 -2.63 -19.36
C SER A 688 7.00 -1.89 -18.14
N HIS A 689 6.44 -2.58 -17.15
CA HIS A 689 5.87 -1.95 -15.97
C HIS A 689 6.97 -1.23 -15.24
N SER A 690 6.69 0.05 -14.86
CA SER A 690 7.81 0.83 -14.34
C SER A 690 8.32 0.36 -13.00
N GLN A 691 7.47 -0.20 -12.13
CA GLN A 691 7.93 -0.76 -10.86
CA GLN A 691 7.95 -0.78 -10.86
C GLN A 691 8.62 -2.12 -11.07
N LEU A 692 8.03 -3.02 -11.88
CA LEU A 692 8.65 -4.28 -12.10
C LEU A 692 10.03 -4.14 -12.84
N ARG A 693 10.12 -3.19 -13.79
CA ARG A 693 11.35 -3.00 -14.49
C ARG A 693 12.41 -2.51 -13.49
N ALA A 694 12.04 -1.69 -12.50
CA ALA A 694 13.04 -1.24 -11.52
C ALA A 694 13.56 -2.46 -10.72
N LEU A 695 12.70 -3.45 -10.44
CA LEU A 695 13.14 -4.64 -9.73
C LEU A 695 14.05 -5.44 -10.65
N ALA A 696 13.65 -5.64 -11.89
CA ALA A 696 14.47 -6.40 -12.87
C ALA A 696 15.88 -5.82 -12.98
N GLU A 697 16.01 -4.48 -12.96
CA GLU A 697 17.27 -3.79 -13.08
C GLU A 697 18.22 -4.20 -11.96
N VAL A 698 17.70 -4.31 -10.73
CA VAL A 698 18.56 -4.72 -9.61
C VAL A 698 19.20 -6.11 -9.89
N TYR A 699 18.36 -7.04 -10.36
CA TYR A 699 18.85 -8.37 -10.55
C TYR A 699 19.58 -8.54 -11.87
N GLY A 700 19.42 -7.62 -12.84
CA GLY A 700 20.15 -7.60 -14.07
C GLY A 700 21.42 -6.76 -14.09
N SER A 701 21.87 -6.32 -12.92
CA SER A 701 23.07 -5.51 -12.80
C SER A 701 24.31 -6.38 -12.73
N ALA A 702 25.44 -5.81 -12.93
CA ALA A 702 26.70 -6.62 -13.05
C ALA A 702 27.12 -7.13 -11.65
N ASP A 703 26.65 -6.49 -10.61
CA ASP A 703 26.97 -6.84 -9.24
C ASP A 703 26.01 -7.85 -8.61
N ALA A 704 25.07 -8.40 -9.38
CA ALA A 704 23.94 -9.06 -8.83
C ALA A 704 23.95 -10.58 -8.82
N GLN A 705 25.02 -11.22 -9.33
CA GLN A 705 24.86 -12.67 -9.49
C GLN A 705 24.72 -13.38 -8.13
N GLU A 706 25.51 -12.97 -7.12
CA GLU A 706 25.44 -13.58 -5.79
C GLU A 706 24.04 -13.32 -5.16
N LYS A 707 23.61 -12.06 -5.27
CA LYS A 707 22.32 -11.67 -4.77
C LYS A 707 21.16 -12.39 -5.41
N PHE A 708 21.23 -12.57 -6.68
CA PHE A 708 20.19 -13.27 -7.39
C PHE A 708 20.09 -14.74 -6.89
N VAL A 709 21.23 -15.42 -6.76
CA VAL A 709 21.26 -16.81 -6.32
C VAL A 709 20.68 -16.84 -4.90
N ARG A 710 21.18 -16.03 -4.00
CA ARG A 710 20.74 -16.04 -2.60
C ARG A 710 19.23 -15.78 -2.48
N ASP A 711 18.74 -14.75 -3.19
CA ASP A 711 17.36 -14.43 -3.13
C ASP A 711 16.44 -15.50 -3.76
N PHE A 712 16.96 -16.14 -4.85
CA PHE A 712 16.20 -17.19 -5.51
C PHE A 712 16.06 -18.35 -4.51
N VAL A 713 17.16 -18.80 -3.90
CA VAL A 713 17.14 -19.87 -2.97
C VAL A 713 16.10 -19.57 -1.84
N ALA A 714 16.14 -18.37 -1.29
CA ALA A 714 15.27 -17.99 -0.25
C ALA A 714 13.81 -18.04 -0.65
N VAL A 715 13.46 -17.58 -1.82
CA VAL A 715 12.05 -17.63 -2.24
C VAL A 715 11.61 -19.01 -2.60
N TRP A 716 12.53 -19.79 -3.18
CA TRP A 716 12.22 -21.22 -3.44
C TRP A 716 11.89 -21.95 -2.15
N ASN A 717 12.71 -21.74 -1.11
CA ASN A 717 12.50 -22.38 0.16
C ASN A 717 11.15 -21.88 0.75
N LYS A 718 10.86 -20.58 0.62
CA LYS A 718 9.60 -20.06 1.11
C LYS A 718 8.41 -20.80 0.48
N VAL A 719 8.45 -20.96 -0.83
CA VAL A 719 7.37 -21.70 -1.53
C VAL A 719 7.26 -23.14 -1.05
N MET A 720 8.39 -23.79 -0.94
CA MET A 720 8.39 -25.21 -0.50
C MET A 720 7.75 -25.35 0.91
N ASN A 721 7.82 -24.32 1.71
CA ASN A 721 7.38 -24.39 3.10
C ASN A 721 6.01 -23.75 3.37
N LEU A 722 5.27 -23.30 2.34
CA LEU A 722 4.07 -22.46 2.59
C LEU A 722 3.05 -23.20 3.46
N ASP A 723 2.92 -24.52 3.32
CA ASP A 723 1.87 -25.22 4.04
C ASP A 723 2.40 -25.86 5.32
N ARG A 724 3.62 -25.50 5.77
CA ARG A 724 4.25 -26.17 6.88
C ARG A 724 3.86 -25.59 8.23
N PHE A 725 2.57 -25.61 8.52
CA PHE A 725 2.07 -25.15 9.79
C PHE A 725 2.44 -26.04 10.95
N ASP A 726 2.84 -27.27 10.66
CA ASP A 726 3.51 -28.17 11.67
C ASP A 726 4.76 -27.60 12.16
N LEU A 727 5.42 -26.68 11.50
CA LEU A 727 6.67 -26.08 12.00
C LEU A 727 6.52 -24.71 12.61
N ALA A 728 5.37 -24.08 12.42
CA ALA A 728 4.99 -22.73 12.99
C ALA A 728 5.10 -22.75 14.53
N GLY B 16 -13.01 -3.78 -12.00
CA GLY B 16 -12.99 -4.27 -10.51
C GLY B 16 -13.24 -3.13 -9.52
N THR B 17 -14.38 -3.04 -8.84
CA THR B 17 -14.68 -1.82 -8.02
C THR B 17 -13.93 -1.87 -6.74
N SER B 18 -13.32 -0.78 -6.29
CA SER B 18 -12.47 -0.78 -5.14
C SER B 18 -13.10 0.17 -4.04
N ASN B 19 -12.48 0.16 -2.83
CA ASN B 19 -12.98 0.97 -1.75
C ASN B 19 -12.93 2.50 -2.07
N ARG B 20 -11.85 2.89 -2.80
CA ARG B 20 -11.71 4.29 -3.26
C ARG B 20 -12.86 4.65 -4.23
N ASP B 21 -13.36 3.70 -5.01
CA ASP B 21 -14.51 3.96 -5.88
C ASP B 21 -15.76 4.19 -5.04
N TRP B 22 -16.04 3.31 -4.04
CA TRP B 22 -17.24 3.43 -3.28
C TRP B 22 -17.25 4.64 -2.34
N TRP B 23 -16.10 4.98 -1.78
CA TRP B 23 -15.96 5.96 -0.71
C TRP B 23 -14.82 6.85 -1.10
N PRO B 24 -15.08 7.73 -2.10
CA PRO B 24 -13.89 8.40 -2.68
C PRO B 24 -13.35 9.46 -1.79
N ASN B 25 -14.07 9.87 -0.78
CA ASN B 25 -13.50 10.86 0.13
C ASN B 25 -13.04 10.30 1.46
N GLN B 26 -13.02 8.96 1.68
CA GLN B 26 -12.63 8.34 3.03
C GLN B 26 -11.10 8.66 3.00
N LEU B 27 -10.49 8.63 4.16
CA LEU B 27 -9.09 9.00 4.34
C LEU B 27 -8.24 7.81 3.80
N ASP B 28 -7.15 8.08 3.12
CA ASP B 28 -6.19 7.05 2.69
C ASP B 28 -4.91 6.83 3.48
N LEU B 29 -4.88 5.74 4.24
CA LEU B 29 -3.75 5.48 5.11
C LEU B 29 -2.59 4.78 4.39
N SER B 30 -2.81 4.36 3.14
CA SER B 30 -1.76 3.63 2.36
CA SER B 30 -1.74 3.63 2.43
C SER B 30 -0.51 4.50 2.20
N ILE B 31 -0.70 5.83 2.19
CA ILE B 31 0.42 6.73 2.12
C ILE B 31 1.39 6.57 3.26
N LEU B 32 0.96 6.11 4.41
CA LEU B 32 1.83 5.92 5.56
C LEU B 32 2.62 4.57 5.59
N HIS B 33 2.26 3.73 4.63
CA HIS B 33 2.79 2.30 4.60
C HIS B 33 3.41 2.04 3.26
N ARG B 34 3.81 3.09 2.56
CA ARG B 34 4.74 2.99 1.45
C ARG B 34 6.10 2.75 1.94
N HIS B 35 6.97 2.30 1.00
CA HIS B 35 8.38 2.14 1.41
C HIS B 35 8.51 1.07 2.49
N SER B 36 7.63 0.04 2.49
CA SER B 36 7.85 -1.07 3.40
C SER B 36 8.99 -1.91 2.84
N SER B 37 9.43 -2.78 3.73
CA SER B 37 10.50 -3.69 3.42
C SER B 37 9.91 -4.63 2.35
N LEU B 38 8.58 -4.79 2.21
CA LEU B 38 8.06 -5.73 1.23
C LEU B 38 8.40 -5.30 -0.21
N SER B 39 8.30 -4.01 -0.54
CA SER B 39 8.44 -3.59 -1.93
C SER B 39 9.96 -3.36 -2.32
N ASP B 40 10.83 -3.37 -1.35
CA ASP B 40 12.24 -3.05 -1.52
C ASP B 40 13.02 -4.27 -1.83
N PRO B 41 13.69 -4.36 -2.98
CA PRO B 41 14.43 -5.55 -3.32
C PRO B 41 15.75 -5.65 -2.55
N MET B 42 16.23 -4.60 -1.91
CA MET B 42 17.51 -4.64 -1.28
C MET B 42 17.33 -5.31 0.11
N GLY B 43 18.40 -5.82 0.59
CA GLY B 43 18.14 -6.48 2.01
C GLY B 43 17.74 -5.47 3.10
N LYS B 44 17.24 -5.88 4.25
CA LYS B 44 16.77 -4.83 5.18
C LYS B 44 17.99 -4.09 5.79
N ASP B 45 19.11 -4.73 5.70
CA ASP B 45 20.37 -4.14 6.20
C ASP B 45 21.15 -3.36 5.12
N PHE B 46 20.63 -3.29 3.90
CA PHE B 46 21.32 -2.49 2.86
C PHE B 46 21.46 -1.06 3.29
N ASN B 47 22.72 -0.65 3.11
CA ASN B 47 22.98 0.73 3.45
C ASN B 47 23.63 1.43 2.19
N TYR B 48 22.82 2.25 1.57
CA TYR B 48 23.29 2.89 0.27
C TYR B 48 24.53 3.74 0.48
N ALA B 49 24.55 4.51 1.59
CA ALA B 49 25.77 5.34 1.81
C ALA B 49 27.03 4.55 1.82
N GLN B 50 26.98 3.34 2.43
CA GLN B 50 28.21 2.57 2.50
C GLN B 50 28.58 2.06 1.08
N ALA B 51 27.56 1.70 0.26
CA ALA B 51 27.83 1.27 -1.12
C ALA B 51 28.43 2.37 -1.91
N PHE B 52 27.84 3.56 -1.81
CA PHE B 52 28.32 4.69 -2.59
C PHE B 52 29.77 5.04 -2.24
N GLU B 53 30.03 4.98 -0.92
CA GLU B 53 31.37 5.43 -0.51
C GLU B 53 32.45 4.55 -1.08
N LYS B 54 32.20 3.35 -1.51
CA LYS B 54 33.13 2.55 -2.19
C LYS B 54 33.07 2.61 -3.77
N LEU B 55 32.13 3.31 -4.32
CA LEU B 55 32.04 3.52 -5.79
C LEU B 55 33.32 4.30 -6.19
N ASP B 56 33.81 3.89 -7.37
CA ASP B 56 34.84 4.64 -8.08
C ASP B 56 34.16 5.76 -8.91
N LEU B 57 33.94 6.87 -8.26
CA LEU B 57 33.16 7.93 -8.86
C LEU B 57 33.88 8.44 -10.12
N ALA B 58 35.20 8.46 -10.07
CA ALA B 58 35.96 8.93 -11.24
C ALA B 58 35.70 8.03 -12.44
N ALA B 59 35.63 6.74 -12.21
CA ALA B 59 35.37 5.80 -13.29
C ALA B 59 33.97 6.03 -13.91
N VAL B 60 33.00 6.24 -13.01
CA VAL B 60 31.63 6.50 -13.45
C VAL B 60 31.64 7.79 -14.33
N LYS B 61 32.35 8.79 -13.89
CA LYS B 61 32.42 10.11 -14.66
C LYS B 61 33.07 9.90 -16.04
N ARG B 62 34.11 9.08 -16.09
CA ARG B 62 34.69 8.77 -17.42
C ARG B 62 33.69 8.11 -18.32
N ASP B 63 32.94 7.12 -17.82
CA ASP B 63 31.95 6.48 -18.62
C ASP B 63 30.86 7.43 -19.07
N LEU B 64 30.48 8.38 -18.21
CA LEU B 64 29.45 9.30 -18.58
C LEU B 64 29.96 10.31 -19.67
N HIS B 65 31.22 10.75 -19.52
CA HIS B 65 31.85 11.56 -20.56
C HIS B 65 31.86 10.84 -21.94
N ALA B 66 32.18 9.56 -21.94
CA ALA B 66 32.17 8.74 -23.17
C ALA B 66 30.77 8.69 -23.77
N LEU B 67 29.78 8.54 -22.91
CA LEU B 67 28.41 8.38 -23.35
C LEU B 67 27.93 9.61 -24.10
N MET B 68 28.39 10.82 -23.70
CA MET B 68 27.94 12.03 -24.30
C MET B 68 27.90 12.07 -25.78
N THR B 69 28.90 11.46 -26.37
CA THR B 69 28.98 11.50 -27.85
C THR B 69 28.83 10.15 -28.45
N THR B 70 28.33 9.17 -27.74
CA THR B 70 28.07 7.86 -28.25
C THR B 70 26.61 7.75 -28.67
N SER B 71 26.31 8.18 -29.92
CA SER B 71 24.92 8.28 -30.34
C SER B 71 24.32 6.89 -30.57
N GLN B 72 23.08 6.68 -30.15
CA GLN B 72 22.38 5.46 -30.40
C GLN B 72 21.39 5.77 -31.54
N ASP B 73 21.24 4.83 -32.50
CA ASP B 73 20.34 5.02 -33.59
C ASP B 73 18.89 5.14 -33.28
N TRP B 74 18.44 4.56 -32.12
CA TRP B 74 17.07 4.65 -31.71
C TRP B 74 16.70 5.99 -31.08
N TRP B 75 17.69 6.84 -30.81
CA TRP B 75 17.45 8.23 -30.41
C TRP B 75 18.67 9.05 -30.62
N PRO B 76 18.95 9.38 -31.87
CA PRO B 76 20.21 9.98 -32.21
C PRO B 76 20.46 11.29 -31.52
N ALA B 77 21.71 11.51 -31.15
CA ALA B 77 22.11 12.71 -30.45
C ALA B 77 22.13 13.96 -31.33
N ASP B 78 21.40 14.99 -30.87
CA ASP B 78 21.43 16.29 -31.52
C ASP B 78 22.84 16.82 -31.52
N PHE B 79 23.35 17.39 -32.65
CA PHE B 79 24.71 17.93 -32.72
C PHE B 79 25.80 16.87 -32.38
N GLY B 80 25.47 15.59 -32.31
CA GLY B 80 26.33 14.55 -31.92
C GLY B 80 26.68 14.51 -30.41
N HIS B 81 25.90 15.19 -29.59
CA HIS B 81 26.19 15.30 -28.17
C HIS B 81 24.91 15.38 -27.34
N TYR B 82 24.76 14.40 -26.43
CA TYR B 82 23.54 14.24 -25.62
C TYR B 82 23.53 15.25 -24.43
N GLY B 83 24.46 16.18 -24.35
CA GLY B 83 24.58 16.99 -23.16
C GLY B 83 23.32 17.87 -22.80
N GLY B 84 22.73 18.51 -23.83
CA GLY B 84 21.51 19.28 -23.64
C GLY B 84 20.38 18.40 -23.12
N LEU B 85 20.20 17.21 -23.74
CA LEU B 85 19.14 16.30 -23.27
C LEU B 85 19.33 15.92 -21.79
N PHE B 86 20.57 15.65 -21.44
CA PHE B 86 20.90 15.24 -20.05
C PHE B 86 20.74 16.42 -19.06
N ILE B 87 21.07 17.59 -19.43
CA ILE B 87 20.87 18.75 -18.60
C ILE B 87 19.38 18.91 -18.33
N ARG B 88 18.56 18.85 -19.37
CA ARG B 88 17.13 18.91 -19.22
C ARG B 88 16.60 17.79 -18.31
N MET B 89 17.10 16.59 -18.51
CA MET B 89 16.72 15.43 -17.70
C MET B 89 16.99 15.70 -16.18
N ALA B 90 18.19 16.21 -15.87
CA ALA B 90 18.53 16.47 -14.48
C ALA B 90 17.72 17.63 -13.95
N HIS B 92 14.72 18.54 -14.95
CA HIS B 92 13.42 18.00 -14.64
C HIS B 92 13.35 17.10 -13.40
N SER B 93 14.36 16.33 -13.17
CA SER B 93 14.41 15.49 -11.96
C SER B 93 14.25 16.39 -10.75
N ALA B 94 15.08 17.43 -10.68
CA ALA B 94 15.00 18.36 -9.60
C ALA B 94 13.78 19.26 -9.52
N GLY B 95 13.28 19.57 -10.68
CA GLY B 95 12.31 20.66 -10.92
C GLY B 95 10.88 20.42 -10.39
N THR B 96 10.56 19.24 -9.87
CA THR B 96 9.26 19.01 -9.36
C THR B 96 9.11 19.51 -7.88
N TYR B 97 10.23 19.89 -7.31
CA TYR B 97 10.29 20.29 -5.87
C TYR B 97 9.31 21.40 -5.54
N ARG B 98 8.70 21.31 -4.37
CA ARG B 98 7.80 22.35 -3.88
C ARG B 98 8.23 22.68 -2.48
N THR B 99 8.54 23.92 -2.19
CA THR B 99 8.86 24.31 -0.79
CA THR B 99 8.86 24.34 -0.81
C THR B 99 7.73 24.18 0.17
N ALA B 100 6.48 24.27 -0.29
CA ALA B 100 5.38 24.19 0.63
C ALA B 100 5.43 22.92 1.52
N ASP B 101 5.68 21.77 0.90
CA ASP B 101 5.70 20.52 1.63
C ASP B 101 7.02 19.76 1.54
N GLY B 102 7.98 20.27 0.73
CA GLY B 102 9.24 19.60 0.45
C GLY B 102 9.14 18.37 -0.50
N ARG B 103 7.96 18.13 -0.99
CA ARG B 103 7.75 16.95 -1.85
C ARG B 103 8.29 17.29 -3.27
N GLY B 104 8.46 16.23 -4.01
CA GLY B 104 9.13 16.38 -5.33
C GLY B 104 10.62 16.62 -5.15
N GLY B 105 11.30 16.96 -6.26
CA GLY B 105 12.75 16.96 -6.26
C GLY B 105 13.42 15.69 -6.75
N ALA B 106 14.78 15.81 -6.82
CA ALA B 106 15.58 14.75 -7.43
C ALA B 106 15.90 13.63 -6.44
N GLY B 107 15.68 13.91 -5.15
CA GLY B 107 16.28 13.11 -4.14
C GLY B 107 15.87 11.67 -3.97
N GLU B 108 14.75 11.27 -4.57
CA GLU B 108 14.28 9.89 -4.51
C GLU B 108 14.25 9.24 -5.87
N GLY B 109 14.77 9.90 -6.89
CA GLY B 109 14.74 9.32 -8.26
C GLY B 109 13.42 9.01 -8.84
N GLN B 110 12.43 9.77 -8.42
CA GLN B 110 11.05 9.46 -8.72
C GLN B 110 10.68 9.69 -10.20
N GLN B 111 11.57 10.33 -11.02
CA GLN B 111 11.30 10.51 -12.46
C GLN B 111 11.14 9.16 -13.15
N ARG B 112 11.63 8.11 -12.59
CA ARG B 112 11.53 6.78 -13.27
C ARG B 112 10.24 6.07 -12.97
N PHE B 113 9.35 6.62 -12.11
CA PHE B 113 8.09 6.00 -11.75
C PHE B 113 6.92 6.84 -12.24
N ALA B 114 5.72 6.28 -12.23
CA ALA B 114 4.51 7.03 -12.45
C ALA B 114 4.24 8.01 -11.31
N PRO B 115 3.66 9.13 -11.53
CA PRO B 115 3.25 9.69 -12.83
C PRO B 115 4.37 10.43 -13.57
N LEU B 116 5.44 10.77 -12.87
CA LEU B 116 6.44 11.69 -13.42
C LEU B 116 7.12 11.15 -14.68
N ASN B 117 7.25 9.81 -14.79
CA ASN B 117 7.86 9.27 -16.02
C ASN B 117 7.00 9.54 -17.20
N SER B 118 5.73 9.92 -17.07
CA SER B 118 4.82 10.11 -18.15
C SER B 118 4.19 11.48 -18.26
N TRP B 119 4.72 12.45 -17.44
CA TRP B 119 4.19 13.76 -17.57
C TRP B 119 4.54 14.28 -18.94
N PRO B 120 3.68 15.08 -19.54
CA PRO B 120 4.03 15.65 -20.87
C PRO B 120 5.32 16.43 -20.89
N ASP B 121 5.62 17.16 -19.83
CA ASP B 121 6.87 17.90 -19.76
C ASP B 121 8.09 16.99 -19.66
N ASN B 122 7.93 15.66 -19.36
CA ASN B 122 9.02 14.75 -19.31
C ASN B 122 9.08 13.92 -20.54
N ALA B 123 8.42 14.36 -21.60
CA ALA B 123 8.52 13.58 -22.83
C ALA B 123 9.97 13.43 -23.31
N ASN B 124 10.25 12.20 -23.77
CA ASN B 124 11.54 11.79 -24.29
C ASN B 124 12.67 11.75 -23.25
N LEU B 125 12.38 12.11 -22.00
CA LEU B 125 13.34 11.83 -20.94
C LEU B 125 13.40 10.32 -20.65
N ASP B 126 12.39 9.57 -21.09
CA ASP B 126 12.51 8.13 -21.06
C ASP B 126 13.67 7.65 -21.89
N LYS B 127 13.92 8.30 -22.99
CA LYS B 127 15.08 8.01 -23.85
C LYS B 127 16.36 8.26 -23.08
N ALA B 128 16.43 9.43 -22.49
CA ALA B 128 17.60 9.83 -21.71
C ALA B 128 17.96 8.84 -20.61
N ARG B 129 16.93 8.40 -19.87
CA ARG B 129 17.18 7.38 -18.78
C ARG B 129 17.64 6.07 -19.37
N ARG B 130 17.03 5.65 -20.52
CA ARG B 130 17.42 4.38 -21.12
C ARG B 130 18.87 4.39 -21.60
N LEU B 131 19.38 5.57 -22.08
CA LEU B 131 20.80 5.71 -22.49
C LEU B 131 21.73 5.47 -21.34
N LEU B 132 21.20 5.70 -20.12
CA LEU B 132 21.99 5.49 -18.89
C LEU B 132 21.99 4.09 -18.33
N TRP B 133 21.11 3.22 -18.84
CA TRP B 133 21.05 1.86 -18.30
C TRP B 133 22.38 1.10 -18.33
N PRO B 134 23.17 1.19 -19.42
CA PRO B 134 24.40 0.43 -19.35
C PRO B 134 25.35 0.83 -18.17
N ILE B 135 25.42 2.16 -17.92
CA ILE B 135 26.24 2.62 -16.79
C ILE B 135 25.63 2.13 -15.48
N LYS B 136 24.31 2.30 -15.30
CA LYS B 136 23.64 1.85 -14.09
C LYS B 136 23.88 0.36 -13.87
N GLN B 137 23.80 -0.45 -14.93
CA GLN B 137 24.04 -1.87 -14.87
C GLN B 137 25.41 -2.20 -14.46
N LYS B 138 26.37 -1.47 -15.01
CA LYS B 138 27.76 -1.71 -14.74
C LYS B 138 28.13 -1.46 -13.28
N TYR B 139 27.61 -0.40 -12.69
CA TYR B 139 27.98 -0.05 -11.31
C TYR B 139 27.02 -0.55 -10.26
N GLY B 140 25.84 -0.92 -10.68
CA GLY B 140 24.88 -1.60 -9.83
C GLY B 140 24.43 -0.80 -8.60
N ARG B 141 24.44 -1.40 -7.43
CA ARG B 141 23.83 -0.79 -6.27
C ARG B 141 24.68 0.37 -5.71
N ALA B 142 25.91 0.42 -6.17
CA ALA B 142 26.85 1.43 -5.66
C ALA B 142 26.53 2.84 -6.22
N ILE B 143 25.68 2.98 -7.26
CA ILE B 143 25.19 4.30 -7.63
C ILE B 143 23.70 4.18 -7.84
N SER B 144 22.94 4.96 -7.12
CA SER B 144 21.48 4.97 -7.32
C SER B 144 21.11 5.68 -8.62
N TRP B 145 19.92 5.39 -9.15
CA TRP B 145 19.38 6.15 -10.20
C TRP B 145 19.27 7.61 -9.81
N ALA B 146 18.84 7.88 -8.55
CA ALA B 146 18.63 9.23 -8.15
C ALA B 146 19.95 10.00 -8.23
N ASP B 147 21.06 9.45 -7.74
CA ASP B 147 22.35 10.12 -7.85
C ASP B 147 22.81 10.20 -9.33
N LEU B 148 22.59 9.14 -10.08
CA LEU B 148 23.03 9.04 -11.47
C LEU B 148 22.38 10.12 -12.33
N LEU B 149 21.10 10.42 -12.11
CA LEU B 149 20.46 11.41 -12.94
C LEU B 149 21.17 12.77 -12.78
N ILE B 150 21.46 13.13 -11.50
CA ILE B 150 22.08 14.43 -11.23
C ILE B 150 23.55 14.39 -11.69
N LEU B 151 24.29 13.32 -11.41
CA LEU B 151 25.68 13.21 -11.78
C LEU B 151 25.81 13.40 -13.33
N THR B 152 24.87 12.81 -14.03
CA THR B 152 24.84 12.90 -15.46
C THR B 152 24.71 14.33 -15.95
N GLY B 153 23.80 15.08 -15.36
CA GLY B 153 23.71 16.47 -15.64
C GLY B 153 24.95 17.25 -15.42
N ASN B 154 25.58 16.98 -14.27
CA ASN B 154 26.88 17.59 -14.00
C ASN B 154 27.90 17.25 -15.10
N VAL B 155 28.05 15.98 -15.45
CA VAL B 155 29.01 15.64 -16.42
C VAL B 155 28.66 16.24 -17.82
N ALA B 156 27.40 16.35 -18.16
CA ALA B 156 27.06 17.03 -19.36
C ALA B 156 27.56 18.48 -19.37
N LEU B 157 27.30 19.27 -18.30
CA LEU B 157 27.84 20.55 -18.17
C LEU B 157 29.37 20.59 -18.27
N GLU B 158 30.06 19.71 -17.53
CA GLU B 158 31.52 19.69 -17.55
C GLU B 158 32.01 19.37 -19.01
N SER B 159 31.39 18.38 -19.60
CA SER B 159 31.73 18.00 -20.96
C SER B 159 31.64 19.15 -21.92
N MET B 160 30.68 20.03 -21.77
CA MET B 160 30.43 21.21 -22.64
C MET B 160 31.11 22.45 -22.14
N GLY B 161 32.04 22.33 -21.22
CA GLY B 161 32.90 23.44 -20.86
C GLY B 161 32.54 24.26 -19.68
N PHE B 162 31.58 23.76 -18.89
CA PHE B 162 31.08 24.54 -17.71
C PHE B 162 31.57 23.84 -16.47
N LYS B 163 32.25 24.62 -15.62
CA LYS B 163 32.76 24.07 -14.37
C LYS B 163 31.67 24.17 -13.30
N THR B 164 31.32 23.01 -12.78
CA THR B 164 30.30 22.93 -11.75
C THR B 164 30.85 23.25 -10.37
N PHE B 165 29.91 23.60 -9.47
CA PHE B 165 30.26 23.97 -8.10
C PHE B 165 30.53 22.74 -7.26
N GLY B 166 30.16 21.56 -7.71
CA GLY B 166 30.32 20.39 -6.86
C GLY B 166 29.22 19.37 -7.02
N PHE B 167 29.26 18.32 -6.24
CA PHE B 167 28.27 17.26 -6.36
C PHE B 167 28.35 16.46 -5.07
N ALA B 168 27.22 16.06 -4.53
CA ALA B 168 27.18 15.08 -3.45
C ALA B 168 26.32 13.89 -3.86
N GLY B 169 26.78 12.72 -3.52
CA GLY B 169 25.97 11.49 -3.57
C GLY B 169 25.18 11.34 -2.26
N GLY B 170 24.39 10.32 -2.25
CA GLY B 170 23.68 9.85 -1.08
C GLY B 170 22.18 9.79 -1.26
N ARG B 171 21.62 10.02 -2.44
CA ARG B 171 20.20 9.94 -2.72
C ARG B 171 19.87 8.47 -2.86
N ALA B 172 19.35 7.85 -1.80
CA ALA B 172 18.97 6.38 -1.96
C ALA B 172 17.84 6.24 -2.93
N ASP B 173 17.87 5.16 -3.74
CA ASP B 173 16.76 4.85 -4.55
C ASP B 173 15.53 4.49 -3.79
N THR B 174 14.35 4.67 -4.40
CA THR B 174 13.05 4.29 -3.88
C THR B 174 12.49 3.35 -4.89
N TRP B 175 11.43 2.70 -4.49
CA TRP B 175 10.97 1.46 -5.23
C TRP B 175 9.53 1.50 -5.64
N GLU B 176 8.83 2.51 -5.27
CA GLU B 176 7.44 2.71 -5.69
C GLU B 176 7.15 4.23 -5.75
N PRO B 177 6.11 4.64 -6.43
CA PRO B 177 5.80 6.03 -6.46
C PRO B 177 5.47 6.67 -5.10
N GLU B 178 5.85 7.89 -4.88
CA GLU B 178 5.47 8.69 -3.71
C GLU B 178 4.03 9.12 -3.91
N ASP B 179 3.27 9.33 -2.82
CA ASP B 179 1.88 9.80 -2.94
C ASP B 179 1.99 11.31 -2.75
N VAL B 180 1.95 12.00 -3.87
CA VAL B 180 2.09 13.43 -3.87
C VAL B 180 0.78 13.97 -4.48
N TYR B 181 0.26 15.04 -3.89
CA TYR B 181 -0.82 15.84 -4.51
C TYR B 181 -0.19 16.74 -5.58
N TRP B 182 -0.46 16.43 -6.85
CA TRP B 182 0.02 17.24 -7.95
C TRP B 182 -1.01 18.18 -8.53
N GLY B 183 -2.22 18.06 -7.98
CA GLY B 183 -3.36 18.82 -8.46
C GLY B 183 -4.57 17.92 -8.62
N SER B 184 -5.71 18.55 -8.91
CA SER B 184 -6.98 17.85 -9.05
C SER B 184 -7.51 17.81 -10.42
N GLU B 185 -6.83 18.35 -11.40
CA GLU B 185 -7.36 18.24 -12.78
C GLU B 185 -7.33 16.83 -13.29
N LYS B 186 -8.26 16.52 -14.14
CA LYS B 186 -8.41 15.19 -14.77
C LYS B 186 -8.05 15.17 -16.20
N ILE B 187 -7.45 16.24 -16.73
CA ILE B 187 -7.01 16.37 -18.06
C ILE B 187 -5.52 16.87 -18.02
N TRP B 188 -4.67 16.13 -18.69
CA TRP B 188 -3.30 16.61 -18.79
C TRP B 188 -3.25 18.03 -19.36
N LEU B 189 -2.45 18.88 -18.71
CA LEU B 189 -2.16 20.20 -19.22
C LEU B 189 -3.39 21.17 -19.24
N GLU B 190 -4.39 20.85 -18.47
CA GLU B 190 -5.60 21.65 -18.62
C GLU B 190 -5.30 23.11 -18.30
N LEU B 191 -5.87 24.00 -19.10
CA LEU B 191 -5.70 25.44 -18.83
C LEU B 191 -6.55 25.83 -17.65
N SER B 192 -6.21 26.99 -17.10
CA SER B 192 -6.83 27.45 -15.89
C SER B 192 -8.38 27.69 -15.97
N GLY B 193 -9.04 27.72 -14.80
CA GLY B 193 -10.45 28.12 -14.79
C GLY B 193 -11.40 26.94 -15.02
N GLY B 194 -10.90 25.72 -15.13
CA GLY B 194 -11.73 24.55 -15.26
C GLY B 194 -12.33 24.13 -13.99
N PRO B 195 -13.07 22.94 -14.00
CA PRO B 195 -13.77 22.55 -12.75
C PRO B 195 -12.89 22.27 -11.57
N ASN B 196 -11.65 21.92 -11.88
CA ASN B 196 -10.61 21.66 -10.88
C ASN B 196 -9.44 22.66 -10.95
N SER B 197 -9.74 23.92 -11.18
CA SER B 197 -8.74 24.93 -11.42
C SER B 197 -7.80 25.02 -10.24
N ARG B 198 -6.51 25.04 -10.52
CA ARG B 198 -5.50 25.34 -9.48
C ARG B 198 -5.30 26.81 -9.27
N TYR B 199 -6.01 27.64 -10.01
CA TYR B 199 -5.94 29.11 -9.85
C TYR B 199 -7.29 29.66 -9.38
N SER B 200 -7.19 30.64 -8.56
CA SER B 200 -8.42 31.43 -8.22
C SER B 200 -7.98 32.85 -7.97
N GLY B 201 -8.95 33.77 -7.79
CA GLY B 201 -8.57 35.11 -7.38
C GLY B 201 -7.81 35.77 -8.52
N ASP B 202 -6.82 36.55 -8.14
CA ASP B 202 -5.96 37.27 -9.07
C ASP B 202 -4.78 36.38 -9.50
N ARG B 203 -5.08 35.33 -10.25
CA ARG B 203 -4.09 34.33 -10.71
C ARG B 203 -3.22 33.87 -9.51
N GLN B 204 -3.91 33.43 -8.48
CA GLN B 204 -3.29 32.86 -7.25
C GLN B 204 -3.28 31.36 -7.36
N LEU B 205 -2.06 30.80 -7.29
CA LEU B 205 -1.89 29.34 -7.42
C LEU B 205 -2.12 28.63 -6.10
N GLU B 206 -2.89 27.58 -6.09
CA GLU B 206 -3.20 26.87 -4.84
C GLU B 206 -1.95 26.23 -4.18
N ASN B 207 -1.77 26.47 -2.91
CA ASN B 207 -0.76 25.70 -2.14
C ASN B 207 -1.17 24.26 -2.02
N PRO B 208 -0.34 23.23 -2.17
CA PRO B 208 1.13 23.31 -2.18
C PRO B 208 1.71 23.22 -3.60
N LEU B 209 0.92 23.55 -4.60
CA LEU B 209 1.40 23.32 -6.00
C LEU B 209 2.38 24.37 -6.43
N ALA B 210 3.27 24.00 -7.33
CA ALA B 210 4.32 24.84 -7.79
C ALA B 210 4.50 24.80 -9.28
N ALA B 211 3.45 24.44 -10.02
CA ALA B 211 3.41 24.43 -11.45
C ALA B 211 2.05 25.00 -11.92
N VAL B 212 2.02 25.48 -13.16
CA VAL B 212 0.86 26.21 -13.65
C VAL B 212 -0.23 25.36 -14.26
N GLN B 213 0.15 24.14 -14.70
CA GLN B 213 -0.73 23.23 -15.41
C GLN B 213 -0.28 21.81 -14.97
N MET B 214 -1.24 20.90 -14.93
CA MET B 214 -0.97 19.52 -14.59
C MET B 214 -0.05 18.87 -15.61
N GLY B 215 1.09 18.40 -15.15
CA GLY B 215 2.07 17.77 -16.02
C GLY B 215 3.23 18.67 -16.50
N LEU B 216 3.22 19.94 -16.05
CA LEU B 216 4.35 20.82 -16.26
C LEU B 216 5.24 20.86 -15.07
N ILE B 217 6.54 21.14 -15.34
CA ILE B 217 7.49 21.33 -14.28
C ILE B 217 7.32 22.66 -13.55
N TYR B 218 7.31 23.77 -14.29
CA TYR B 218 7.03 25.08 -13.69
C TYR B 218 5.95 25.84 -14.50
N VAL B 219 6.33 26.39 -15.68
CA VAL B 219 5.44 27.21 -16.42
C VAL B 219 5.25 26.74 -17.82
N ASN B 220 4.33 27.38 -18.54
CA ASN B 220 4.08 27.05 -19.92
C ASN B 220 5.02 27.86 -20.82
N PRO B 221 5.82 27.21 -21.67
CA PRO B 221 6.81 27.92 -22.50
C PRO B 221 6.24 28.82 -23.58
N GLU B 222 4.97 28.63 -23.91
CA GLU B 222 4.29 29.56 -24.86
C GLU B 222 3.79 30.83 -24.12
N GLY B 223 3.64 30.78 -22.83
CA GLY B 223 3.07 31.87 -22.01
C GLY B 223 1.91 31.39 -21.20
N PRO B 224 1.36 32.25 -20.33
CA PRO B 224 0.36 31.81 -19.40
C PRO B 224 -0.93 31.38 -20.14
N ASP B 225 -1.35 30.17 -19.82
CA ASP B 225 -2.48 29.50 -20.53
C ASP B 225 -2.30 29.56 -22.01
N GLY B 226 -1.05 29.52 -22.45
CA GLY B 226 -0.79 29.60 -23.88
C GLY B 226 -0.74 30.97 -24.53
N ASN B 227 -0.92 32.05 -23.76
CA ASN B 227 -0.96 33.40 -24.35
C ASN B 227 0.48 33.91 -24.36
N PRO B 228 1.02 34.30 -25.49
CA PRO B 228 2.45 34.67 -25.61
C PRO B 228 2.79 36.02 -25.25
N ASP B 229 2.60 36.34 -23.97
CA ASP B 229 2.94 37.65 -23.37
C ASP B 229 4.10 37.43 -22.39
N PRO B 230 5.30 37.86 -22.77
CA PRO B 230 6.48 37.61 -21.91
C PRO B 230 6.41 38.24 -20.58
N VAL B 231 5.72 39.38 -20.48
CA VAL B 231 5.57 40.03 -19.15
C VAL B 231 4.71 39.32 -18.19
N ALA B 232 3.58 38.83 -18.68
CA ALA B 232 2.71 37.96 -17.92
C ALA B 232 3.39 36.63 -17.63
N ALA B 233 4.15 36.11 -18.54
CA ALA B 233 4.82 34.82 -18.32
C ALA B 233 5.77 35.01 -17.16
N ALA B 234 6.45 36.15 -17.08
CA ALA B 234 7.38 36.38 -16.00
C ALA B 234 6.72 36.34 -14.62
N ARG B 235 5.48 36.74 -14.51
CA ARG B 235 4.80 36.63 -13.23
C ARG B 235 4.66 35.17 -12.80
N ASP B 236 4.32 34.33 -13.75
CA ASP B 236 4.23 32.90 -13.45
C ASP B 236 5.58 32.27 -13.16
N ILE B 237 6.61 32.66 -13.90
CA ILE B 237 7.99 32.22 -13.60
C ILE B 237 8.42 32.59 -12.21
N ARG B 238 8.18 33.85 -11.86
CA ARG B 238 8.59 34.29 -10.56
C ARG B 238 7.87 33.51 -9.41
N ASP B 239 6.58 33.33 -9.56
CA ASP B 239 5.80 32.65 -8.52
C ASP B 239 6.21 31.19 -8.44
N THR B 240 6.25 30.48 -9.58
CA THR B 240 6.55 29.03 -9.50
C THR B 240 7.99 28.83 -9.01
N PHE B 241 8.97 29.65 -9.47
CA PHE B 241 10.33 29.46 -9.05
C PHE B 241 10.45 29.79 -7.55
N ALA B 242 9.74 30.78 -7.05
CA ALA B 242 9.75 31.06 -5.61
C ALA B 242 9.20 29.90 -4.80
N ARG B 243 8.23 29.23 -5.36
CA ARG B 243 7.67 28.03 -4.74
C ARG B 243 8.55 26.82 -4.90
N MET B 244 9.69 26.98 -5.61
CA MET B 244 10.71 25.97 -5.70
C MET B 244 12.04 26.42 -4.97
N ALA B 245 11.89 27.47 -4.20
CA ALA B 245 12.95 28.03 -3.39
C ALA B 245 13.99 28.88 -4.07
N MET B 246 13.64 29.44 -5.23
CA MET B 246 14.54 30.20 -6.04
C MET B 246 14.12 31.64 -6.12
N ASN B 247 15.10 32.52 -5.94
CA ASN B 247 14.83 33.96 -6.05
C ASN B 247 15.06 34.49 -7.47
N ASP B 248 14.95 35.83 -7.68
CA ASP B 248 15.10 36.30 -9.05
C ASP B 248 16.49 36.04 -9.65
N GLU B 249 17.56 36.29 -8.94
CA GLU B 249 18.86 36.07 -9.44
C GLU B 249 19.09 34.60 -9.82
N GLU B 250 18.66 33.72 -8.93
CA GLU B 250 18.80 32.27 -9.16
C GLU B 250 18.02 31.81 -10.40
N THR B 251 16.84 32.37 -10.51
CA THR B 251 15.90 32.08 -11.61
C THR B 251 16.45 32.49 -12.96
N VAL B 252 16.93 33.72 -13.08
CA VAL B 252 17.50 34.19 -14.32
C VAL B 252 18.76 33.33 -14.65
N ALA B 253 19.59 33.09 -13.65
CA ALA B 253 20.82 32.29 -13.88
C ALA B 253 20.54 30.89 -14.38
N LEU B 254 19.50 30.26 -13.80
CA LEU B 254 19.13 28.90 -14.19
C LEU B 254 18.55 28.87 -15.57
N ILE B 255 17.65 29.78 -15.88
CA ILE B 255 16.95 29.69 -17.19
C ILE B 255 17.93 29.96 -18.33
N ALA B 256 18.64 31.09 -18.19
CA ALA B 256 19.68 31.48 -19.16
C ALA B 256 20.83 30.50 -19.23
N GLY B 257 21.26 29.94 -18.10
CA GLY B 257 22.29 28.90 -18.11
C GLY B 257 21.83 27.64 -18.81
N GLY B 258 20.63 27.15 -18.47
CA GLY B 258 20.12 25.96 -19.14
C GLY B 258 20.04 26.15 -20.64
N HIS B 259 19.48 27.28 -21.02
CA HIS B 259 19.19 27.57 -22.44
C HIS B 259 20.41 28.09 -23.19
N THR B 260 21.56 28.07 -22.56
CA THR B 260 22.84 28.18 -23.31
C THR B 260 23.07 26.91 -24.11
N PHE B 261 22.42 25.80 -23.76
CA PHE B 261 22.67 24.49 -24.34
C PHE B 261 21.49 23.91 -25.06
N GLY B 262 21.79 23.17 -26.10
CA GLY B 262 20.82 22.30 -26.70
C GLY B 262 19.75 22.95 -27.53
N LYS B 263 18.61 22.30 -27.59
CA LYS B 263 17.47 22.76 -28.38
C LYS B 263 16.19 22.14 -27.93
N THR B 264 15.07 22.66 -28.42
CA THR B 264 13.76 22.10 -28.26
C THR B 264 13.43 21.23 -29.46
N HIS B 265 12.31 20.51 -29.44
CA HIS B 265 12.00 19.57 -30.53
C HIS B 265 10.48 19.69 -30.87
N GLY B 266 10.23 20.12 -32.12
CA GLY B 266 8.85 20.35 -32.59
C GLY B 266 8.80 20.31 -34.13
N ALA B 267 9.34 19.24 -34.67
CA ALA B 267 9.58 19.24 -36.15
C ALA B 267 8.28 19.06 -36.94
N GLY B 268 7.25 18.55 -36.33
CA GLY B 268 5.91 18.35 -36.95
C GLY B 268 4.84 18.33 -35.98
N PRO B 269 3.55 18.17 -36.41
CA PRO B 269 2.44 18.29 -35.57
C PRO B 269 2.44 17.27 -34.41
N ALA B 270 1.99 17.72 -33.25
CA ALA B 270 1.99 16.90 -32.03
C ALA B 270 1.10 15.73 -32.17
N SER B 271 0.13 15.79 -33.07
CA SER B 271 -0.77 14.66 -33.24
C SER B 271 -0.06 13.42 -33.75
N ASN B 272 1.17 13.52 -34.28
CA ASN B 272 1.97 12.39 -34.60
C ASN B 272 2.50 11.56 -33.37
N VAL B 273 2.39 12.16 -32.22
CA VAL B 273 3.08 11.56 -31.01
C VAL B 273 2.08 10.68 -30.32
N GLY B 274 2.46 9.47 -30.02
CA GLY B 274 1.61 8.44 -29.37
C GLY B 274 1.74 8.41 -27.85
N ALA B 275 1.31 7.30 -27.33
CA ALA B 275 1.08 7.12 -25.89
C ALA B 275 2.32 7.36 -25.04
N GLU B 276 2.10 8.08 -23.98
CA GLU B 276 3.10 8.27 -22.90
C GLU B 276 3.49 6.91 -22.37
N PRO B 277 4.61 6.79 -21.62
CA PRO B 277 5.11 5.47 -21.22
C PRO B 277 4.08 4.61 -20.45
N GLU B 278 3.38 5.16 -19.49
CA GLU B 278 2.50 4.32 -18.67
C GLU B 278 1.25 3.82 -19.46
N ALA B 279 1.02 4.41 -20.61
CA ALA B 279 -0.09 4.03 -21.57
C ALA B 279 0.36 3.23 -22.68
N ALA B 280 1.67 3.11 -22.92
CA ALA B 280 2.12 2.42 -24.13
C ALA B 280 1.94 0.94 -24.05
N GLY B 281 2.07 0.28 -25.17
CA GLY B 281 2.02 -1.15 -25.23
C GLY B 281 3.23 -1.82 -24.58
N ILE B 282 3.04 -3.10 -24.18
CA ILE B 282 4.13 -3.85 -23.48
C ILE B 282 5.35 -3.93 -24.34
N GLU B 283 5.20 -3.98 -25.69
CA GLU B 283 6.36 -4.05 -26.55
C GLU B 283 7.26 -2.86 -26.54
N ALA B 284 6.72 -1.77 -26.08
CA ALA B 284 7.50 -0.46 -26.01
C ALA B 284 8.55 -0.58 -24.90
N GLN B 285 8.42 -1.60 -24.02
CA GLN B 285 9.47 -1.87 -22.97
C GLN B 285 9.86 -0.64 -22.20
N GLY B 286 8.85 0.04 -21.73
CA GLY B 286 9.04 1.12 -20.79
C GLY B 286 9.26 2.54 -21.42
N LEU B 287 9.31 2.61 -22.74
CA LEU B 287 9.44 3.88 -23.47
C LEU B 287 8.05 4.32 -23.96
N GLY B 288 7.99 5.54 -24.43
CA GLY B 288 6.76 6.12 -24.90
C GLY B 288 6.93 7.25 -25.94
N TRP B 289 5.83 7.93 -26.21
CA TRP B 289 5.77 9.08 -27.16
C TRP B 289 6.34 8.70 -28.50
N LYS B 290 6.06 7.45 -28.90
CA LYS B 290 6.51 7.01 -30.27
C LYS B 290 5.88 7.92 -31.27
N SER B 291 6.66 8.45 -32.19
CA SER B 291 6.14 9.38 -33.19
C SER B 291 6.07 8.84 -34.64
N ALA B 292 4.94 9.12 -35.27
CA ALA B 292 4.70 8.72 -36.68
C ALA B 292 5.25 9.77 -37.59
N TYR B 293 5.82 10.90 -37.11
CA TYR B 293 6.33 11.94 -37.97
C TYR B 293 7.69 11.64 -38.57
N ARG B 294 7.72 11.35 -39.93
CA ARG B 294 8.98 10.99 -40.57
C ARG B 294 9.70 9.89 -39.86
N THR B 295 10.99 10.05 -39.49
CA THR B 295 11.70 8.97 -38.82
C THR B 295 11.38 8.89 -37.31
N GLY B 296 10.66 9.87 -36.81
CA GLY B 296 10.17 9.82 -35.36
C GLY B 296 11.19 10.15 -34.34
N LYS B 297 12.32 10.62 -34.78
CA LYS B 297 13.54 10.85 -33.94
C LYS B 297 14.49 11.81 -34.57
N GLY B 298 15.53 12.14 -33.81
CA GLY B 298 16.64 12.94 -34.39
C GLY B 298 16.18 14.25 -35.02
N ALA B 299 16.50 14.44 -36.31
CA ALA B 299 16.05 15.61 -36.99
C ALA B 299 14.53 15.83 -37.04
N ASP B 300 13.78 14.76 -36.90
CA ASP B 300 12.34 14.73 -36.96
C ASP B 300 11.64 14.74 -35.55
N ALA B 301 12.49 14.85 -34.47
CA ALA B 301 11.92 14.71 -33.13
C ALA B 301 10.88 15.70 -32.76
N ILE B 302 9.87 15.25 -32.02
CA ILE B 302 8.85 16.09 -31.41
C ILE B 302 8.73 15.74 -29.93
N THR B 303 9.02 16.77 -29.14
CA THR B 303 8.97 16.67 -27.72
C THR B 303 7.97 17.64 -27.12
N SER B 304 8.30 18.92 -27.09
CA SER B 304 7.40 19.94 -26.62
C SER B 304 6.50 20.48 -27.74
N GLY B 305 6.92 20.34 -29.00
CA GLY B 305 6.20 21.01 -30.07
C GLY B 305 6.83 22.36 -30.44
N LEU B 306 7.78 22.88 -29.69
CA LEU B 306 8.48 24.07 -30.04
C LEU B 306 9.72 23.69 -30.82
N GLU B 307 10.23 24.62 -31.64
CA GLU B 307 11.42 24.39 -32.47
C GLU B 307 12.32 25.56 -32.33
N VAL B 308 13.09 25.58 -31.27
CA VAL B 308 13.98 26.69 -30.88
C VAL B 308 15.36 26.13 -30.60
N THR B 309 16.42 26.80 -31.06
CA THR B 309 17.79 26.56 -30.73
C THR B 309 18.32 27.86 -30.36
N TRP B 310 18.84 28.05 -29.11
CA TRP B 310 19.15 29.35 -28.56
C TRP B 310 20.51 29.93 -28.99
N THR B 311 21.54 29.14 -29.15
CA THR B 311 22.89 29.70 -29.34
C THR B 311 23.55 29.12 -30.61
N THR B 312 24.59 29.86 -30.99
CA THR B 312 25.44 29.48 -32.15
C THR B 312 26.35 28.32 -31.84
N THR B 313 26.53 27.91 -30.57
CA THR B 313 27.28 26.74 -30.20
C THR B 313 26.50 25.90 -29.12
N PRO B 314 25.52 25.15 -29.57
CA PRO B 314 24.64 24.53 -28.55
C PRO B 314 25.30 23.48 -27.70
N THR B 315 26.52 23.01 -28.05
CA THR B 315 27.19 21.98 -27.31
C THR B 315 28.39 22.54 -26.58
N GLN B 316 28.46 23.86 -26.41
CA GLN B 316 29.53 24.54 -25.70
C GLN B 316 29.05 25.69 -24.93
N TRP B 317 29.49 25.78 -23.67
CA TRP B 317 29.24 26.90 -22.80
C TRP B 317 29.65 28.17 -23.53
N SER B 318 28.86 29.23 -23.45
CA SER B 318 29.10 30.46 -24.24
C SER B 318 28.41 31.59 -23.45
N HIS B 319 28.58 32.82 -23.94
CA HIS B 319 27.82 33.94 -23.47
C HIS B 319 26.82 34.38 -24.52
N ASN B 320 26.42 33.46 -25.40
CA ASN B 320 25.58 33.83 -26.55
C ASN B 320 24.11 33.95 -26.26
N PHE B 321 23.64 33.34 -25.14
CA PHE B 321 22.22 33.47 -24.83
C PHE B 321 21.85 34.96 -24.64
N PHE B 322 22.53 35.69 -23.76
CA PHE B 322 22.22 37.08 -23.54
C PHE B 322 22.64 38.00 -24.73
N GLU B 323 23.67 37.60 -25.46
CA GLU B 323 23.96 38.38 -26.72
C GLU B 323 22.80 38.34 -27.59
N ASN B 324 22.18 37.15 -27.80
CA ASN B 324 21.05 37.05 -28.68
C ASN B 324 19.82 37.73 -28.08
N LEU B 325 19.59 37.52 -26.76
CA LEU B 325 18.38 38.09 -26.17
C LEU B 325 18.27 39.61 -26.34
N PHE B 326 19.40 40.25 -26.11
CA PHE B 326 19.46 41.74 -26.12
C PHE B 326 19.77 42.27 -27.53
N GLY B 327 20.42 41.46 -28.37
CA GLY B 327 21.00 41.92 -29.63
C GLY B 327 20.04 41.96 -30.75
N TYR B 328 18.88 41.37 -30.63
CA TYR B 328 17.85 41.38 -31.68
C TYR B 328 16.55 41.82 -31.09
N GLU B 329 15.68 42.29 -32.00
CA GLU B 329 14.27 42.40 -31.72
C GLU B 329 13.53 41.17 -32.18
N TRP B 330 12.42 40.88 -31.50
CA TRP B 330 11.81 39.55 -31.64
C TRP B 330 10.43 39.62 -32.18
N GLU B 331 10.14 38.73 -33.07
CA GLU B 331 8.87 38.61 -33.71
C GLU B 331 8.18 37.30 -33.36
N LEU B 332 6.87 37.40 -33.15
CA LEU B 332 6.08 36.24 -32.85
C LEU B 332 5.86 35.43 -34.04
N THR B 333 6.05 34.14 -33.95
CA THR B 333 5.88 33.17 -35.03
C THR B 333 5.38 31.83 -34.47
N LYS B 334 5.30 30.84 -35.33
CA LYS B 334 4.85 29.53 -34.94
C LYS B 334 5.84 28.51 -35.32
N SER B 335 6.01 27.48 -34.47
CA SER B 335 6.77 26.31 -34.84
C SER B 335 6.10 25.47 -35.89
N PRO B 336 6.78 24.41 -36.37
CA PRO B 336 6.11 23.51 -37.28
C PRO B 336 4.96 22.74 -36.71
N ALA B 337 4.86 22.59 -35.40
CA ALA B 337 3.73 21.99 -34.75
C ALA B 337 2.64 23.01 -34.41
N GLY B 338 2.85 24.28 -34.67
CA GLY B 338 1.87 25.26 -34.36
C GLY B 338 1.99 25.99 -33.04
N ALA B 339 3.10 25.84 -32.35
CA ALA B 339 3.25 26.48 -31.05
C ALA B 339 3.82 27.85 -31.18
N HIS B 340 3.47 28.73 -30.29
CA HIS B 340 3.95 30.08 -30.32
C HIS B 340 5.45 30.15 -29.86
N GLN B 341 6.29 30.84 -30.61
CA GLN B 341 7.68 31.08 -30.30
C GLN B 341 8.17 32.32 -31.02
N TRP B 342 9.39 32.73 -30.83
CA TRP B 342 9.81 34.03 -31.28
C TRP B 342 11.04 33.80 -32.18
N VAL B 343 11.17 34.71 -33.17
CA VAL B 343 12.33 34.65 -34.14
C VAL B 343 12.94 36.07 -34.23
N ALA B 344 14.25 36.12 -34.35
CA ALA B 344 14.99 37.37 -34.39
C ALA B 344 14.77 38.12 -35.74
N LYS B 345 14.28 39.34 -35.56
CA LYS B 345 13.96 40.18 -36.79
C LYS B 345 15.25 40.58 -37.49
N GLY B 346 15.23 40.31 -38.77
CA GLY B 346 16.36 40.66 -39.66
C GLY B 346 17.62 39.85 -39.51
N ALA B 347 17.60 38.76 -38.77
CA ALA B 347 18.87 38.17 -38.47
C ALA B 347 19.32 37.30 -39.63
N ASP B 348 20.61 37.07 -39.66
CA ASP B 348 21.20 36.10 -40.51
C ASP B 348 20.98 34.67 -39.88
N ALA B 349 21.09 33.67 -40.73
CA ALA B 349 21.03 32.24 -40.32
C ALA B 349 22.36 31.81 -39.71
N VAL B 350 22.57 32.06 -38.39
CA VAL B 350 23.75 31.81 -37.73
C VAL B 350 23.76 30.57 -36.75
N ILE B 351 22.61 30.00 -36.55
CA ILE B 351 22.46 28.91 -35.53
C ILE B 351 22.64 27.60 -36.31
N PRO B 352 23.47 26.70 -35.85
CA PRO B 352 23.64 25.43 -36.56
C PRO B 352 22.47 24.54 -36.46
N ASP B 353 22.32 23.70 -37.45
CA ASP B 353 21.32 22.61 -37.46
C ASP B 353 21.86 21.42 -36.67
N ALA B 354 21.01 20.66 -36.02
CA ALA B 354 21.42 19.51 -35.20
C ALA B 354 21.92 18.33 -35.98
N PHE B 355 21.56 18.22 -37.26
CA PHE B 355 21.92 17.09 -38.07
C PHE B 355 22.53 17.36 -39.47
N ASP B 356 22.13 18.45 -40.06
CA ASP B 356 22.49 18.72 -41.52
C ASP B 356 23.43 19.87 -41.51
N PRO B 357 24.77 19.63 -41.79
CA PRO B 357 25.77 20.79 -41.84
C PRO B 357 25.48 21.79 -42.89
N SER B 358 24.61 21.53 -43.85
CA SER B 358 24.36 22.53 -44.90
C SER B 358 23.19 23.48 -44.48
N LYS B 359 22.52 23.26 -43.33
CA LYS B 359 21.39 24.13 -42.93
C LYS B 359 21.79 25.00 -41.75
N LYS B 360 21.38 26.26 -41.74
CA LYS B 360 21.54 27.15 -40.59
C LYS B 360 20.21 27.80 -40.35
N HIS B 361 20.02 28.35 -39.16
CA HIS B 361 18.73 28.88 -38.73
C HIS B 361 18.91 30.24 -38.08
N ARG B 362 17.84 31.03 -38.10
CA ARG B 362 17.87 32.29 -37.39
C ARG B 362 17.78 32.02 -35.83
N PRO B 363 18.30 32.93 -35.05
CA PRO B 363 18.07 32.87 -33.62
C PRO B 363 16.58 32.86 -33.30
N THR B 364 16.23 32.02 -32.29
CA THR B 364 14.88 31.93 -31.80
C THR B 364 14.86 31.87 -30.26
N MET B 365 13.71 32.14 -29.69
CA MET B 365 13.52 32.25 -28.24
C MET B 365 12.11 31.75 -27.91
N LEU B 366 11.93 31.28 -26.65
CA LEU B 366 10.61 31.05 -26.14
C LEU B 366 10.05 32.33 -25.53
N THR B 367 8.75 32.41 -25.38
CA THR B 367 8.15 33.46 -24.61
C THR B 367 8.79 33.68 -23.28
N THR B 368 9.00 32.57 -22.58
CA THR B 368 9.59 32.60 -21.22
C THR B 368 11.06 32.95 -21.17
N ASP B 369 11.77 32.83 -22.29
CA ASP B 369 13.09 33.42 -22.39
C ASP B 369 13.02 34.94 -22.50
N LEU B 370 12.04 35.44 -23.28
CA LEU B 370 11.88 36.87 -23.50
C LEU B 370 11.47 37.51 -22.18
N SER B 371 10.83 36.74 -21.27
CA SER B 371 10.54 37.26 -19.89
C SER B 371 11.75 37.81 -19.20
N LEU B 372 12.91 37.24 -19.52
CA LEU B 372 14.17 37.66 -18.87
C LEU B 372 14.64 39.05 -19.25
N ARG B 373 14.10 39.49 -20.39
CA ARG B 373 14.35 40.89 -20.89
C ARG B 373 13.21 41.82 -20.66
N PHE B 374 11.95 41.34 -20.72
CA PHE B 374 10.80 42.28 -20.69
C PHE B 374 10.18 42.46 -19.33
N ASP B 375 10.47 41.61 -18.35
CA ASP B 375 10.08 41.88 -16.96
C ASP B 375 11.11 42.81 -16.44
N PRO B 376 10.72 43.89 -15.80
CA PRO B 376 11.75 44.86 -15.44
C PRO B 376 12.73 44.46 -14.39
N ALA B 377 12.34 43.65 -13.49
CA ALA B 377 13.32 43.20 -12.44
C ALA B 377 14.25 42.17 -13.06
N TYR B 378 13.73 41.25 -13.92
CA TYR B 378 14.64 40.30 -14.55
C TYR B 378 15.63 41.02 -15.51
N GLU B 379 15.14 42.07 -16.19
CA GLU B 379 15.95 42.74 -17.17
C GLU B 379 17.21 43.28 -16.53
N LYS B 380 17.12 43.79 -15.32
CA LYS B 380 18.30 44.36 -14.68
C LYS B 380 19.37 43.30 -14.36
N ILE B 381 18.88 42.11 -13.93
CA ILE B 381 19.79 41.01 -13.68
C ILE B 381 20.38 40.43 -14.98
N SER B 382 19.53 40.23 -15.97
CA SER B 382 19.95 39.82 -17.31
C SER B 382 21.03 40.72 -17.92
N ARG B 383 20.80 42.02 -17.72
CA ARG B 383 21.83 42.96 -18.22
C ARG B 383 23.12 42.83 -17.51
N ARG B 384 23.06 42.76 -16.20
CA ARG B 384 24.27 42.56 -15.39
C ARG B 384 25.00 41.28 -15.78
N PHE B 385 24.24 40.17 -16.04
CA PHE B 385 24.89 38.99 -16.49
C PHE B 385 25.48 39.08 -17.90
N HIS B 386 24.83 39.80 -18.81
CA HIS B 386 25.32 40.09 -20.19
C HIS B 386 26.65 40.91 -20.09
N GLU B 387 26.65 41.89 -19.22
CA GLU B 387 27.86 42.77 -19.10
C GLU B 387 28.95 42.12 -18.27
N ASN B 388 28.64 41.15 -17.39
CA ASN B 388 29.61 40.52 -16.48
C ASN B 388 29.47 38.98 -16.50
N PRO B 389 29.83 38.35 -17.60
CA PRO B 389 29.55 36.94 -17.74
C PRO B 389 30.14 36.07 -16.68
N GLU B 390 31.22 36.47 -16.02
CA GLU B 390 31.73 35.74 -14.92
C GLU B 390 30.76 35.69 -13.73
N GLN B 391 30.03 36.76 -13.49
CA GLN B 391 28.99 36.78 -12.53
C GLN B 391 27.87 35.79 -12.89
N PHE B 392 27.52 35.76 -14.17
CA PHE B 392 26.52 34.81 -14.65
C PHE B 392 27.02 33.40 -14.37
N ALA B 393 28.25 33.07 -14.74
CA ALA B 393 28.76 31.73 -14.61
C ALA B 393 28.73 31.28 -13.16
N ASP B 394 29.13 32.16 -12.27
CA ASP B 394 29.21 31.79 -10.88
C ASP B 394 27.78 31.62 -10.28
N ALA B 395 26.87 32.53 -10.67
CA ALA B 395 25.51 32.39 -10.22
C ALA B 395 24.85 31.14 -10.70
N PHE B 396 25.06 30.82 -11.99
CA PHE B 396 24.49 29.57 -12.52
C PHE B 396 25.07 28.37 -11.82
N ALA B 397 26.36 28.35 -11.57
CA ALA B 397 26.95 27.16 -10.90
C ALA B 397 26.35 26.99 -9.52
N ARG B 398 26.22 28.07 -8.79
CA ARG B 398 25.68 27.99 -7.43
C ARG B 398 24.20 27.56 -7.48
N ALA B 399 23.45 28.13 -8.42
CA ALA B 399 22.03 27.81 -8.56
C ALA B 399 21.79 26.37 -9.00
N TRP B 400 22.65 25.88 -9.88
CA TRP B 400 22.57 24.48 -10.30
C TRP B 400 22.80 23.53 -9.13
N PHE B 401 23.83 23.83 -8.30
CA PHE B 401 24.06 23.03 -7.16
C PHE B 401 22.81 23.08 -6.21
N LYS B 402 22.32 24.26 -5.90
CA LYS B 402 21.14 24.39 -5.06
C LYS B 402 19.97 23.58 -5.61
N LEU B 403 19.67 23.82 -6.89
CA LEU B 403 18.57 23.15 -7.55
C LEU B 403 18.66 21.65 -7.32
N THR B 404 19.83 21.10 -7.50
CA THR B 404 20.00 19.64 -7.56
C THR B 404 20.27 19.02 -6.17
N HIS B 405 20.42 19.83 -5.14
CA HIS B 405 20.68 19.41 -3.78
C HIS B 405 19.68 19.92 -2.77
N ARG B 406 18.67 20.72 -3.21
CA ARG B 406 17.79 21.42 -2.26
CA ARG B 406 17.77 21.41 -2.31
C ARG B 406 17.02 20.52 -1.36
N ASP B 407 16.76 19.32 -1.79
CA ASP B 407 15.98 18.33 -1.07
C ASP B 407 16.81 17.28 -0.37
N MET B 408 18.13 17.47 -0.24
CA MET B 408 18.99 16.42 0.26
C MET B 408 19.13 16.47 1.80
N GLY B 409 18.80 17.58 2.38
CA GLY B 409 18.84 17.78 3.84
C GLY B 409 20.19 18.29 4.33
N PRO B 410 20.44 17.97 5.57
CA PRO B 410 21.65 18.49 6.15
C PRO B 410 22.90 18.01 5.45
N ARG B 411 23.91 18.82 5.57
CA ARG B 411 25.20 18.47 4.92
C ARG B 411 25.80 17.19 5.40
N ALA B 412 25.48 16.73 6.60
CA ALA B 412 25.88 15.41 7.01
C ALA B 412 25.50 14.25 6.15
N ARG B 413 24.47 14.43 5.31
CA ARG B 413 24.09 13.39 4.41
C ARG B 413 24.86 13.36 3.07
N TYR B 414 25.65 14.40 2.80
CA TYR B 414 26.38 14.52 1.53
C TYR B 414 27.55 13.66 1.46
N LEU B 415 27.64 12.86 0.43
CA LEU B 415 28.68 11.87 0.28
C LEU B 415 29.64 12.15 -0.88
N GLY B 416 30.87 11.68 -0.71
CA GLY B 416 31.81 11.60 -1.83
C GLY B 416 32.85 12.67 -1.87
N PRO B 417 33.71 12.62 -2.90
CA PRO B 417 34.92 13.48 -2.97
C PRO B 417 34.68 14.80 -3.64
N GLU B 418 33.45 15.09 -4.11
CA GLU B 418 33.15 16.39 -4.77
C GLU B 418 32.20 17.34 -4.07
N VAL B 419 32.03 17.09 -2.79
CA VAL B 419 31.17 17.93 -1.95
C VAL B 419 31.76 19.26 -1.74
N PRO B 420 31.06 20.35 -2.01
CA PRO B 420 31.63 21.66 -1.82
C PRO B 420 31.84 21.93 -0.34
N ALA B 421 33.00 22.46 -0.02
CA ALA B 421 33.32 22.82 1.39
C ALA B 421 32.51 24.04 1.84
N GLU B 422 32.15 24.92 0.93
CA GLU B 422 31.47 26.14 1.31
C GLU B 422 30.04 25.80 1.87
N VAL B 423 29.72 26.38 3.03
CA VAL B 423 28.42 26.18 3.68
C VAL B 423 27.51 27.22 3.18
N LEU B 424 26.34 26.85 2.71
CA LEU B 424 25.44 27.73 2.08
C LEU B 424 24.24 27.95 2.99
N LEU B 425 23.69 29.16 2.97
CA LEU B 425 22.61 29.46 3.89
C LEU B 425 21.40 28.60 3.73
N TRP B 426 21.12 28.20 2.45
CA TRP B 426 19.98 27.43 2.19
C TRP B 426 19.98 26.04 2.73
N GLN B 427 21.19 25.52 3.14
CA GLN B 427 21.37 24.25 3.77
C GLN B 427 20.90 24.18 5.28
N ASP B 428 20.48 25.32 5.81
CA ASP B 428 20.05 25.44 7.23
C ASP B 428 21.21 24.92 8.10
N PRO B 429 22.38 25.46 7.96
CA PRO B 429 23.57 24.85 8.51
C PRO B 429 23.55 24.79 10.10
N ILE B 430 24.19 23.75 10.58
CA ILE B 430 24.29 23.49 12.04
C ILE B 430 25.81 23.59 12.29
N PRO B 431 26.27 24.39 13.22
CA PRO B 431 27.70 24.36 13.59
C PRO B 431 28.24 23.00 14.02
N ALA B 432 29.52 22.80 13.75
CA ALA B 432 30.17 21.60 14.22
C ALA B 432 30.33 21.63 15.71
N VAL B 433 30.25 20.46 16.33
CA VAL B 433 30.50 20.39 17.76
C VAL B 433 32.02 20.17 17.95
N ASP B 434 32.59 20.96 18.83
CA ASP B 434 34.04 20.93 19.06
C ASP B 434 34.34 20.85 20.56
N HIS B 435 33.48 20.20 21.33
CA HIS B 435 33.69 20.06 22.75
C HIS B 435 33.15 18.65 23.15
N PRO B 436 33.54 18.16 24.30
CA PRO B 436 32.96 16.91 24.83
C PRO B 436 31.45 17.07 25.03
N LEU B 437 30.74 15.99 24.79
CA LEU B 437 29.35 15.96 25.06
C LEU B 437 29.02 15.45 26.44
N ILE B 438 27.82 15.81 26.90
CA ILE B 438 27.27 15.28 28.11
C ILE B 438 27.13 13.77 28.07
N ASP B 439 27.38 13.17 29.22
CA ASP B 439 27.24 11.70 29.37
C ASP B 439 26.00 11.33 30.11
N ALA B 440 25.80 10.05 30.43
CA ALA B 440 24.59 9.66 31.11
C ALA B 440 24.41 10.24 32.49
N ALA B 441 25.53 10.41 33.22
CA ALA B 441 25.41 10.97 34.53
C ALA B 441 24.99 12.51 34.47
N ASP B 442 25.53 13.18 33.47
CA ASP B 442 25.22 14.59 33.24
C ASP B 442 23.78 14.72 32.81
N ALA B 443 23.28 13.79 31.96
CA ALA B 443 21.86 13.84 31.58
C ALA B 443 20.95 13.66 32.75
N ALA B 444 21.33 12.79 33.67
CA ALA B 444 20.51 12.61 34.88
C ALA B 444 20.52 13.86 35.71
N GLU B 445 21.64 14.50 35.83
CA GLU B 445 21.72 15.73 36.60
C GLU B 445 20.87 16.84 36.00
N LEU B 446 20.99 17.01 34.66
CA LEU B 446 20.17 18.04 33.95
C LEU B 446 18.65 17.76 34.06
N LYS B 447 18.24 16.48 33.91
CA LYS B 447 16.80 16.15 34.02
C LYS B 447 16.33 16.47 35.40
N ALA B 448 17.16 16.25 36.41
CA ALA B 448 16.66 16.56 37.77
C ALA B 448 16.53 18.06 37.96
N LYS B 449 17.49 18.82 37.46
CA LYS B 449 17.41 20.28 37.50
C LYS B 449 16.15 20.79 36.80
N VAL B 450 15.88 20.22 35.63
CA VAL B 450 14.70 20.63 34.86
C VAL B 450 13.42 20.34 35.69
N LEU B 451 13.30 19.15 36.30
CA LEU B 451 12.07 18.78 37.04
C LEU B 451 12.00 19.64 38.34
N ALA B 452 13.12 20.02 38.87
CA ALA B 452 13.14 20.85 40.11
C ALA B 452 12.81 22.29 39.82
N SER B 453 12.81 22.78 38.57
CA SER B 453 12.66 24.20 38.25
C SER B 453 11.21 24.59 38.36
N GLY B 454 10.25 23.62 38.33
CA GLY B 454 8.85 23.90 38.29
C GLY B 454 8.21 23.83 36.91
N LEU B 455 9.03 23.62 35.84
CA LEU B 455 8.43 23.42 34.53
C LEU B 455 7.49 22.19 34.63
N THR B 456 6.34 22.27 34.00
CA THR B 456 5.39 21.17 34.07
C THR B 456 5.63 20.13 32.92
N VAL B 457 5.00 18.98 33.13
CA VAL B 457 4.99 17.99 32.01
C VAL B 457 4.49 18.59 30.81
N SER B 458 3.33 19.30 30.86
CA SER B 458 2.82 19.92 29.67
C SER B 458 3.79 20.88 29.00
N GLN B 459 4.42 21.75 29.73
CA GLN B 459 5.34 22.67 29.14
C GLN B 459 6.59 21.96 28.50
N LEU B 460 7.09 20.93 29.15
CA LEU B 460 8.31 20.25 28.72
C LEU B 460 7.99 19.47 27.42
N VAL B 461 6.87 18.75 27.43
CA VAL B 461 6.46 17.94 26.27
C VAL B 461 6.16 18.86 25.11
N SER B 462 5.35 19.87 25.39
CA SER B 462 4.93 20.79 24.29
C SER B 462 6.15 21.47 23.63
N THR B 463 7.13 21.91 24.42
CA THR B 463 8.33 22.62 23.92
C THR B 463 9.18 21.68 22.97
N ALA B 464 9.36 20.44 23.51
CA ALA B 464 10.15 19.49 22.74
C ALA B 464 9.44 19.07 21.47
N TRP B 465 8.13 18.87 21.54
CA TRP B 465 7.32 18.56 20.41
C TRP B 465 7.44 19.64 19.37
N ALA B 466 7.29 20.89 19.83
CA ALA B 466 7.38 22.05 18.89
C ALA B 466 8.71 22.14 18.19
N ALA B 467 9.80 21.83 18.91
CA ALA B 467 11.10 21.85 18.40
C ALA B 467 11.39 20.76 17.38
N ALA B 468 10.99 19.55 17.71
CA ALA B 468 11.34 18.38 16.90
C ALA B 468 10.41 18.16 15.70
N SER B 469 9.16 18.55 15.81
CA SER B 469 8.12 18.14 14.83
C SER B 469 8.09 19.02 13.62
N THR B 470 9.03 19.97 13.47
CA THR B 470 9.21 20.71 12.22
C THR B 470 9.87 19.87 11.15
N PHE B 471 10.46 18.74 11.51
CA PHE B 471 11.11 17.86 10.50
C PHE B 471 10.10 17.39 9.49
N ARG B 472 10.57 17.36 8.24
CA ARG B 472 9.79 16.65 7.22
C ARG B 472 10.78 15.78 6.38
N GLY B 473 10.42 14.52 6.12
CA GLY B 473 11.27 13.64 5.42
C GLY B 473 11.30 13.91 3.91
N SER B 474 10.38 14.67 3.42
CA SER B 474 10.32 14.97 1.99
C SER B 474 11.57 15.68 1.51
N ASP B 475 12.07 16.67 2.23
CA ASP B 475 13.29 17.34 1.90
C ASP B 475 14.28 17.35 3.05
N LYS B 476 14.00 16.63 4.16
CA LYS B 476 14.88 16.44 5.33
C LYS B 476 15.22 17.76 5.96
N ARG B 477 14.36 18.75 5.82
CA ARG B 477 14.46 20.04 6.53
C ARG B 477 13.76 19.95 7.91
N GLY B 478 14.16 20.85 8.81
CA GLY B 478 13.54 20.93 10.11
C GLY B 478 14.09 19.96 11.14
N GLY B 479 13.41 19.92 12.27
CA GLY B 479 13.84 19.13 13.43
C GLY B 479 14.47 19.95 14.53
N ALA B 480 14.76 19.25 15.64
CA ALA B 480 15.23 19.96 16.81
C ALA B 480 16.71 20.41 16.79
N ASN B 481 17.54 19.80 15.90
CA ASN B 481 18.92 20.19 15.82
C ASN B 481 18.97 21.65 15.42
N GLY B 482 19.86 22.41 16.01
CA GLY B 482 19.98 23.83 15.69
C GLY B 482 19.29 24.76 16.70
N ALA B 483 18.42 24.23 17.51
CA ALA B 483 17.64 25.06 18.46
C ALA B 483 17.04 26.28 17.78
N ARG B 484 16.53 26.07 16.58
CA ARG B 484 15.95 27.20 15.83
C ARG B 484 14.59 27.64 16.43
N ILE B 485 14.02 26.87 17.35
CA ILE B 485 12.79 27.21 18.00
C ILE B 485 13.02 28.51 18.82
N ARG B 486 14.24 28.86 19.17
CA ARG B 486 14.52 30.06 19.93
C ARG B 486 14.72 31.27 19.05
N LEU B 487 14.76 31.11 17.73
CA LEU B 487 15.12 32.11 16.75
C LEU B 487 13.88 32.61 16.08
N ALA B 488 13.95 33.72 15.32
CA ALA B 488 12.93 34.04 14.36
C ALA B 488 13.01 33.06 13.15
N PRO B 489 11.92 32.66 12.56
CA PRO B 489 10.58 32.97 12.93
C PRO B 489 9.89 31.93 13.84
N GLN B 490 10.59 30.80 14.16
CA GLN B 490 9.90 29.74 14.92
C GLN B 490 9.37 30.19 16.24
N LYS B 491 10.12 31.11 16.87
CA LYS B 491 9.74 31.56 18.21
C LYS B 491 8.44 32.32 18.26
N ASP B 492 8.02 32.80 17.13
CA ASP B 492 6.80 33.63 17.01
C ASP B 492 5.65 32.91 16.37
N TRP B 493 5.75 31.62 16.00
CA TRP B 493 4.67 30.96 15.34
C TRP B 493 3.58 30.71 16.28
N GLU B 494 2.34 30.91 15.83
CA GLU B 494 1.20 30.71 16.74
C GLU B 494 1.15 29.31 17.37
N ALA B 495 1.38 28.30 16.51
CA ALA B 495 1.33 26.91 16.99
C ALA B 495 2.33 26.67 18.12
N ASN B 496 3.40 27.43 18.16
CA ASN B 496 4.43 27.27 19.19
C ASN B 496 4.17 27.98 20.50
N GLN B 497 3.06 28.68 20.54
CA GLN B 497 2.64 29.41 21.76
C GLN B 497 3.69 30.38 22.30
N PRO B 498 4.03 31.40 21.56
CA PRO B 498 5.12 32.26 21.82
C PRO B 498 5.35 32.68 23.23
N GLU B 499 4.29 33.11 23.94
CA GLU B 499 4.58 33.55 25.34
C GLU B 499 4.99 32.42 26.27
N GLN B 500 4.30 31.27 26.14
CA GLN B 500 4.63 30.12 26.96
C GLN B 500 6.05 29.62 26.61
N LEU B 501 6.35 29.57 25.30
CA LEU B 501 7.65 29.17 24.83
C LEU B 501 8.76 30.00 25.40
N ALA B 502 8.60 31.35 25.39
CA ALA B 502 9.61 32.19 25.88
C ALA B 502 9.88 31.90 27.32
N ALA B 503 8.87 31.66 28.13
CA ALA B 503 9.11 31.40 29.59
C ALA B 503 9.85 30.06 29.77
N VAL B 504 9.51 29.04 28.96
CA VAL B 504 10.21 27.76 29.09
C VAL B 504 11.69 27.91 28.68
N LEU B 505 11.92 28.61 27.54
CA LEU B 505 13.26 28.82 27.03
C LEU B 505 14.10 29.63 28.03
N GLU B 506 13.46 30.60 28.69
CA GLU B 506 14.28 31.34 29.64
C GLU B 506 14.71 30.50 30.81
N THR B 507 13.85 29.61 31.31
CA THR B 507 14.20 28.72 32.36
C THR B 507 15.26 27.74 31.91
N LEU B 508 15.08 27.15 30.72
CA LEU B 508 16.14 26.22 30.23
C LEU B 508 17.47 26.85 30.00
N GLU B 509 17.46 28.10 29.51
CA GLU B 509 18.73 28.82 29.20
C GLU B 509 19.40 29.07 30.58
N ALA B 510 18.64 29.30 31.65
CA ALA B 510 19.29 29.55 32.95
C ALA B 510 19.96 28.26 33.47
N ILE B 511 19.25 27.15 33.32
CA ILE B 511 19.82 25.80 33.65
C ILE B 511 21.04 25.53 32.85
N ARG B 512 21.00 25.76 31.55
CA ARG B 512 22.11 25.58 30.69
C ARG B 512 23.37 26.36 31.15
N THR B 513 23.12 27.63 31.37
CA THR B 513 24.22 28.56 31.73
C THR B 513 24.83 28.06 33.02
N ALA B 514 24.06 27.66 33.99
CA ALA B 514 24.54 27.23 35.28
C ALA B 514 25.37 25.92 35.12
N PHE B 515 24.82 24.98 34.39
CA PHE B 515 25.58 23.75 34.11
C PHE B 515 26.85 23.99 33.36
N ASN B 516 26.89 24.79 32.30
CA ASN B 516 28.00 25.00 31.49
C ASN B 516 29.09 25.75 32.29
N GLY B 517 28.63 26.63 33.18
CA GLY B 517 29.66 27.43 33.90
C GLY B 517 30.33 26.58 34.95
N ALA B 518 29.76 25.44 35.34
CA ALA B 518 30.35 24.59 36.36
C ALA B 518 31.31 23.57 35.75
N GLN B 519 31.37 23.39 34.45
CA GLN B 519 32.15 22.35 33.87
C GLN B 519 33.62 22.74 33.73
N ARG B 520 34.40 21.68 33.65
CA ARG B 520 35.76 21.63 33.15
C ARG B 520 35.94 20.87 31.86
N GLY B 521 37.10 21.21 31.31
CA GLY B 521 37.63 20.51 30.15
C GLY B 521 36.85 20.81 28.90
N GLY B 522 36.11 21.91 28.90
CA GLY B 522 35.41 22.26 27.70
C GLY B 522 33.97 21.66 27.55
N LYS B 523 33.58 20.74 28.39
CA LYS B 523 32.23 20.14 28.20
C LYS B 523 31.19 21.21 28.32
N GLN B 524 30.16 21.14 27.48
CA GLN B 524 29.01 22.04 27.56
C GLN B 524 27.83 21.32 26.92
N VAL B 525 26.65 21.74 27.28
CA VAL B 525 25.41 21.22 26.63
C VAL B 525 24.81 22.34 25.76
N SER B 526 24.43 21.97 24.57
CA SER B 526 23.75 22.93 23.70
C SER B 526 22.28 23.12 24.17
N LEU B 527 21.66 24.28 23.84
CA LEU B 527 20.26 24.46 24.09
C LEU B 527 19.40 23.43 23.31
N ALA B 528 19.86 23.15 22.08
CA ALA B 528 19.15 22.14 21.31
C ALA B 528 19.00 20.81 22.00
N ASP B 529 20.12 20.35 22.54
CA ASP B 529 20.09 19.10 23.36
C ASP B 529 19.26 19.28 24.57
N LEU B 530 19.41 20.39 25.33
CA LEU B 530 18.64 20.55 26.53
C LEU B 530 17.13 20.59 26.35
N ILE B 531 16.63 21.21 25.28
CA ILE B 531 15.24 21.22 24.91
C ILE B 531 14.72 19.79 24.82
N VAL B 532 15.44 18.97 24.01
CA VAL B 532 15.07 17.60 23.82
C VAL B 532 15.15 16.73 25.13
N LEU B 533 16.23 16.91 25.89
CA LEU B 533 16.42 16.24 27.15
C LEU B 533 15.35 16.60 28.15
N ALA B 534 14.98 17.88 28.14
CA ALA B 534 13.91 18.31 29.04
C ALA B 534 12.55 17.77 28.68
N GLY B 535 12.29 17.57 27.40
CA GLY B 535 11.12 16.91 26.93
C GLY B 535 11.10 15.43 27.36
N CYS B 536 12.25 14.75 27.29
CA CYS B 536 12.44 13.40 27.75
C CYS B 536 12.11 13.36 29.28
N ALA B 537 12.60 14.30 30.04
CA ALA B 537 12.32 14.33 31.48
C ALA B 537 10.82 14.52 31.75
N GLY B 538 10.16 15.34 30.92
CA GLY B 538 8.71 15.41 30.97
C GLY B 538 7.98 14.13 30.75
N VAL B 539 8.41 13.36 29.76
CA VAL B 539 7.77 12.08 29.50
C VAL B 539 8.03 11.10 30.66
N GLU B 540 9.30 11.09 31.19
CA GLU B 540 9.62 10.27 32.33
C GLU B 540 8.72 10.58 33.55
N GLN B 541 8.60 11.90 33.80
CA GLN B 541 7.77 12.35 34.91
C GLN B 541 6.27 11.97 34.66
N ALA B 542 5.79 12.06 33.42
CA ALA B 542 4.43 11.67 33.18
C ALA B 542 4.24 10.21 33.41
N ALA B 543 5.22 9.39 33.04
CA ALA B 543 5.12 7.98 33.30
C ALA B 543 5.13 7.70 34.79
N LYS B 544 5.98 8.39 35.53
CA LYS B 544 5.96 8.27 37.00
C LYS B 544 4.57 8.66 37.61
N ASN B 545 3.97 9.72 37.11
CA ASN B 545 2.66 10.16 37.49
C ASN B 545 1.61 9.08 37.29
N ALA B 546 1.84 8.19 36.36
CA ALA B 546 0.95 7.03 36.07
C ALA B 546 1.35 5.77 36.78
N GLY B 547 2.37 5.81 37.60
CA GLY B 547 2.81 4.60 38.28
C GLY B 547 3.83 3.79 37.57
N HIS B 548 4.41 4.24 36.43
CA HIS B 548 5.27 3.41 35.63
C HIS B 548 6.75 3.91 35.80
N ALA B 549 7.75 3.01 35.77
CA ALA B 549 9.11 3.47 35.97
C ALA B 549 9.75 3.35 34.56
N VAL B 550 10.02 4.47 33.86
CA VAL B 550 10.38 4.46 32.50
C VAL B 550 11.60 5.38 32.35
N THR B 551 12.57 4.85 31.66
CA THR B 551 13.72 5.68 31.20
C THR B 551 13.54 5.95 29.68
N VAL B 552 13.61 7.19 29.30
CA VAL B 552 13.45 7.58 27.84
C VAL B 552 14.83 7.78 27.24
N PRO B 553 15.12 7.15 26.14
CA PRO B 553 16.44 7.28 25.46
C PRO B 553 16.67 8.78 25.09
N PHE B 554 17.96 9.11 25.16
CA PHE B 554 18.40 10.47 24.72
C PHE B 554 19.76 10.36 24.10
N ALA B 555 19.93 10.98 22.94
CA ALA B 555 21.20 11.05 22.31
C ALA B 555 21.68 12.52 22.21
N PRO B 556 22.79 12.85 22.89
CA PRO B 556 23.33 14.23 22.71
C PRO B 556 24.01 14.46 21.40
N GLY B 557 24.36 15.70 21.15
CA GLY B 557 25.14 16.03 19.98
C GLY B 557 24.60 17.02 19.05
N ARG B 558 23.42 17.53 19.40
CA ARG B 558 22.85 18.65 18.66
C ARG B 558 23.63 19.91 18.99
N ALA B 559 23.66 20.81 18.01
CA ALA B 559 24.30 22.11 18.21
C ALA B 559 23.32 23.21 17.99
N ASP B 560 23.72 24.41 18.37
CA ASP B 560 22.86 25.56 18.24
C ASP B 560 23.24 26.44 17.07
N ALA B 561 22.32 26.66 16.14
CA ALA B 561 22.57 27.52 15.00
C ALA B 561 22.26 28.96 15.43
N SER B 562 22.92 29.88 14.74
CA SER B 562 22.66 31.34 14.90
C SER B 562 21.51 31.85 14.09
N GLN B 563 21.07 33.05 14.43
CA GLN B 563 20.07 33.69 13.63
C GLN B 563 20.59 33.93 12.16
N GLU B 564 21.86 34.29 12.04
CA GLU B 564 22.46 34.60 10.73
C GLU B 564 22.61 33.32 9.88
N GLN B 565 22.56 32.16 10.52
CA GLN B 565 22.50 30.85 9.86
C GLN B 565 21.14 30.41 9.61
N THR B 566 20.12 31.23 9.84
CA THR B 566 18.74 30.84 9.73
C THR B 566 17.99 31.80 8.89
N ASP B 567 17.79 31.46 7.64
CA ASP B 567 17.05 32.33 6.66
C ASP B 567 15.59 32.33 7.01
N VAL B 568 15.10 33.48 7.49
CA VAL B 568 13.77 33.56 8.01
C VAL B 568 12.65 33.35 6.96
N GLU B 569 12.87 33.78 5.75
CA GLU B 569 11.84 33.55 4.70
C GLU B 569 11.77 32.11 4.28
N SER B 570 12.93 31.41 4.18
CA SER B 570 12.91 29.97 3.84
C SER B 570 12.30 29.14 4.97
N MET B 571 12.48 29.57 6.23
CA MET B 571 11.88 28.87 7.36
C MET B 571 10.34 28.94 7.45
N ALA B 572 9.75 29.97 6.79
CA ALA B 572 8.31 30.11 6.78
C ALA B 572 7.55 28.98 6.33
N VAL B 573 8.07 28.24 5.32
CA VAL B 573 7.30 27.05 4.91
C VAL B 573 7.25 25.96 5.81
N LEU B 574 8.08 25.97 6.85
CA LEU B 574 7.96 24.94 7.80
C LEU B 574 6.88 25.21 8.92
N GLU B 575 6.30 26.43 8.87
CA GLU B 575 5.31 26.76 9.92
C GLU B 575 4.11 25.75 9.85
N PRO B 576 3.76 25.18 10.96
CA PRO B 576 2.59 24.23 10.88
C PRO B 576 1.36 25.09 10.87
N VAL B 577 0.66 25.08 9.81
CA VAL B 577 -0.65 25.63 9.86
C VAL B 577 -1.74 24.61 10.28
N ALA B 578 -1.39 23.34 10.24
CA ALA B 578 -2.29 22.33 10.80
C ALA B 578 -1.28 21.38 11.52
N ASP B 579 -1.55 21.03 12.75
CA ASP B 579 -0.75 20.03 13.46
C ASP B 579 -1.73 19.34 14.37
N GLY B 580 -2.27 18.22 13.83
CA GLY B 580 -3.16 17.41 14.56
C GLY B 580 -2.70 16.90 15.91
N PHE B 581 -1.37 16.71 16.00
CA PHE B 581 -0.73 16.25 17.22
C PHE B 581 -0.87 17.23 18.33
N ARG B 582 -1.09 18.49 18.01
CA ARG B 582 -1.38 19.50 19.02
C ARG B 582 -2.80 20.07 18.90
N ASN B 583 -3.68 19.37 18.20
CA ASN B 583 -5.08 19.75 17.88
C ASN B 583 -5.15 21.22 17.37
N TYR B 584 -4.22 21.58 16.49
CA TYR B 584 -4.09 22.91 16.00
C TYR B 584 -4.47 23.01 14.56
N LEU B 585 -5.32 24.01 14.28
CA LEU B 585 -5.56 24.46 12.92
C LEU B 585 -5.55 25.99 12.84
N LYS B 586 -4.75 26.51 12.00
CA LYS B 586 -4.50 28.02 11.99
C LYS B 586 -5.71 28.69 11.42
N GLY B 587 -6.37 28.09 10.47
CA GLY B 587 -7.65 28.65 9.99
C GLY B 587 -8.54 27.62 9.44
N LYS B 588 -9.55 28.02 8.69
CA LYS B 588 -10.55 27.01 8.14
C LYS B 588 -10.06 26.68 6.73
N TYR B 589 -9.95 25.41 6.37
CA TYR B 589 -9.36 25.02 5.08
C TYR B 589 -10.36 24.16 4.40
N ARG B 590 -10.14 23.97 3.10
CA ARG B 590 -11.05 23.19 2.28
C ARG B 590 -10.72 21.70 2.56
N VAL B 591 -9.50 21.39 2.96
CA VAL B 591 -9.13 19.99 3.21
C VAL B 591 -9.52 19.58 4.63
N PRO B 592 -10.20 18.43 4.84
CA PRO B 592 -10.60 18.06 6.19
C PRO B 592 -9.36 17.82 7.12
N ALA B 593 -9.53 18.19 8.37
CA ALA B 593 -8.41 18.21 9.29
C ALA B 593 -7.78 16.82 9.39
N GLU B 594 -8.56 15.73 9.33
CA GLU B 594 -7.96 14.45 9.45
C GLU B 594 -7.07 14.07 8.28
N VAL B 595 -7.38 14.57 7.07
CA VAL B 595 -6.43 14.44 5.92
C VAL B 595 -5.17 15.20 6.19
N LEU B 596 -5.26 16.38 6.85
CA LEU B 596 -4.08 17.11 7.17
C LEU B 596 -3.20 16.40 8.24
N LEU B 597 -3.86 15.70 9.14
CA LEU B 597 -3.14 14.87 10.16
C LEU B 597 -2.33 13.80 9.46
N VAL B 598 -2.94 13.07 8.59
CA VAL B 598 -2.24 12.01 7.84
C VAL B 598 -1.08 12.56 7.04
N ASP B 599 -1.29 13.72 6.43
CA ASP B 599 -0.23 14.46 5.70
C ASP B 599 0.96 14.73 6.59
N LYS B 600 0.71 15.31 7.76
CA LYS B 600 1.73 15.55 8.74
C LYS B 600 2.44 14.26 9.21
N ALA B 601 1.69 13.21 9.51
CA ALA B 601 2.28 11.94 9.85
C ALA B 601 3.23 11.46 8.78
N GLN B 602 2.87 11.64 7.52
CA GLN B 602 3.71 11.21 6.41
C GLN B 602 5.01 11.98 6.38
N LEU B 603 4.94 13.30 6.60
CA LEU B 603 6.11 14.15 6.66
C LEU B 603 7.04 13.75 7.82
N LEU B 604 6.45 13.38 8.97
CA LEU B 604 7.19 12.88 10.09
C LEU B 604 7.75 11.46 9.98
N THR B 605 7.35 10.82 8.90
CA THR B 605 7.80 9.44 8.64
C THR B 605 7.10 8.38 9.48
N LEU B 606 5.98 8.72 10.03
CA LEU B 606 5.25 7.85 10.96
C LEU B 606 4.38 6.82 10.19
N SER B 607 4.33 5.62 10.71
CA SER B 607 3.25 4.68 10.25
C SER B 607 1.92 5.01 10.95
N ALA B 608 0.87 4.33 10.56
CA ALA B 608 -0.39 4.56 11.24
C ALA B 608 -0.39 4.17 12.68
N PRO B 609 0.17 3.04 13.07
CA PRO B 609 0.24 2.75 14.50
C PRO B 609 1.06 3.79 15.25
N GLU B 610 2.16 4.24 14.66
CA GLU B 610 2.95 5.26 15.33
C GLU B 610 2.19 6.58 15.50
N MET B 611 1.49 7.02 14.47
CA MET B 611 0.68 8.26 14.51
C MET B 611 -0.36 8.08 15.63
N THR B 612 -1.01 6.91 15.72
CA THR B 612 -2.07 6.64 16.66
C THR B 612 -1.59 6.77 18.11
N VAL B 613 -0.51 6.06 18.40
CA VAL B 613 0.02 6.04 19.78
C VAL B 613 0.52 7.42 20.16
N LEU B 614 1.16 8.07 19.21
CA LEU B 614 1.73 9.36 19.50
C LEU B 614 0.63 10.37 19.89
N LEU B 615 -0.38 10.44 19.04
CA LEU B 615 -1.47 11.40 19.25
C LEU B 615 -2.17 11.16 20.58
N GLY B 616 -2.49 9.88 20.86
CA GLY B 616 -3.17 9.62 22.12
C GLY B 616 -2.37 9.92 23.33
N GLY B 617 -1.05 9.76 23.24
CA GLY B 617 -0.22 10.15 24.34
C GLY B 617 -0.07 11.65 24.50
N LEU B 618 0.16 12.33 23.37
CA LEU B 618 0.28 13.81 23.44
C LEU B 618 -0.98 14.45 24.04
N ARG B 619 -2.14 13.92 23.66
CA ARG B 619 -3.40 14.51 24.24
C ARG B 619 -3.46 14.49 25.76
N VAL B 620 -3.02 13.38 26.38
CA VAL B 620 -3.07 13.29 27.81
C VAL B 620 -1.94 13.93 28.51
N LEU B 621 -0.85 14.25 27.83
CA LEU B 621 0.30 14.94 28.41
C LEU B 621 0.14 16.44 28.40
N GLY B 622 -0.89 16.98 27.76
CA GLY B 622 -1.10 18.44 27.69
C GLY B 622 -0.40 19.12 26.61
N ALA B 623 -0.15 18.43 25.46
CA ALA B 623 0.46 19.09 24.35
C ALA B 623 -0.43 19.97 23.47
N ASN B 624 -1.80 20.01 23.71
CA ASN B 624 -2.61 20.78 22.83
C ASN B 624 -2.21 22.31 22.90
N VAL B 625 -2.27 22.95 21.77
CA VAL B 625 -2.12 24.45 21.75
C VAL B 625 -3.27 25.05 22.56
N GLY B 626 -2.90 26.06 23.35
CA GLY B 626 -3.87 26.80 24.17
C GLY B 626 -4.46 26.04 25.31
N GLN B 627 -3.90 24.89 25.65
CA GLN B 627 -4.47 24.07 26.74
C GLN B 627 -5.97 23.69 26.42
N SER B 628 -6.29 23.60 25.14
CA SER B 628 -7.58 23.13 24.66
C SER B 628 -7.91 21.84 25.33
N ARG B 629 -9.18 21.64 25.71
CA ARG B 629 -9.63 20.35 26.25
C ARG B 629 -10.06 19.40 25.16
N HIS B 630 -10.04 19.82 23.93
CA HIS B 630 -10.52 18.96 22.87
C HIS B 630 -9.60 17.68 22.77
N GLY B 631 -10.21 16.51 22.88
CA GLY B 631 -9.49 15.26 22.84
C GLY B 631 -8.74 14.91 24.10
N VAL B 632 -8.86 15.69 25.18
CA VAL B 632 -8.18 15.40 26.41
C VAL B 632 -8.99 14.48 27.24
N PHE B 633 -9.15 13.25 26.79
CA PHE B 633 -10.04 12.30 27.40
C PHE B 633 -9.51 11.56 28.57
N THR B 634 -9.19 12.30 29.63
CA THR B 634 -8.67 11.77 30.78
C THR B 634 -9.05 12.67 31.99
N ALA B 635 -9.03 12.07 33.15
CA ALA B 635 -9.15 12.88 34.40
C ALA B 635 -7.80 12.91 35.09
N ARG B 636 -6.73 12.44 34.41
CA ARG B 636 -5.36 12.51 34.99
C ARG B 636 -4.40 13.07 33.99
N GLU B 637 -4.66 14.28 33.59
CA GLU B 637 -3.81 14.99 32.66
C GLU B 637 -2.38 15.08 33.22
N GLN B 638 -1.41 14.96 32.28
CA GLN B 638 0.01 14.95 32.65
C GLN B 638 0.51 13.62 33.25
N ALA B 639 -0.35 12.59 33.14
CA ALA B 639 0.06 11.23 33.37
C ALA B 639 -0.01 10.42 32.08
N LEU B 640 1.04 9.63 31.87
CA LEU B 640 1.15 8.92 30.55
C LEU B 640 0.34 7.62 30.69
N THR B 641 -0.88 7.65 30.21
CA THR B 641 -1.79 6.49 30.27
C THR B 641 -2.42 6.36 28.88
N ASN B 642 -3.13 5.22 28.68
CA ASN B 642 -3.90 4.98 27.47
C ASN B 642 -5.31 5.48 27.59
N ASP B 643 -5.59 6.41 28.52
CA ASP B 643 -6.94 6.92 28.67
C ASP B 643 -7.61 7.44 27.43
N PHE B 644 -6.86 8.09 26.51
CA PHE B 644 -7.43 8.62 25.30
C PHE B 644 -8.23 7.52 24.61
N PHE B 645 -7.60 6.37 24.47
CA PHE B 645 -8.23 5.26 23.70
C PHE B 645 -9.39 4.64 24.46
N VAL B 646 -9.20 4.39 25.70
CA VAL B 646 -10.24 3.73 26.52
C VAL B 646 -11.52 4.59 26.53
N ASN B 647 -11.35 5.93 26.76
CA ASN B 647 -12.51 6.79 26.75
C ASN B 647 -13.08 7.04 25.35
N LEU B 648 -12.22 7.20 24.33
CA LEU B 648 -12.73 7.44 23.00
C LEU B 648 -13.64 6.26 22.58
N LEU B 649 -13.25 5.04 22.92
CA LEU B 649 -13.97 3.90 22.47
C LEU B 649 -15.17 3.45 23.34
N ASP B 650 -15.44 4.21 24.38
CA ASP B 650 -16.52 3.87 25.32
C ASP B 650 -17.88 4.18 24.64
N MET B 651 -18.65 3.10 24.42
CA MET B 651 -19.92 3.27 23.73
C MET B 651 -20.97 3.92 24.67
N GLY B 652 -20.63 4.07 25.92
CA GLY B 652 -21.49 4.86 26.82
C GLY B 652 -21.62 6.34 26.45
N THR B 653 -20.81 6.83 25.53
CA THR B 653 -20.83 8.22 25.08
C THR B 653 -21.28 8.31 23.69
N GLU B 654 -22.22 9.21 23.41
CA GLU B 654 -22.72 9.53 22.12
C GLU B 654 -22.09 10.87 21.63
N TRP B 655 -21.78 11.01 20.34
CA TRP B 655 -21.17 12.19 19.87
C TRP B 655 -22.04 12.89 18.87
N LYS B 656 -22.06 14.24 18.90
CA LYS B 656 -22.74 15.06 17.92
C LYS B 656 -21.99 16.35 17.63
N PRO B 657 -22.05 16.83 16.39
CA PRO B 657 -21.40 18.11 16.08
C PRO B 657 -22.09 19.23 16.83
N THR B 658 -21.38 20.29 17.20
CA THR B 658 -22.02 21.45 17.89
C THR B 658 -22.65 22.32 16.84
N ALA B 659 -23.69 22.99 17.31
CA ALA B 659 -24.46 24.09 16.59
C ALA B 659 -23.53 25.23 16.17
N ALA B 660 -22.71 25.71 17.11
CA ALA B 660 -21.70 26.80 16.85
C ALA B 660 -20.68 26.43 15.75
N ASP B 661 -20.22 25.13 15.74
CA ASP B 661 -19.14 24.74 14.88
C ASP B 661 -19.28 23.18 14.53
N ALA B 662 -19.57 22.89 13.28
CA ALA B 662 -19.73 21.54 12.71
C ALA B 662 -18.42 20.66 12.86
N ASP B 663 -17.29 21.30 13.16
CA ASP B 663 -15.97 20.67 13.30
C ASP B 663 -15.57 20.39 14.76
N VAL B 664 -16.42 20.75 15.72
CA VAL B 664 -16.25 20.42 17.07
C VAL B 664 -17.44 19.54 17.49
N PHE B 665 -17.14 18.53 18.31
CA PHE B 665 -18.09 17.54 18.68
C PHE B 665 -18.20 17.44 20.13
N GLU B 666 -19.44 17.21 20.62
CA GLU B 666 -19.67 16.99 22.02
C GLU B 666 -20.01 15.51 22.30
N GLY B 667 -19.42 14.95 23.28
CA GLY B 667 -19.64 13.52 23.69
C GLY B 667 -20.42 13.57 25.02
N ARG B 668 -21.64 13.09 24.94
CA ARG B 668 -22.52 13.05 26.14
C ARG B 668 -22.84 11.67 26.57
N ASP B 669 -22.99 11.48 27.84
CA ASP B 669 -23.49 10.22 28.36
C ASP B 669 -24.84 9.83 27.72
N ARG B 670 -24.88 8.62 27.18
CA ARG B 670 -26.04 8.13 26.43
C ARG B 670 -27.34 8.03 27.31
N ALA B 671 -27.15 7.72 28.56
CA ALA B 671 -28.29 7.43 29.48
C ALA B 671 -28.72 8.76 30.09
N THR B 672 -27.82 9.67 30.44
CA THR B 672 -28.24 10.98 31.10
C THR B 672 -28.20 12.19 30.29
N GLY B 673 -27.48 12.26 29.19
CA GLY B 673 -27.39 13.44 28.43
C GLY B 673 -26.25 14.39 28.88
N GLU B 674 -25.60 14.01 29.93
CA GLU B 674 -24.64 14.87 30.53
C GLU B 674 -23.32 14.97 29.59
N LEU B 675 -22.86 16.17 29.38
CA LEU B 675 -21.58 16.37 28.68
C LEU B 675 -20.41 15.79 29.37
N LYS B 676 -19.68 14.86 28.66
CA LYS B 676 -18.45 14.34 29.22
C LYS B 676 -17.15 14.88 28.59
N TRP B 677 -17.17 15.09 27.28
CA TRP B 677 -15.92 15.52 26.55
C TRP B 677 -16.25 16.32 25.36
N THR B 678 -15.29 17.01 24.73
CA THR B 678 -15.40 17.64 23.48
C THR B 678 -14.19 17.15 22.67
N GLY B 679 -14.35 17.13 21.35
CA GLY B 679 -13.28 16.76 20.45
C GLY B 679 -13.47 17.34 19.11
N THR B 680 -12.38 17.35 18.32
CA THR B 680 -12.33 17.75 16.96
C THR B 680 -12.41 16.59 16.02
N ARG B 681 -12.43 16.88 14.75
CA ARG B 681 -12.36 15.80 13.72
C ARG B 681 -11.12 14.96 13.91
N VAL B 682 -9.98 15.60 14.23
CA VAL B 682 -8.73 14.82 14.40
C VAL B 682 -8.87 13.88 15.58
N ASP B 683 -9.51 14.26 16.67
CA ASP B 683 -9.72 13.35 17.73
C ASP B 683 -10.65 12.19 17.37
N LEU B 684 -11.76 12.54 16.77
CA LEU B 684 -12.77 11.50 16.53
C LEU B 684 -12.52 10.60 15.39
N VAL B 685 -11.61 10.97 14.47
CA VAL B 685 -11.37 10.07 13.32
C VAL B 685 -10.88 8.74 13.85
N PHE B 686 -10.20 8.68 15.01
CA PHE B 686 -9.70 7.47 15.61
C PHE B 686 -10.81 6.51 16.06
N GLY B 687 -12.05 7.04 16.26
CA GLY B 687 -13.19 6.23 16.56
C GLY B 687 -14.11 6.00 15.38
N SER B 688 -13.76 6.52 14.23
CA SER B 688 -14.62 6.45 13.05
C SER B 688 -14.00 5.65 11.93
N HIS B 689 -12.80 6.01 11.47
CA HIS B 689 -12.12 5.37 10.35
C HIS B 689 -11.95 3.87 10.78
N SER B 690 -12.30 2.94 9.91
CA SER B 690 -12.33 1.54 10.34
C SER B 690 -10.93 0.97 10.58
N GLN B 691 -9.91 1.46 9.88
CA GLN B 691 -8.52 1.02 10.16
CA GLN B 691 -8.50 1.03 10.13
C GLN B 691 -7.96 1.71 11.39
N LEU B 692 -8.14 3.04 11.49
CA LEU B 692 -7.71 3.71 12.69
C LEU B 692 -8.35 3.21 13.97
N ARG B 693 -9.62 2.90 13.91
CA ARG B 693 -10.29 2.45 15.10
C ARG B 693 -9.81 1.06 15.48
N ALA B 694 -9.39 0.25 14.54
CA ALA B 694 -8.79 -1.07 14.87
C ALA B 694 -7.44 -0.89 15.64
N LEU B 695 -6.72 0.17 15.29
CA LEU B 695 -5.46 0.49 16.01
C LEU B 695 -5.83 1.00 17.39
N ALA B 696 -6.75 1.95 17.50
CA ALA B 696 -7.14 2.44 18.81
C ALA B 696 -7.59 1.35 19.80
N GLU B 697 -8.32 0.33 19.24
CA GLU B 697 -8.74 -0.82 20.02
C GLU B 697 -7.60 -1.53 20.69
N VAL B 698 -6.50 -1.74 19.95
CA VAL B 698 -5.36 -2.40 20.57
C VAL B 698 -4.86 -1.63 21.79
N TYR B 699 -4.71 -0.34 21.64
CA TYR B 699 -4.17 0.45 22.73
C TYR B 699 -5.17 0.74 23.79
N GLY B 700 -6.48 0.60 23.51
CA GLY B 700 -7.52 0.78 24.53
C GLY B 700 -8.01 -0.51 25.19
N SER B 701 -7.27 -1.60 25.00
CA SER B 701 -7.59 -2.89 25.60
C SER B 701 -7.04 -2.96 27.01
N ALA B 702 -7.58 -3.84 27.80
CA ALA B 702 -7.18 -3.98 29.22
C ALA B 702 -5.78 -4.45 29.43
N ASP B 703 -5.20 -5.11 28.49
CA ASP B 703 -3.87 -5.66 28.52
C ASP B 703 -2.79 -4.68 27.96
N ALA B 704 -3.15 -3.44 27.64
CA ALA B 704 -2.35 -2.66 26.77
C ALA B 704 -1.61 -1.50 27.46
N GLN B 705 -1.77 -1.34 28.77
CA GLN B 705 -1.15 -0.12 29.33
C GLN B 705 0.38 -0.08 29.16
N GLU B 706 1.07 -1.18 29.44
CA GLU B 706 2.51 -1.20 29.35
C GLU B 706 2.94 -1.10 27.84
N LYS B 707 2.22 -1.75 26.99
CA LYS B 707 2.42 -1.63 25.55
C LYS B 707 2.26 -0.19 25.03
N PHE B 708 1.23 0.50 25.50
CA PHE B 708 1.00 1.86 25.14
C PHE B 708 2.23 2.72 25.57
N VAL B 709 2.62 2.59 26.84
CA VAL B 709 3.73 3.40 27.39
C VAL B 709 4.98 3.11 26.55
N ARG B 710 5.32 1.87 26.31
CA ARG B 710 6.55 1.52 25.61
C ARG B 710 6.54 1.98 24.20
N ASP B 711 5.42 1.79 23.50
CA ASP B 711 5.30 2.27 22.20
C ASP B 711 5.38 3.80 22.04
N PHE B 712 4.84 4.49 23.05
CA PHE B 712 4.81 5.91 23.04
C PHE B 712 6.27 6.35 23.18
N VAL B 713 6.99 5.78 24.14
CA VAL B 713 8.39 6.14 24.31
C VAL B 713 9.17 5.95 23.00
N ALA B 714 8.94 4.82 22.33
CA ALA B 714 9.66 4.56 21.12
C ALA B 714 9.39 5.61 20.05
N VAL B 715 8.12 5.96 19.82
CA VAL B 715 7.77 6.94 18.83
C VAL B 715 8.26 8.35 19.20
N TRP B 716 8.18 8.69 20.48
CA TRP B 716 8.70 9.99 20.95
C TRP B 716 10.19 10.10 20.63
N ASN B 717 10.94 9.07 20.95
CA ASN B 717 12.38 9.00 20.70
C ASN B 717 12.62 9.13 19.15
N LYS B 718 11.85 8.41 18.36
CA LYS B 718 11.95 8.51 16.96
C LYS B 718 11.86 9.99 16.47
N VAL B 719 10.82 10.68 16.93
CA VAL B 719 10.59 12.05 16.53
C VAL B 719 11.78 12.94 16.98
N MET B 720 12.23 12.75 18.19
CA MET B 720 13.33 13.54 18.67
C MET B 720 14.59 13.34 17.87
N ASN B 721 14.78 12.23 17.18
CA ASN B 721 16.00 11.96 16.43
C ASN B 721 15.84 12.06 14.91
N LEU B 722 14.74 12.60 14.39
CA LEU B 722 14.48 12.51 12.94
C LEU B 722 15.57 13.19 12.13
N ASP B 723 16.16 14.30 12.63
CA ASP B 723 17.12 15.03 11.90
C ASP B 723 18.55 14.62 12.24
N ARG B 724 18.75 13.50 12.96
CA ARG B 724 20.07 13.17 13.53
C ARG B 724 20.95 12.42 12.51
N PHE B 725 21.18 13.03 11.38
CA PHE B 725 21.99 12.35 10.36
C PHE B 725 23.49 12.33 10.77
N ASP B 726 23.88 13.12 11.75
CA ASP B 726 25.23 12.97 12.42
C ASP B 726 25.38 11.66 13.11
N LEU B 727 24.32 10.93 13.42
CA LEU B 727 24.43 9.65 14.10
C LEU B 727 24.18 8.45 13.15
N ALA B 728 23.69 8.72 11.92
CA ALA B 728 23.28 7.75 10.90
C ALA B 728 24.43 6.80 10.54
#